data_4O6R
#
_entry.id   4O6R
#
_cell.length_a   112.130
_cell.length_b   125.610
_cell.length_c   150.850
_cell.angle_alpha   90.00
_cell.angle_beta   90.00
_cell.angle_gamma   90.00
#
_symmetry.space_group_name_H-M   'P 21 21 21'
#
loop_
_entity.id
_entity.type
_entity.pdbx_description
1 polymer 'Aldehyde Dehydrogenase'
2 non-polymer 'ADENOSINE MONOPHOSPHATE'
3 non-polymer 'NITRATE ION'
4 non-polymer 1,2-ETHANEDIOL
5 non-polymer GLYCEROL
6 water water
#
_entity_poly.entity_id   1
_entity_poly.type   'polypeptide(L)'
_entity_poly.pdbx_seq_one_letter_code
;MAHHHHHHMQTQLFIDGRFVDAVDRGTIDVLNPHDGSVITKIAAATAADVDLAVDAATRAFPAWSAMPAAERGRLLLRLA
DAIEANTEALAQLESLDTGHPIRDSRALDVPRTAACFRYFGGMADKLQGSVIPVDTGFLNYVQRAPIGVVGQIVPWNFPL
MFTSWKMGPALAAGNTVVLKPSEITPLSTLRIVELMAEVGFPAGVVNIVPGYGHTAGQRLAEHPGVGKIAFTGSTATGRR
IVEASQGNLKRVQLELGGKGANIVFDDANLDAAINGAAWAIFHNQGQACIAGSRLVLHERIADAFLERFVALASSIRIGN
PLDPNTEMGPLTSKQHLDRVLSYVDVAREQGGRVLTGGSAPQDPALANGYYVRPTIVEAKHATDRVAQEEVFGPFVTVLR
FGSDDEALAIANATEYGLGSGLWTNDLSRAHRMAARIDAGMCWINCYKRVNPGSPFGGVGKSGYGREMGFEAMHDYTEAR
SVWVNVDGNVPPHFKR
;
_entity_poly.pdbx_strand_id   A,B,C,D
#
loop_
_chem_comp.id
_chem_comp.type
_chem_comp.name
_chem_comp.formula
AMP non-polymer 'ADENOSINE MONOPHOSPHATE' 'C10 H14 N5 O7 P'
EDO non-polymer 1,2-ETHANEDIOL 'C2 H6 O2'
GOL non-polymer GLYCEROL 'C3 H8 O3'
NO3 non-polymer 'NITRATE ION' 'N O3 -1'
#
# COMPACT_ATOMS: atom_id res chain seq x y z
N HIS A 8 -2.74 1.58 45.84
CA HIS A 8 -4.08 2.22 45.98
C HIS A 8 -4.93 2.01 44.72
N MET A 9 -6.02 1.29 44.85
CA MET A 9 -6.93 1.04 43.73
C MET A 9 -7.64 2.34 43.35
N GLN A 10 -7.46 2.82 42.12
CA GLN A 10 -8.15 4.05 41.69
C GLN A 10 -9.58 3.74 41.35
N THR A 11 -10.49 4.63 41.72
CA THR A 11 -11.91 4.41 41.53
C THR A 11 -12.64 5.62 40.94
N GLN A 12 -11.94 6.71 40.72
CA GLN A 12 -12.57 7.92 40.23
C GLN A 12 -12.51 8.04 38.68
N LEU A 13 -13.23 9.01 38.13
CA LEU A 13 -13.12 9.38 36.72
C LEU A 13 -11.74 9.91 36.49
N PHE A 14 -11.25 9.78 35.26
CA PHE A 14 -9.95 10.36 34.92
C PHE A 14 -10.20 11.34 33.82
N ILE A 15 -10.00 12.63 34.14
CA ILE A 15 -10.34 13.70 33.24
C ILE A 15 -9.23 14.73 33.31
N ASP A 16 -8.74 15.11 32.12
CA ASP A 16 -7.74 16.13 31.99
C ASP A 16 -6.55 15.83 32.92
N GLY A 17 -6.10 14.58 32.92
CA GLY A 17 -4.85 14.23 33.59
C GLY A 17 -4.97 13.99 35.08
N ARG A 18 -6.19 14.04 35.62
CA ARG A 18 -6.41 13.97 37.05
C ARG A 18 -7.56 12.99 37.37
N PHE A 19 -7.43 12.27 38.50
CA PHE A 19 -8.53 11.47 39.00
C PHE A 19 -9.49 12.35 39.78
N VAL A 20 -10.76 12.37 39.39
CA VAL A 20 -11.76 13.28 39.94
C VAL A 20 -13.08 12.59 40.21
N ASP A 21 -13.81 13.06 41.24
CA ASP A 21 -15.17 12.60 41.47
C ASP A 21 -16.09 13.09 40.34
N ALA A 22 -17.24 12.44 40.19
CA ALA A 22 -18.28 12.92 39.26
C ALA A 22 -18.88 14.25 39.74
N VAL A 23 -19.25 15.11 38.80
CA VAL A 23 -19.93 16.38 39.08
C VAL A 23 -21.10 16.24 40.07
N ASP A 24 -21.99 15.26 39.86
CA ASP A 24 -23.14 15.02 40.75
C ASP A 24 -22.79 14.17 42.00
N ARG A 25 -21.54 13.73 42.07
CA ARG A 25 -21.02 12.98 43.22
C ARG A 25 -21.65 11.57 43.33
N GLY A 26 -22.22 11.09 42.23
CA GLY A 26 -22.80 9.75 42.19
C GLY A 26 -21.73 8.66 42.17
N THR A 27 -22.13 7.49 42.65
CA THR A 27 -21.29 6.31 42.58
C THR A 27 -22.05 5.09 42.10
N ILE A 28 -21.27 4.09 41.72
CA ILE A 28 -21.76 2.78 41.32
C ILE A 28 -20.99 1.70 42.08
N ASP A 29 -21.72 0.68 42.58
CA ASP A 29 -21.07 -0.43 43.29
C ASP A 29 -20.49 -1.42 42.27
N VAL A 30 -19.23 -1.82 42.47
CA VAL A 30 -18.56 -2.78 41.60
C VAL A 30 -18.49 -4.07 42.36
N LEU A 31 -19.03 -5.12 41.77
CA LEU A 31 -19.18 -6.40 42.44
C LEU A 31 -18.13 -7.42 41.99
N ASN A 32 -17.77 -8.29 42.93
CA ASN A 32 -16.97 -9.45 42.67
C ASN A 32 -17.90 -10.59 42.29
N PRO A 33 -17.83 -11.08 41.04
CA PRO A 33 -18.72 -12.17 40.61
C PRO A 33 -18.48 -13.54 41.26
N HIS A 34 -17.38 -13.72 41.99
CA HIS A 34 -17.20 -14.96 42.76
C HIS A 34 -18.18 -15.10 43.93
N ASP A 35 -18.50 -13.96 44.54
CA ASP A 35 -19.35 -13.98 45.74
C ASP A 35 -20.36 -12.86 45.90
N GLY A 36 -20.52 -12.01 44.89
CA GLY A 36 -21.49 -10.92 44.94
C GLY A 36 -21.10 -9.79 45.87
N SER A 37 -19.87 -9.80 46.37
CA SER A 37 -19.46 -8.81 47.37
C SER A 37 -19.07 -7.53 46.64
N VAL A 38 -19.11 -6.42 47.38
CA VAL A 38 -18.74 -5.13 46.84
C VAL A 38 -17.23 -4.96 46.93
N ILE A 39 -16.58 -4.84 45.79
CA ILE A 39 -15.15 -4.57 45.76
C ILE A 39 -14.94 -3.12 46.20
N THR A 40 -15.66 -2.21 45.59
CA THR A 40 -15.51 -0.80 45.85
C THR A 40 -16.66 -0.08 45.19
N LYS A 41 -16.78 1.21 45.50
CA LYS A 41 -17.64 2.10 44.74
C LYS A 41 -16.75 2.87 43.76
N ILE A 42 -17.25 3.12 42.55
CA ILE A 42 -16.55 4.00 41.62
C ILE A 42 -17.36 5.29 41.40
N ALA A 43 -16.69 6.35 41.00
CA ALA A 43 -17.38 7.54 40.56
C ALA A 43 -18.25 7.21 39.31
N ALA A 44 -19.47 7.75 39.29
CA ALA A 44 -20.45 7.47 38.22
C ALA A 44 -20.63 8.69 37.30
N ALA A 45 -19.99 8.64 36.13
CA ALA A 45 -20.08 9.75 35.18
C ALA A 45 -21.47 9.92 34.63
N THR A 46 -21.90 11.16 34.53
CA THR A 46 -23.13 11.53 33.82
C THR A 46 -22.75 12.50 32.72
N ALA A 47 -23.75 13.08 32.07
CA ALA A 47 -23.54 13.94 30.90
C ALA A 47 -22.57 15.08 31.17
N ALA A 48 -22.69 15.72 32.32
CA ALA A 48 -21.80 16.84 32.67
C ALA A 48 -20.33 16.39 32.70
N ASP A 49 -20.08 15.16 33.11
CA ASP A 49 -18.71 14.64 33.18
C ASP A 49 -18.20 14.31 31.79
N VAL A 50 -19.06 13.71 30.98
CA VAL A 50 -18.71 13.52 29.59
C VAL A 50 -18.35 14.86 28.92
N ASP A 51 -19.12 15.90 29.22
CA ASP A 51 -18.78 17.23 28.70
C ASP A 51 -17.39 17.71 29.12
N LEU A 52 -17.05 17.54 30.40
CA LEU A 52 -15.72 17.89 30.89
C LEU A 52 -14.64 17.08 30.19
N ALA A 53 -14.89 15.79 29.96
CA ALA A 53 -13.93 14.93 29.30
C ALA A 53 -13.71 15.31 27.85
N VAL A 54 -14.80 15.59 27.13
CA VAL A 54 -14.69 16.01 25.75
C VAL A 54 -14.00 17.39 25.67
N ASP A 55 -14.34 18.30 26.56
CA ASP A 55 -13.61 19.58 26.63
C ASP A 55 -12.10 19.38 26.79
N ALA A 56 -11.71 18.52 27.71
CA ALA A 56 -10.28 18.24 27.94
C ALA A 56 -9.60 17.66 26.71
N ALA A 57 -10.25 16.67 26.09
CA ALA A 57 -9.75 16.08 24.86
C ALA A 57 -9.67 17.09 23.72
N THR A 58 -10.63 18.01 23.64
CA THR A 58 -10.61 19.03 22.61
C THR A 58 -9.40 19.97 22.79
N ARG A 59 -9.21 20.44 24.03
CA ARG A 59 -8.04 21.28 24.32
C ARG A 59 -6.71 20.59 24.00
N ALA A 60 -6.64 19.29 24.27
CA ALA A 60 -5.40 18.52 24.12
C ALA A 60 -5.09 18.13 22.66
N PHE A 61 -6.10 18.11 21.81
CA PHE A 61 -5.97 17.60 20.46
C PHE A 61 -4.92 18.31 19.60
N PRO A 62 -4.93 19.66 19.56
CA PRO A 62 -3.95 20.31 18.69
C PRO A 62 -2.50 19.89 18.97
N ALA A 63 -2.07 19.91 20.22
CA ALA A 63 -0.71 19.49 20.58
C ALA A 63 -0.46 17.99 20.44
N TRP A 64 -1.50 17.17 20.64
CA TRP A 64 -1.35 15.74 20.46
C TRP A 64 -1.23 15.35 18.98
N SER A 65 -2.09 15.91 18.15
CA SER A 65 -2.00 15.65 16.73
C SER A 65 -0.72 16.27 16.15
N ALA A 66 -0.22 17.37 16.73
CA ALA A 66 1.01 18.01 16.20
C ALA A 66 2.29 17.30 16.61
N MET A 67 2.24 16.53 17.67
CA MET A 67 3.38 15.73 18.11
C MET A 67 3.78 14.81 16.97
N PRO A 68 5.11 14.66 16.72
CA PRO A 68 5.55 13.73 15.71
C PRO A 68 4.96 12.35 15.99
N ALA A 69 4.62 11.64 14.94
CA ALA A 69 4.02 10.31 15.04
C ALA A 69 4.90 9.39 15.88
N ALA A 70 6.20 9.44 15.66
CA ALA A 70 7.13 8.60 16.41
C ALA A 70 7.06 8.85 17.91
N GLU A 71 6.78 10.10 18.30
N GLU A 71 6.79 10.08 18.33
CA GLU A 71 6.69 10.45 19.73
CA GLU A 71 6.71 10.37 19.78
C GLU A 71 5.42 9.91 20.37
C GLU A 71 5.41 9.90 20.39
N ARG A 72 4.30 9.98 19.65
CA ARG A 72 3.07 9.30 20.09
C ARG A 72 3.35 7.79 20.20
N GLY A 73 4.01 7.27 19.19
CA GLY A 73 4.42 5.86 19.17
C GLY A 73 5.22 5.47 20.41
N ARG A 74 6.22 6.28 20.73
CA ARG A 74 7.10 6.01 21.88
C ARG A 74 6.30 5.88 23.20
N LEU A 75 5.27 6.71 23.34
CA LEU A 75 4.43 6.66 24.52
C LEU A 75 3.66 5.33 24.62
N LEU A 76 3.11 4.87 23.50
CA LEU A 76 2.45 3.60 23.46
C LEU A 76 3.43 2.45 23.74
N LEU A 77 4.66 2.54 23.20
CA LEU A 77 5.68 1.55 23.47
C LEU A 77 5.99 1.48 24.97
N ARG A 78 6.19 2.63 25.59
CA ARG A 78 6.40 2.68 27.03
C ARG A 78 5.23 2.10 27.81
N LEU A 79 4.00 2.40 27.38
CA LEU A 79 2.80 1.86 28.03
C LEU A 79 2.82 0.33 28.03
N ALA A 80 3.15 -0.25 26.88
CA ALA A 80 3.21 -1.70 26.74
C ALA A 80 4.19 -2.29 27.73
N ASP A 81 5.34 -1.65 27.86
CA ASP A 81 6.33 -2.14 28.82
C ASP A 81 5.82 -2.03 30.24
N ALA A 82 5.19 -0.92 30.56
CA ALA A 82 4.66 -0.70 31.93
C ALA A 82 3.58 -1.74 32.30
N ILE A 83 2.73 -2.06 31.33
CA ILE A 83 1.74 -3.11 31.53
C ILE A 83 2.42 -4.43 31.87
N GLU A 84 3.42 -4.80 31.07
CA GLU A 84 4.15 -6.03 31.34
C GLU A 84 4.84 -6.00 32.70
N ALA A 85 5.43 -4.86 33.08
CA ALA A 85 6.05 -4.71 34.40
C ALA A 85 5.04 -4.86 35.54
N ASN A 86 3.77 -4.64 35.25
CA ASN A 86 2.69 -4.75 36.21
C ASN A 86 1.78 -5.94 35.97
N THR A 87 2.30 -6.98 35.32
CA THR A 87 1.48 -8.13 34.89
C THR A 87 0.67 -8.70 36.03
N GLU A 88 1.32 -9.08 37.13
CA GLU A 88 0.62 -9.78 38.19
C GLU A 88 -0.48 -8.92 38.85
N ALA A 89 -0.18 -7.65 39.17
CA ALA A 89 -1.18 -6.80 39.76
C ALA A 89 -2.35 -6.50 38.80
N LEU A 90 -2.09 -6.32 37.50
CA LEU A 90 -3.14 -6.12 36.53
C LEU A 90 -4.01 -7.38 36.39
N ALA A 91 -3.35 -8.53 36.36
CA ALA A 91 -4.04 -9.79 36.24
C ALA A 91 -4.95 -10.03 37.46
N GLN A 92 -4.41 -9.81 38.65
CA GLN A 92 -5.20 -9.92 39.86
C GLN A 92 -6.41 -9.01 39.83
N LEU A 93 -6.23 -7.76 39.43
CA LEU A 93 -7.33 -6.77 39.44
C LEU A 93 -8.41 -7.16 38.42
N GLU A 94 -7.96 -7.52 37.22
CA GLU A 94 -8.88 -7.98 36.17
C GLU A 94 -9.69 -9.19 36.61
N SER A 95 -9.03 -10.21 37.18
CA SER A 95 -9.72 -11.40 37.70
C SER A 95 -10.72 -11.08 38.82
N LEU A 96 -10.37 -10.17 39.71
CA LEU A 96 -11.24 -9.81 40.81
C LEU A 96 -12.56 -9.22 40.31
N ASP A 97 -12.45 -8.37 39.30
CA ASP A 97 -13.54 -7.57 38.76
C ASP A 97 -14.39 -8.36 37.76
N THR A 98 -13.77 -9.17 36.93
CA THR A 98 -14.45 -9.82 35.82
C THR A 98 -14.85 -11.26 36.08
N GLY A 99 -14.16 -11.93 36.99
CA GLY A 99 -14.31 -13.36 37.17
C GLY A 99 -13.42 -14.22 36.28
N HIS A 100 -12.63 -13.65 35.39
CA HIS A 100 -11.74 -14.45 34.56
C HIS A 100 -10.80 -15.20 35.47
N PRO A 101 -10.58 -16.51 35.23
CA PRO A 101 -9.55 -17.22 36.00
C PRO A 101 -8.20 -16.47 35.95
N ILE A 102 -7.52 -16.40 37.08
CA ILE A 102 -6.21 -15.77 37.16
C ILE A 102 -5.24 -16.34 36.14
N ARG A 103 -5.35 -17.63 35.84
CA ARG A 103 -4.48 -18.17 34.82
C ARG A 103 -4.70 -17.50 33.44
N ASP A 104 -5.94 -17.12 33.14
CA ASP A 104 -6.32 -16.47 31.86
C ASP A 104 -5.93 -14.99 31.85
N SER A 105 -6.12 -14.30 32.98
CA SER A 105 -5.73 -12.91 33.01
C SER A 105 -4.20 -12.80 32.94
N ARG A 106 -3.47 -13.74 33.52
CA ARG A 106 -2.01 -13.78 33.38
C ARG A 106 -1.54 -14.15 31.96
N ALA A 107 -2.12 -15.19 31.35
CA ALA A 107 -1.59 -15.74 30.09
C ALA A 107 -2.18 -15.07 28.86
N LEU A 108 -3.35 -14.46 29.02
CA LEU A 108 -4.09 -13.95 27.89
C LEU A 108 -4.42 -12.46 28.03
N ASP A 109 -5.21 -12.08 29.04
CA ASP A 109 -5.66 -10.68 29.16
C ASP A 109 -4.49 -9.67 29.16
N VAL A 110 -3.54 -9.85 30.08
CA VAL A 110 -2.46 -8.88 30.16
C VAL A 110 -1.53 -8.90 28.91
N PRO A 111 -1.01 -10.08 28.50
CA PRO A 111 -0.14 -10.14 27.32
C PRO A 111 -0.78 -9.60 26.04
N ARG A 112 -2.06 -9.88 25.82
CA ARG A 112 -2.73 -9.42 24.59
C ARG A 112 -2.84 -7.92 24.59
N THR A 113 -3.11 -7.35 25.77
CA THR A 113 -3.22 -5.90 25.94
C THR A 113 -1.88 -5.25 25.68
N ALA A 114 -0.82 -5.75 26.31
CA ALA A 114 0.53 -5.24 26.04
C ALA A 114 0.93 -5.34 24.55
N ALA A 115 0.66 -6.49 23.96
CA ALA A 115 1.01 -6.74 22.57
C ALA A 115 0.31 -5.77 21.63
N CYS A 116 -0.94 -5.47 21.91
CA CYS A 116 -1.70 -4.55 21.06
C CYS A 116 -1.21 -3.11 21.19
N PHE A 117 -0.97 -2.64 22.42
CA PHE A 117 -0.40 -1.32 22.57
C PHE A 117 0.99 -1.28 21.90
N ARG A 118 1.79 -2.35 22.03
CA ARG A 118 3.11 -2.33 21.43
C ARG A 118 3.01 -2.27 19.90
N TYR A 119 2.11 -3.07 19.32
CA TYR A 119 1.88 -3.04 17.86
C TYR A 119 1.59 -1.59 17.41
N PHE A 120 0.62 -0.95 18.07
CA PHE A 120 0.24 0.40 17.71
C PHE A 120 1.28 1.46 18.00
N GLY A 121 2.09 1.27 19.03
CA GLY A 121 3.21 2.15 19.25
C GLY A 121 4.18 2.12 18.09
N GLY A 122 4.37 0.94 17.50
CA GLY A 122 5.22 0.80 16.32
C GLY A 122 4.50 1.25 15.06
N MET A 123 3.18 1.16 15.04
CA MET A 123 2.39 1.60 13.88
C MET A 123 2.32 3.11 13.69
N ALA A 124 2.47 3.87 14.76
CA ALA A 124 2.11 5.28 14.72
C ALA A 124 2.75 6.02 13.56
N ASP A 125 4.05 5.82 13.36
CA ASP A 125 4.77 6.51 12.28
C ASP A 125 4.93 5.64 11.04
N LYS A 126 4.13 4.59 10.92
CA LYS A 126 4.17 3.78 9.70
C LYS A 126 2.99 4.05 8.78
N LEU A 127 1.97 4.75 9.27
CA LEU A 127 0.84 5.11 8.43
C LEU A 127 1.30 6.27 7.56
N GLN A 128 1.17 6.13 6.27
CA GLN A 128 1.70 7.09 5.31
C GLN A 128 0.59 7.60 4.41
N GLY A 129 0.74 8.83 3.91
CA GLY A 129 -0.18 9.40 2.94
C GLY A 129 0.16 8.99 1.54
N SER A 130 -0.43 9.67 0.56
CA SER A 130 -0.27 9.32 -0.84
C SER A 130 -0.05 10.55 -1.73
N VAL A 131 0.51 10.31 -2.92
CA VAL A 131 0.64 11.33 -3.96
C VAL A 131 -0.04 10.78 -5.20
N ILE A 132 -0.99 11.53 -5.74
CA ILE A 132 -1.89 11.03 -6.74
C ILE A 132 -1.44 11.52 -8.10
N PRO A 133 -1.40 10.62 -9.11
CA PRO A 133 -1.00 11.09 -10.41
C PRO A 133 -2.14 11.84 -11.06
N VAL A 134 -1.98 13.13 -11.27
CA VAL A 134 -3.08 13.95 -11.81
C VAL A 134 -2.62 14.76 -13.02
N ASP A 135 -3.39 15.76 -13.41
CA ASP A 135 -3.02 16.54 -14.60
C ASP A 135 -1.62 17.11 -14.51
N THR A 136 -1.02 17.27 -15.68
CA THR A 136 0.31 17.92 -15.78
C THR A 136 0.34 19.28 -15.11
N GLY A 137 1.36 19.47 -14.27
CA GLY A 137 1.58 20.76 -13.65
C GLY A 137 0.93 20.91 -12.29
N PHE A 138 0.20 19.88 -11.86
CA PHE A 138 -0.40 19.86 -10.53
C PHE A 138 0.27 18.82 -9.62
N LEU A 139 0.46 19.18 -8.36
CA LEU A 139 0.88 18.26 -7.34
C LEU A 139 -0.31 18.00 -6.42
N ASN A 140 -0.62 16.72 -6.18
CA ASN A 140 -1.74 16.37 -5.30
C ASN A 140 -1.29 15.36 -4.27
N TYR A 141 -1.11 15.82 -3.03
CA TYR A 141 -0.75 14.92 -1.94
C TYR A 141 -1.93 14.78 -0.99
N VAL A 142 -2.05 13.61 -0.41
CA VAL A 142 -3.13 13.29 0.50
C VAL A 142 -2.53 12.81 1.81
N GLN A 143 -2.90 13.47 2.90
CA GLN A 143 -2.50 13.06 4.24
C GLN A 143 -3.59 12.22 4.89
N ARG A 144 -3.19 11.32 5.79
CA ARG A 144 -4.12 10.67 6.70
C ARG A 144 -4.11 11.42 8.03
N ALA A 145 -5.04 12.35 8.20
CA ALA A 145 -5.07 13.18 9.41
C ALA A 145 -5.98 12.52 10.46
N PRO A 146 -5.73 12.77 11.75
CA PRO A 146 -6.64 12.27 12.76
C PRO A 146 -8.02 12.92 12.64
N ILE A 147 -9.00 12.28 13.22
CA ILE A 147 -10.37 12.78 13.18
C ILE A 147 -10.57 13.91 14.18
N GLY A 148 -10.04 13.74 15.38
CA GLY A 148 -10.16 14.72 16.43
C GLY A 148 -10.36 14.03 17.76
N VAL A 149 -11.47 14.36 18.42
CA VAL A 149 -11.85 13.68 19.67
C VAL A 149 -12.72 12.48 19.31
N VAL A 150 -12.33 11.32 19.78
CA VAL A 150 -13.08 10.11 19.50
C VAL A 150 -13.65 9.53 20.79
N GLY A 151 -14.88 9.06 20.69
CA GLY A 151 -15.58 8.49 21.82
C GLY A 151 -15.60 6.99 21.66
N GLN A 152 -15.40 6.26 22.75
CA GLN A 152 -15.32 4.80 22.72
C GLN A 152 -16.10 4.21 23.86
N ILE A 153 -16.98 3.28 23.53
CA ILE A 153 -17.83 2.60 24.52
C ILE A 153 -17.54 1.12 24.43
N VAL A 154 -17.26 0.53 25.60
N VAL A 154 -17.11 0.50 25.51
CA VAL A 154 -16.61 -0.78 25.75
CA VAL A 154 -16.81 -0.93 25.44
C VAL A 154 -17.42 -1.68 26.73
C VAL A 154 -17.44 -1.67 26.59
N PRO A 155 -17.70 -2.97 26.38
CA PRO A 155 -18.41 -3.79 27.32
C PRO A 155 -17.49 -4.47 28.35
N TRP A 156 -18.06 -5.41 29.11
CA TRP A 156 -17.43 -5.93 30.31
C TRP A 156 -16.72 -7.26 30.14
N ASN A 157 -16.67 -7.81 28.91
CA ASN A 157 -16.15 -9.18 28.78
C ASN A 157 -14.61 -9.30 28.66
N PHE A 158 -13.95 -8.30 28.07
CA PHE A 158 -12.48 -8.25 28.00
C PHE A 158 -12.08 -6.80 28.26
N PRO A 159 -12.40 -6.28 29.44
CA PRO A 159 -12.21 -4.85 29.64
C PRO A 159 -10.76 -4.40 29.50
N LEU A 160 -9.82 -5.17 30.06
CA LEU A 160 -8.42 -4.77 29.94
C LEU A 160 -7.98 -4.81 28.49
N MET A 161 -8.27 -5.90 27.80
CA MET A 161 -7.85 -6.04 26.41
CA MET A 161 -7.86 -6.06 26.39
C MET A 161 -8.46 -4.95 25.52
N PHE A 162 -9.72 -4.61 25.80
CA PHE A 162 -10.39 -3.57 25.00
C PHE A 162 -9.76 -2.21 25.14
N THR A 163 -9.10 -1.91 26.26
CA THR A 163 -8.35 -0.63 26.35
C THR A 163 -7.37 -0.51 25.21
N SER A 164 -6.66 -1.60 24.94
CA SER A 164 -5.65 -1.62 23.89
C SER A 164 -6.29 -1.66 22.49
N TRP A 165 -7.32 -2.48 22.30
CA TRP A 165 -7.93 -2.56 20.96
C TRP A 165 -8.51 -1.22 20.48
N LYS A 166 -9.12 -0.52 21.42
CA LYS A 166 -9.70 0.80 21.17
C LYS A 166 -8.70 1.93 21.11
N MET A 167 -7.92 2.07 22.17
CA MET A 167 -7.07 3.22 22.31
C MET A 167 -5.78 3.14 21.52
N GLY A 168 -5.29 1.93 21.28
CA GLY A 168 -4.07 1.79 20.47
C GLY A 168 -4.13 2.53 19.12
N PRO A 169 -5.07 2.16 18.25
CA PRO A 169 -5.10 2.85 16.98
C PRO A 169 -5.53 4.31 17.09
N ALA A 170 -6.49 4.60 17.96
CA ALA A 170 -7.00 5.98 18.06
C ALA A 170 -5.88 6.94 18.41
N LEU A 171 -5.05 6.53 19.38
CA LEU A 171 -3.99 7.37 19.91
C LEU A 171 -2.83 7.43 18.95
N ALA A 172 -2.48 6.27 18.40
CA ALA A 172 -1.40 6.20 17.42
C ALA A 172 -1.67 7.14 16.26
N ALA A 173 -2.92 7.19 15.83
CA ALA A 173 -3.32 8.02 14.69
C ALA A 173 -3.42 9.51 14.99
N GLY A 174 -3.22 9.92 16.24
CA GLY A 174 -3.29 11.31 16.61
C GLY A 174 -4.62 11.87 17.12
N ASN A 175 -5.56 11.00 17.45
CA ASN A 175 -6.83 11.43 18.06
C ASN A 175 -6.68 11.53 19.55
N THR A 176 -7.55 12.30 20.19
CA THR A 176 -7.65 12.25 21.65
C THR A 176 -8.91 11.46 21.95
N VAL A 177 -9.02 11.00 23.18
CA VAL A 177 -9.93 9.91 23.51
C VAL A 177 -10.78 10.17 24.74
N VAL A 178 -12.06 9.89 24.62
CA VAL A 178 -12.95 9.79 25.77
C VAL A 178 -13.52 8.37 25.71
N LEU A 179 -13.15 7.58 26.71
CA LEU A 179 -13.52 6.20 26.74
C LEU A 179 -14.50 5.94 27.91
N LYS A 180 -15.62 5.30 27.60
CA LYS A 180 -16.59 4.87 28.61
C LYS A 180 -16.53 3.36 28.77
N PRO A 181 -15.77 2.87 29.78
CA PRO A 181 -15.71 1.42 29.98
C PRO A 181 -16.96 0.96 30.68
N SER A 182 -17.16 -0.35 30.74
CA SER A 182 -18.31 -0.87 31.43
C SER A 182 -18.23 -0.54 32.90
N GLU A 183 -19.36 -0.07 33.44
CA GLU A 183 -19.45 0.22 34.86
C GLU A 183 -19.48 -1.06 35.69
N ILE A 184 -19.74 -2.20 35.03
CA ILE A 184 -19.69 -3.52 35.68
C ILE A 184 -18.25 -3.93 36.00
N THR A 185 -17.30 -3.55 35.13
CA THR A 185 -15.90 -3.99 35.25
C THR A 185 -14.95 -2.84 34.90
N PRO A 186 -14.97 -1.76 35.69
CA PRO A 186 -14.22 -0.55 35.26
C PRO A 186 -12.79 -0.50 35.78
N LEU A 187 -12.42 -1.41 36.65
CA LEU A 187 -11.25 -1.16 37.50
C LEU A 187 -9.89 -1.21 36.75
N SER A 188 -9.73 -2.18 35.86
CA SER A 188 -8.46 -2.30 35.14
C SER A 188 -8.22 -1.12 34.18
N THR A 189 -9.30 -0.55 33.65
CA THR A 189 -9.22 0.60 32.77
C THR A 189 -8.69 1.84 33.50
N LEU A 190 -9.14 2.01 34.73
CA LEU A 190 -8.65 3.09 35.57
C LEU A 190 -7.14 2.88 35.89
N ARG A 191 -6.70 1.64 36.08
CA ARG A 191 -5.26 1.38 36.26
C ARG A 191 -4.47 1.65 34.98
N ILE A 192 -5.02 1.28 33.82
CA ILE A 192 -4.38 1.57 32.55
C ILE A 192 -4.15 3.08 32.39
N VAL A 193 -5.16 3.90 32.64
CA VAL A 193 -4.99 5.32 32.40
C VAL A 193 -4.02 5.92 33.40
N GLU A 194 -3.97 5.35 34.60
CA GLU A 194 -2.95 5.74 35.59
C GLU A 194 -1.55 5.45 35.04
N LEU A 195 -1.36 4.27 34.43
CA LEU A 195 -0.06 3.95 33.82
C LEU A 195 0.23 4.90 32.67
N MET A 196 -0.77 5.21 31.86
CA MET A 196 -0.62 6.21 30.80
C MET A 196 -0.08 7.54 31.33
N ALA A 197 -0.62 8.02 32.45
CA ALA A 197 -0.15 9.25 33.04
C ALA A 197 1.29 9.08 33.48
N GLU A 198 1.58 7.94 34.09
CA GLU A 198 2.94 7.66 34.56
C GLU A 198 3.95 7.69 33.43
N VAL A 199 3.64 7.10 32.28
CA VAL A 199 4.61 7.05 31.19
C VAL A 199 4.71 8.37 30.41
N GLY A 200 3.80 9.32 30.64
CA GLY A 200 3.92 10.66 30.10
C GLY A 200 2.83 11.08 29.12
N PHE A 201 1.71 10.37 29.04
CA PHE A 201 0.62 10.87 28.17
C PHE A 201 0.15 12.23 28.67
N PRO A 202 0.09 13.23 27.77
CA PRO A 202 -0.34 14.55 28.23
C PRO A 202 -1.78 14.59 28.77
N ALA A 203 -2.00 15.48 29.70
CA ALA A 203 -3.32 15.68 30.25
C ALA A 203 -4.33 15.98 29.14
N GLY A 204 -5.43 15.28 29.22
CA GLY A 204 -6.55 15.46 28.29
C GLY A 204 -6.53 14.53 27.11
N VAL A 205 -5.40 13.87 26.88
CA VAL A 205 -5.28 13.02 25.70
C VAL A 205 -6.15 11.77 25.86
N VAL A 206 -6.25 11.23 27.08
CA VAL A 206 -7.09 10.07 27.37
C VAL A 206 -7.93 10.40 28.60
N ASN A 207 -9.24 10.30 28.44
CA ASN A 207 -10.16 10.53 29.53
C ASN A 207 -11.10 9.32 29.70
N ILE A 208 -11.19 8.83 30.92
CA ILE A 208 -12.02 7.67 31.26
C ILE A 208 -13.23 8.07 32.09
N VAL A 209 -14.42 7.71 31.61
CA VAL A 209 -15.67 8.12 32.26
C VAL A 209 -16.64 6.94 32.44
N PRO A 210 -16.30 6.02 33.37
CA PRO A 210 -17.23 4.95 33.69
C PRO A 210 -18.54 5.54 34.20
N GLY A 211 -19.65 4.95 33.79
CA GLY A 211 -20.98 5.40 34.16
C GLY A 211 -21.97 4.55 33.39
N TYR A 212 -23.25 4.78 33.63
CA TYR A 212 -24.26 4.01 32.95
C TYR A 212 -24.32 4.35 31.46
N GLY A 213 -24.80 3.38 30.70
CA GLY A 213 -25.00 3.55 29.28
C GLY A 213 -25.95 4.69 28.97
N HIS A 214 -27.02 4.78 29.74
CA HIS A 214 -28.07 5.73 29.44
C HIS A 214 -27.78 7.12 29.95
N THR A 215 -26.71 7.31 30.71
CA THR A 215 -26.30 8.66 31.14
C THR A 215 -25.02 9.06 30.34
N ALA A 216 -23.87 8.52 30.75
CA ALA A 216 -22.59 8.84 30.11
C ALA A 216 -22.53 8.38 28.67
N GLY A 217 -22.91 7.13 28.44
CA GLY A 217 -22.79 6.55 27.09
C GLY A 217 -23.61 7.32 26.07
N GLN A 218 -24.85 7.63 26.42
CA GLN A 218 -25.75 8.34 25.50
C GLN A 218 -25.21 9.75 25.21
N ARG A 219 -24.68 10.42 26.22
CA ARG A 219 -24.15 11.75 25.99
C ARG A 219 -22.92 11.69 25.07
N LEU A 220 -22.03 10.74 25.33
CA LEU A 220 -20.82 10.55 24.51
C LEU A 220 -21.21 10.37 23.01
N ALA A 221 -22.16 9.47 22.75
CA ALA A 221 -22.62 9.21 21.37
C ALA A 221 -23.26 10.43 20.73
N GLU A 222 -23.97 11.26 21.52
CA GLU A 222 -24.64 12.47 21.00
C GLU A 222 -23.74 13.68 20.93
N HIS A 223 -22.58 13.66 21.56
CA HIS A 223 -21.82 14.90 21.79
C HIS A 223 -21.40 15.56 20.47
N PRO A 224 -21.70 16.87 20.29
CA PRO A 224 -21.35 17.56 19.04
C PRO A 224 -19.86 17.80 18.81
N GLY A 225 -19.05 17.75 19.88
CA GLY A 225 -17.60 17.84 19.82
C GLY A 225 -16.81 16.56 19.54
N VAL A 226 -17.51 15.44 19.41
CA VAL A 226 -16.93 14.12 19.15
C VAL A 226 -17.08 13.79 17.67
N GLY A 227 -15.98 13.47 17.01
CA GLY A 227 -15.95 13.21 15.57
C GLY A 227 -16.20 11.76 15.15
N LYS A 228 -16.07 10.85 16.09
CA LYS A 228 -16.33 9.43 15.84
C LYS A 228 -16.72 8.75 17.13
N ILE A 229 -17.66 7.83 17.03
CA ILE A 229 -18.05 7.01 18.15
C ILE A 229 -17.83 5.56 17.76
N ALA A 230 -17.19 4.81 18.67
CA ALA A 230 -16.94 3.40 18.46
C ALA A 230 -17.62 2.61 19.58
N PHE A 231 -18.43 1.62 19.19
CA PHE A 231 -19.23 0.89 20.13
C PHE A 231 -19.18 -0.61 19.87
N THR A 232 -19.03 -1.35 20.98
CA THR A 232 -19.06 -2.81 20.98
C THR A 232 -20.12 -3.18 21.97
N GLY A 233 -21.07 -4.02 21.56
CA GLY A 233 -22.20 -4.40 22.42
C GLY A 233 -23.36 -4.96 21.62
N SER A 234 -24.58 -4.82 22.13
CA SER A 234 -25.75 -5.44 21.53
C SER A 234 -26.19 -4.73 20.26
N THR A 235 -26.92 -5.46 19.42
CA THR A 235 -27.51 -4.88 18.22
C THR A 235 -28.43 -3.75 18.54
N ALA A 236 -29.30 -3.94 19.54
CA ALA A 236 -30.24 -2.90 19.91
C ALA A 236 -29.50 -1.62 20.30
N THR A 237 -28.44 -1.76 21.08
CA THR A 237 -27.75 -0.57 21.52
C THR A 237 -26.96 0.05 20.34
N GLY A 238 -26.47 -0.78 19.44
CA GLY A 238 -25.83 -0.28 18.22
C GLY A 238 -26.73 0.61 17.39
N ARG A 239 -28.00 0.20 17.25
CA ARG A 239 -29.04 1.04 16.59
C ARG A 239 -29.18 2.42 17.27
N ARG A 240 -29.16 2.44 18.60
CA ARG A 240 -29.22 3.67 19.36
C ARG A 240 -27.98 4.57 19.17
N ILE A 241 -26.81 3.94 19.02
CA ILE A 241 -25.58 4.67 18.69
C ILE A 241 -25.73 5.34 17.35
N VAL A 242 -26.19 4.59 16.36
CA VAL A 242 -26.42 5.12 15.03
C VAL A 242 -27.38 6.31 15.09
N GLU A 243 -28.48 6.15 15.82
CA GLU A 243 -29.45 7.22 15.94
C GLU A 243 -28.81 8.47 16.55
N ALA A 244 -28.00 8.30 17.58
CA ALA A 244 -27.37 9.42 18.26
C ALA A 244 -26.38 10.12 17.36
N SER A 245 -25.74 9.38 16.45
CA SER A 245 -24.72 9.94 15.57
C SER A 245 -25.27 11.02 14.63
N GLN A 246 -26.58 11.04 14.39
CA GLN A 246 -27.18 11.99 13.46
C GLN A 246 -26.95 13.43 13.77
N GLY A 247 -26.83 13.75 15.06
CA GLY A 247 -26.74 15.15 15.47
C GLY A 247 -25.68 15.90 14.74
N ASN A 248 -24.46 15.39 14.83
CA ASN A 248 -23.36 15.99 14.14
C ASN A 248 -22.74 15.14 13.02
N LEU A 249 -23.42 14.07 12.65
N LEU A 249 -23.42 14.09 12.58
CA LEU A 249 -22.95 13.12 11.64
CA LEU A 249 -22.90 13.18 11.56
C LEU A 249 -21.54 12.63 11.91
C LEU A 249 -21.54 12.58 11.90
N LYS A 250 -21.24 12.38 13.18
CA LYS A 250 -19.99 11.75 13.55
C LYS A 250 -19.86 10.39 12.88
N ARG A 251 -18.62 10.00 12.61
CA ARG A 251 -18.38 8.67 12.09
C ARG A 251 -18.73 7.65 13.17
N VAL A 252 -19.02 6.44 12.73
CA VAL A 252 -19.50 5.36 13.58
C VAL A 252 -18.76 4.04 13.29
N GLN A 253 -18.36 3.35 14.33
CA GLN A 253 -17.86 1.99 14.25
C GLN A 253 -18.68 1.09 15.19
N LEU A 254 -19.03 -0.12 14.73
CA LEU A 254 -19.94 -0.98 15.49
C LEU A 254 -19.45 -2.40 15.44
N GLU A 255 -19.27 -3.01 16.60
CA GLU A 255 -19.05 -4.47 16.69
CA GLU A 255 -19.00 -4.42 16.70
C GLU A 255 -20.12 -5.02 17.57
N LEU A 256 -21.05 -5.78 16.97
N LEU A 256 -21.02 -5.77 16.94
CA LEU A 256 -22.39 -6.03 17.56
CA LEU A 256 -22.22 -6.21 17.60
C LEU A 256 -22.81 -7.49 17.76
C LEU A 256 -22.15 -7.73 17.83
N GLY A 257 -21.86 -8.34 18.12
N GLY A 257 -23.26 -8.43 17.72
CA GLY A 257 -22.16 -9.72 18.47
CA GLY A 257 -23.28 -9.83 18.13
C GLY A 257 -22.10 -10.69 17.30
C GLY A 257 -22.56 -10.76 17.17
N GLY A 258 -22.23 -11.96 17.66
CA GLY A 258 -21.91 -13.06 16.79
C GLY A 258 -22.67 -14.29 17.23
N LYS A 259 -22.80 -15.23 16.32
CA LYS A 259 -23.28 -16.55 16.68
C LYS A 259 -22.41 -17.50 15.87
N GLY A 260 -21.14 -17.56 16.26
CA GLY A 260 -20.10 -18.19 15.46
C GLY A 260 -20.30 -19.68 15.21
N ALA A 261 -20.31 -20.09 13.93
CA ALA A 261 -20.26 -21.50 13.61
C ALA A 261 -18.84 -22.03 13.74
N ASN A 262 -18.73 -23.23 14.27
CA ASN A 262 -17.45 -23.95 14.39
C ASN A 262 -17.71 -25.32 13.77
N ILE A 263 -17.32 -25.49 12.50
CA ILE A 263 -17.76 -26.61 11.68
C ILE A 263 -16.67 -27.69 11.67
N VAL A 264 -17.05 -28.92 11.98
CA VAL A 264 -16.12 -30.02 11.99
C VAL A 264 -16.50 -31.01 10.91
N PHE A 265 -15.64 -31.12 9.91
CA PHE A 265 -15.81 -32.05 8.83
C PHE A 265 -15.32 -33.46 9.18
N ASP A 266 -15.69 -34.42 8.36
CA ASP A 266 -15.41 -35.83 8.72
C ASP A 266 -13.94 -36.19 8.54
N ASP A 267 -13.18 -35.31 7.90
CA ASP A 267 -11.76 -35.55 7.76
C ASP A 267 -10.91 -34.68 8.74
N ALA A 268 -11.57 -34.05 9.74
CA ALA A 268 -10.88 -33.22 10.71
C ALA A 268 -9.97 -34.09 11.61
N ASN A 269 -8.91 -33.50 12.13
CA ASN A 269 -8.16 -34.08 13.25
C ASN A 269 -9.04 -33.89 14.49
N LEU A 270 -9.67 -34.97 14.93
CA LEU A 270 -10.63 -34.88 16.04
C LEU A 270 -9.95 -34.45 17.34
N ASP A 271 -8.74 -34.90 17.63
CA ASP A 271 -8.07 -34.42 18.83
C ASP A 271 -7.93 -32.88 18.84
N ALA A 272 -7.42 -32.35 17.75
CA ALA A 272 -7.30 -30.88 17.59
C ALA A 272 -8.64 -30.19 17.65
N ALA A 273 -9.66 -30.73 16.99
CA ALA A 273 -10.94 -30.09 16.91
C ALA A 273 -11.74 -30.12 18.20
N ILE A 274 -11.61 -31.20 18.96
CA ILE A 274 -12.28 -31.28 20.24
C ILE A 274 -11.69 -30.25 21.19
N ASN A 275 -10.35 -30.18 21.23
CA ASN A 275 -9.70 -29.15 22.04
C ASN A 275 -10.03 -27.76 21.55
N GLY A 276 -10.08 -27.59 20.22
CA GLY A 276 -10.40 -26.32 19.63
C GLY A 276 -11.80 -25.86 19.99
N ALA A 277 -12.74 -26.78 19.93
CA ALA A 277 -14.16 -26.50 20.29
C ALA A 277 -14.31 -26.06 21.73
N ALA A 278 -13.57 -26.73 22.62
CA ALA A 278 -13.66 -26.40 24.05
C ALA A 278 -13.10 -25.00 24.32
N TRP A 279 -11.92 -24.71 23.76
CA TRP A 279 -11.37 -23.36 23.79
C TRP A 279 -12.37 -22.35 23.24
N ALA A 280 -12.97 -22.66 22.09
CA ALA A 280 -13.74 -21.69 21.36
C ALA A 280 -14.98 -21.22 22.11
N ILE A 281 -15.57 -22.10 22.91
CA ILE A 281 -16.78 -21.72 23.64
C ILE A 281 -16.59 -21.57 25.14
N PHE A 282 -15.67 -22.32 25.75
CA PHE A 282 -15.54 -22.26 27.21
C PHE A 282 -14.54 -21.25 27.74
N HIS A 283 -13.55 -20.88 26.92
CA HIS A 283 -12.66 -19.81 27.34
C HIS A 283 -13.47 -18.56 27.58
N ASN A 284 -13.13 -17.86 28.64
CA ASN A 284 -13.77 -16.61 29.06
C ASN A 284 -15.22 -16.84 29.43
N GLN A 285 -15.52 -18.08 29.80
CA GLN A 285 -16.87 -18.45 30.19
C GLN A 285 -17.86 -18.24 29.03
N GLY A 286 -17.38 -18.35 27.80
CA GLY A 286 -18.22 -18.06 26.64
C GLY A 286 -18.60 -16.61 26.42
N GLN A 287 -17.99 -15.70 27.17
CA GLN A 287 -18.33 -14.29 27.10
C GLN A 287 -17.39 -13.61 26.10
N ALA A 288 -17.62 -13.96 24.85
CA ALA A 288 -16.79 -13.53 23.75
C ALA A 288 -17.70 -13.43 22.55
N CYS A 289 -17.70 -12.29 21.88
N CYS A 289 -17.65 -12.27 21.90
CA CYS A 289 -18.58 -12.13 20.75
CA CYS A 289 -18.43 -12.02 20.70
C CYS A 289 -18.17 -13.06 19.59
C CYS A 289 -18.17 -13.10 19.67
N ILE A 290 -16.92 -13.55 19.60
CA ILE A 290 -16.48 -14.55 18.61
C ILE A 290 -16.49 -15.99 19.08
N ALA A 291 -17.17 -16.26 20.20
CA ALA A 291 -17.25 -17.61 20.74
C ALA A 291 -17.78 -18.56 19.70
N GLY A 292 -17.23 -19.77 19.66
CA GLY A 292 -17.75 -20.84 18.82
C GLY A 292 -19.03 -21.42 19.41
N SER A 293 -20.12 -20.66 19.32
CA SER A 293 -21.36 -21.05 20.03
C SER A 293 -22.26 -22.02 19.27
N ARG A 294 -21.95 -22.27 18.02
CA ARG A 294 -22.62 -23.30 17.26
C ARG A 294 -21.62 -24.30 16.78
N LEU A 295 -21.72 -25.53 17.28
CA LEU A 295 -20.81 -26.58 16.89
C LEU A 295 -21.54 -27.38 15.87
N VAL A 296 -21.03 -27.36 14.64
CA VAL A 296 -21.71 -27.87 13.48
C VAL A 296 -20.93 -29.10 13.03
N LEU A 297 -21.46 -30.30 13.30
CA LEU A 297 -20.67 -31.53 13.20
C LEU A 297 -21.15 -32.43 12.07
N HIS A 298 -20.22 -32.94 11.28
CA HIS A 298 -20.56 -33.87 10.24
C HIS A 298 -21.14 -35.13 10.88
N GLU A 299 -22.22 -35.62 10.30
CA GLU A 299 -22.95 -36.78 10.84
C GLU A 299 -22.05 -38.01 11.13
N ARG A 300 -21.08 -38.28 10.26
CA ARG A 300 -20.20 -39.43 10.43
C ARG A 300 -19.35 -39.38 11.69
N ILE A 301 -18.98 -38.19 12.16
CA ILE A 301 -18.13 -38.05 13.35
C ILE A 301 -18.83 -37.42 14.56
N ALA A 302 -20.10 -37.04 14.40
CA ALA A 302 -20.77 -36.26 15.47
C ALA A 302 -20.79 -36.98 16.80
N ASP A 303 -21.20 -38.26 16.80
CA ASP A 303 -21.33 -39.00 18.03
C ASP A 303 -19.97 -39.22 18.69
N ALA A 304 -18.99 -39.58 17.89
CA ALA A 304 -17.62 -39.76 18.37
C ALA A 304 -17.05 -38.47 19.01
N PHE A 305 -17.18 -37.37 18.28
CA PHE A 305 -16.77 -36.06 18.75
C PHE A 305 -17.46 -35.70 20.07
N LEU A 306 -18.78 -35.85 20.12
CA LEU A 306 -19.52 -35.45 21.29
C LEU A 306 -19.17 -36.27 22.52
N GLU A 307 -18.94 -37.57 22.36
CA GLU A 307 -18.61 -38.36 23.52
C GLU A 307 -17.34 -37.83 24.18
N ARG A 308 -16.34 -37.50 23.37
CA ARG A 308 -15.10 -36.97 23.91
C ARG A 308 -15.26 -35.50 24.40
N PHE A 309 -15.96 -34.70 23.63
CA PHE A 309 -16.17 -33.29 23.93
C PHE A 309 -17.00 -33.06 25.20
N VAL A 310 -18.07 -33.85 25.35
CA VAL A 310 -18.89 -33.81 26.57
C VAL A 310 -18.04 -34.22 27.78
N ALA A 311 -17.24 -35.26 27.64
CA ALA A 311 -16.37 -35.68 28.74
C ALA A 311 -15.42 -34.59 29.14
N LEU A 312 -14.76 -33.96 28.16
CA LEU A 312 -13.83 -32.86 28.47
C LEU A 312 -14.53 -31.70 29.18
N ALA A 313 -15.67 -31.30 28.65
CA ALA A 313 -16.45 -30.19 29.18
C ALA A 313 -16.87 -30.44 30.63
N SER A 314 -17.33 -31.67 30.92
CA SER A 314 -17.79 -32.04 32.25
C SER A 314 -16.64 -31.99 33.23
N SER A 315 -15.43 -32.17 32.74
CA SER A 315 -14.24 -32.22 33.58
C SER A 315 -13.67 -30.81 33.90
N ILE A 316 -14.10 -29.78 33.20
CA ILE A 316 -13.52 -28.47 33.37
C ILE A 316 -13.65 -28.03 34.82
N ARG A 317 -12.56 -27.52 35.39
CA ARG A 317 -12.53 -27.18 36.82
C ARG A 317 -13.09 -25.79 37.05
N ILE A 318 -14.28 -25.73 37.61
CA ILE A 318 -14.97 -24.47 37.86
CA ILE A 318 -14.97 -24.47 37.85
C ILE A 318 -14.68 -24.03 39.27
N GLY A 319 -14.40 -22.76 39.46
CA GLY A 319 -14.14 -22.27 40.80
C GLY A 319 -13.66 -20.84 40.92
N ASN A 320 -13.12 -20.52 42.10
CA ASN A 320 -12.65 -19.18 42.42
C ASN A 320 -11.63 -18.71 41.38
N PRO A 321 -11.89 -17.53 40.75
CA PRO A 321 -10.95 -16.96 39.78
C PRO A 321 -9.55 -16.81 40.34
N LEU A 322 -9.43 -16.55 41.65
CA LEU A 322 -8.10 -16.32 42.21
C LEU A 322 -7.24 -17.58 42.40
N ASP A 323 -7.83 -18.76 42.25
CA ASP A 323 -7.12 -20.04 42.33
C ASP A 323 -6.51 -20.40 40.95
N PRO A 324 -5.18 -20.52 40.86
CA PRO A 324 -4.49 -20.84 39.60
C PRO A 324 -4.87 -22.19 38.99
N ASN A 325 -5.44 -23.08 39.81
CA ASN A 325 -5.95 -24.37 39.34
CA ASN A 325 -5.93 -24.36 39.29
C ASN A 325 -7.31 -24.21 38.64
N THR A 326 -7.98 -23.07 38.81
CA THR A 326 -9.31 -22.85 38.20
C THR A 326 -9.22 -22.69 36.68
N GLU A 327 -10.06 -23.42 35.95
CA GLU A 327 -10.10 -23.36 34.49
C GLU A 327 -11.26 -22.53 33.96
N MET A 328 -12.35 -22.46 34.72
CA MET A 328 -13.50 -21.64 34.36
C MET A 328 -14.05 -20.92 35.60
N GLY A 329 -14.22 -19.61 35.47
CA GLY A 329 -14.77 -18.82 36.54
C GLY A 329 -16.25 -18.61 36.40
N PRO A 330 -16.77 -17.67 37.17
CA PRO A 330 -18.18 -17.36 37.07
C PRO A 330 -18.44 -16.44 35.92
N LEU A 331 -19.70 -16.25 35.57
CA LEU A 331 -20.10 -15.17 34.67
C LEU A 331 -19.94 -13.82 35.36
N THR A 332 -19.86 -12.75 34.58
CA THR A 332 -19.48 -11.47 35.14
C THR A 332 -20.62 -10.79 35.98
N SER A 333 -21.89 -11.09 35.72
CA SER A 333 -22.97 -10.46 36.46
C SER A 333 -24.12 -11.39 36.71
N LYS A 334 -24.84 -11.11 37.79
CA LYS A 334 -26.04 -11.84 38.13
C LYS A 334 -27.05 -11.85 36.97
N GLN A 335 -27.23 -10.70 36.33
CA GLN A 335 -28.17 -10.57 35.24
C GLN A 335 -27.85 -11.48 34.07
N HIS A 336 -26.56 -11.60 33.79
CA HIS A 336 -26.14 -12.41 32.68
C HIS A 336 -26.31 -13.90 33.02
N LEU A 337 -25.95 -14.30 34.25
CA LEU A 337 -26.24 -15.65 34.71
C LEU A 337 -27.73 -16.02 34.56
N ASP A 338 -28.61 -15.15 35.03
CA ASP A 338 -30.05 -15.44 34.92
C ASP A 338 -30.48 -15.61 33.46
N ARG A 339 -29.89 -14.82 32.57
CA ARG A 339 -30.16 -14.93 31.16
C ARG A 339 -29.72 -16.32 30.63
N VAL A 340 -28.58 -16.80 31.07
CA VAL A 340 -28.06 -18.07 30.55
C VAL A 340 -28.92 -19.21 31.10
N LEU A 341 -29.30 -19.14 32.37
CA LEU A 341 -30.15 -20.17 32.94
C LEU A 341 -31.52 -20.18 32.22
N SER A 342 -32.04 -18.99 31.90
CA SER A 342 -33.29 -18.90 31.15
C SER A 342 -33.18 -19.59 29.77
N TYR A 343 -32.03 -19.46 29.10
CA TYR A 343 -31.81 -20.10 27.80
C TYR A 343 -31.71 -21.62 27.92
N VAL A 344 -31.19 -22.13 29.04
CA VAL A 344 -31.27 -23.60 29.28
C VAL A 344 -32.74 -24.07 29.28
N ASP A 345 -33.61 -23.33 29.98
CA ASP A 345 -35.06 -23.64 30.01
C ASP A 345 -35.63 -23.58 28.61
N VAL A 346 -35.28 -22.53 27.88
CA VAL A 346 -35.72 -22.36 26.48
C VAL A 346 -35.27 -23.58 25.65
N ALA A 347 -34.02 -23.98 25.80
CA ALA A 347 -33.49 -25.07 25.03
C ALA A 347 -34.31 -26.35 25.24
N ARG A 348 -34.55 -26.69 26.52
CA ARG A 348 -35.34 -27.87 26.83
C ARG A 348 -36.79 -27.75 26.30
N GLU A 349 -37.41 -26.58 26.49
CA GLU A 349 -38.76 -26.28 25.98
CA GLU A 349 -38.76 -26.32 26.00
C GLU A 349 -38.86 -26.61 24.48
N GLN A 350 -37.82 -26.29 23.73
CA GLN A 350 -37.83 -26.51 22.29
C GLN A 350 -37.28 -27.88 21.87
N GLY A 351 -37.14 -28.80 22.82
CA GLY A 351 -36.78 -30.19 22.52
C GLY A 351 -35.30 -30.40 22.31
N GLY A 352 -34.47 -29.47 22.77
CA GLY A 352 -33.03 -29.64 22.74
C GLY A 352 -32.62 -30.65 23.80
N ARG A 353 -31.49 -31.30 23.57
CA ARG A 353 -30.96 -32.26 24.50
C ARG A 353 -29.77 -31.67 25.21
N VAL A 354 -29.93 -31.44 26.52
CA VAL A 354 -28.81 -30.99 27.33
C VAL A 354 -27.90 -32.18 27.63
N LEU A 355 -26.72 -32.20 27.02
CA LEU A 355 -25.81 -33.35 27.14
C LEU A 355 -24.93 -33.26 28.37
N THR A 356 -24.64 -32.03 28.83
CA THR A 356 -23.99 -31.81 30.13
C THR A 356 -24.27 -30.38 30.57
N GLY A 357 -24.17 -30.14 31.87
CA GLY A 357 -24.30 -28.81 32.42
C GLY A 357 -25.72 -28.30 32.44
N GLY A 358 -25.85 -26.99 32.30
CA GLY A 358 -27.18 -26.36 32.32
C GLY A 358 -27.60 -25.79 33.66
N SER A 359 -26.76 -25.92 34.68
CA SER A 359 -27.11 -25.37 35.98
C SER A 359 -25.87 -25.02 36.78
N ALA A 360 -26.09 -24.35 37.91
CA ALA A 360 -24.98 -23.96 38.77
C ALA A 360 -24.26 -25.18 39.31
N PRO A 361 -22.94 -25.06 39.58
CA PRO A 361 -22.23 -26.17 40.23
C PRO A 361 -22.71 -26.33 41.66
N GLN A 362 -22.61 -27.53 42.22
CA GLN A 362 -23.22 -27.80 43.52
C GLN A 362 -22.32 -27.32 44.68
N ASP A 363 -21.02 -27.18 44.43
CA ASP A 363 -20.09 -26.75 45.50
C ASP A 363 -20.56 -25.53 46.28
N PRO A 364 -20.84 -25.69 47.57
CA PRO A 364 -21.43 -24.60 48.36
C PRO A 364 -20.55 -23.36 48.48
N ALA A 365 -19.24 -23.50 48.30
CA ALA A 365 -18.34 -22.34 48.33
C ALA A 365 -18.56 -21.37 47.15
N LEU A 366 -19.17 -21.88 46.08
CA LEU A 366 -19.54 -21.11 44.91
C LEU A 366 -20.97 -20.55 44.93
N ALA A 367 -21.72 -20.80 46.01
CA ALA A 367 -23.16 -20.50 46.03
C ALA A 367 -23.51 -19.02 45.85
N ASN A 368 -22.63 -18.11 46.23
CA ASN A 368 -22.90 -16.69 46.13
C ASN A 368 -22.35 -16.03 44.87
N GLY A 369 -21.74 -16.83 44.00
CA GLY A 369 -21.19 -16.35 42.75
C GLY A 369 -22.05 -16.71 41.55
N TYR A 370 -21.71 -16.10 40.41
CA TYR A 370 -22.57 -16.18 39.23
C TYR A 370 -22.13 -17.33 38.34
N TYR A 371 -22.08 -18.53 38.94
CA TYR A 371 -21.51 -19.71 38.29
C TYR A 371 -22.52 -20.58 37.56
N VAL A 372 -22.13 -21.01 36.37
CA VAL A 372 -22.87 -22.04 35.65
C VAL A 372 -21.88 -23.03 35.02
N ARG A 373 -22.27 -24.30 34.97
CA ARG A 373 -21.42 -25.32 34.40
CA ARG A 373 -21.42 -25.33 34.40
C ARG A 373 -21.38 -25.22 32.87
N PRO A 374 -20.28 -25.67 32.26
CA PRO A 374 -20.22 -25.75 30.80
C PRO A 374 -21.41 -26.54 30.29
N THR A 375 -22.12 -25.96 29.34
CA THR A 375 -23.41 -26.47 28.91
C THR A 375 -23.36 -26.76 27.39
N ILE A 376 -23.78 -27.97 27.03
CA ILE A 376 -23.81 -28.46 25.66
C ILE A 376 -25.23 -28.95 25.35
N VAL A 377 -25.85 -28.38 24.32
CA VAL A 377 -27.22 -28.70 23.95
C VAL A 377 -27.27 -29.10 22.50
N GLU A 378 -27.79 -30.27 22.21
CA GLU A 378 -28.03 -30.65 20.85
C GLU A 378 -29.41 -30.15 20.42
N ALA A 379 -29.46 -29.27 19.42
CA ALA A 379 -30.72 -28.62 19.01
C ALA A 379 -31.51 -29.47 18.03
N LYS A 380 -32.83 -29.37 18.11
CA LYS A 380 -33.70 -30.10 17.19
C LYS A 380 -33.59 -29.51 15.78
N HIS A 381 -33.46 -28.17 15.66
CA HIS A 381 -33.34 -27.47 14.37
C HIS A 381 -32.39 -26.25 14.44
N ALA A 382 -31.76 -25.90 13.31
CA ALA A 382 -30.92 -24.69 13.19
C ALA A 382 -31.67 -23.36 13.42
N THR A 383 -33.00 -23.42 13.34
CA THR A 383 -33.84 -22.28 13.58
C THR A 383 -34.30 -22.16 15.02
N ASP A 384 -33.94 -23.13 15.87
CA ASP A 384 -34.30 -23.02 17.27
C ASP A 384 -33.67 -21.78 17.91
N ARG A 385 -34.32 -21.26 18.94
CA ARG A 385 -33.84 -20.07 19.63
C ARG A 385 -32.37 -20.13 20.03
N VAL A 386 -31.93 -21.24 20.63
CA VAL A 386 -30.56 -21.30 21.14
C VAL A 386 -29.54 -21.50 20.03
N ALA A 387 -30.04 -21.78 18.82
CA ALA A 387 -29.22 -21.85 17.62
C ALA A 387 -29.20 -20.51 16.87
N GLN A 388 -30.02 -19.55 17.29
CA GLN A 388 -30.14 -18.26 16.61
C GLN A 388 -29.70 -17.08 17.46
N GLU A 389 -30.00 -17.12 18.74
CA GLU A 389 -29.83 -15.96 19.60
C GLU A 389 -28.53 -16.06 20.40
N GLU A 390 -27.88 -14.92 20.63
CA GLU A 390 -26.61 -14.89 21.34
C GLU A 390 -26.90 -15.19 22.82
N VAL A 391 -26.31 -16.25 23.34
CA VAL A 391 -26.44 -16.61 24.77
C VAL A 391 -25.27 -15.98 25.57
N PHE A 392 -24.09 -15.97 24.98
CA PHE A 392 -22.93 -15.22 25.55
C PHE A 392 -22.47 -15.84 26.86
N GLY A 393 -22.65 -17.16 27.00
CA GLY A 393 -22.23 -17.89 28.22
C GLY A 393 -21.53 -19.15 27.76
N PRO A 394 -21.15 -20.01 28.71
CA PRO A 394 -20.37 -21.20 28.38
C PRO A 394 -21.34 -22.25 27.89
N PHE A 395 -21.89 -22.00 26.70
CA PHE A 395 -23.10 -22.66 26.24
C PHE A 395 -22.96 -22.88 24.75
N VAL A 396 -22.89 -24.13 24.33
CA VAL A 396 -22.74 -24.42 22.89
C VAL A 396 -23.92 -25.23 22.37
N THR A 397 -24.39 -24.85 21.18
CA THR A 397 -25.48 -25.52 20.51
C THR A 397 -24.95 -26.36 19.35
N VAL A 398 -25.33 -27.64 19.36
CA VAL A 398 -24.83 -28.60 18.39
C VAL A 398 -25.86 -28.85 17.32
N LEU A 399 -25.38 -28.85 16.08
CA LEU A 399 -26.15 -29.14 14.90
C LEU A 399 -25.33 -30.12 14.04
N ARG A 400 -26.00 -30.96 13.26
CA ARG A 400 -25.33 -31.93 12.41
C ARG A 400 -25.62 -31.64 10.92
N PHE A 401 -24.73 -32.11 10.06
CA PHE A 401 -24.87 -31.95 8.62
C PHE A 401 -24.28 -33.11 7.86
N GLY A 402 -24.63 -33.19 6.59
N GLY A 402 -24.62 -33.24 6.59
CA GLY A 402 -24.22 -34.31 5.73
CA GLY A 402 -24.01 -34.26 5.74
C GLY A 402 -23.51 -33.98 4.42
C GLY A 402 -23.09 -33.65 4.70
N SER A 403 -23.62 -32.73 3.92
CA SER A 403 -22.91 -32.26 2.72
C SER A 403 -22.27 -30.90 3.05
N ASP A 404 -21.23 -30.52 2.31
CA ASP A 404 -20.59 -29.21 2.50
C ASP A 404 -21.62 -28.09 2.35
N ASP A 405 -22.52 -28.24 1.38
CA ASP A 405 -23.55 -27.23 1.15
C ASP A 405 -24.47 -27.08 2.36
N GLU A 406 -24.85 -28.18 3.02
N GLU A 406 -24.85 -28.18 3.00
CA GLU A 406 -25.64 -28.09 4.25
CA GLU A 406 -25.59 -28.14 4.24
C GLU A 406 -24.87 -27.38 5.35
C GLU A 406 -24.86 -27.36 5.32
N ALA A 407 -23.57 -27.66 5.48
CA ALA A 407 -22.76 -26.99 6.50
C ALA A 407 -22.72 -25.48 6.28
N LEU A 408 -22.63 -25.10 5.01
CA LEU A 408 -22.60 -23.69 4.62
C LEU A 408 -23.94 -23.04 4.90
N ALA A 409 -25.01 -23.74 4.52
CA ALA A 409 -26.35 -23.21 4.75
C ALA A 409 -26.56 -22.98 6.26
N ILE A 410 -26.18 -23.95 7.08
CA ILE A 410 -26.29 -23.78 8.53
C ILE A 410 -25.44 -22.58 8.99
N ALA A 411 -24.19 -22.53 8.57
CA ALA A 411 -23.28 -21.49 8.98
C ALA A 411 -23.90 -20.13 8.77
N ASN A 412 -24.52 -19.95 7.60
CA ASN A 412 -25.04 -18.66 7.18
C ASN A 412 -26.50 -18.43 7.58
N ALA A 413 -27.09 -19.31 8.40
CA ALA A 413 -28.53 -19.25 8.74
C ALA A 413 -28.93 -18.29 9.87
N THR A 414 -27.97 -17.56 10.46
CA THR A 414 -28.31 -16.62 11.53
C THR A 414 -28.31 -15.17 11.06
N GLU A 415 -28.65 -14.27 11.97
CA GLU A 415 -28.62 -12.85 11.66
C GLU A 415 -27.25 -12.21 11.86
N TYR A 416 -26.27 -13.01 12.27
CA TYR A 416 -24.96 -12.52 12.61
C TYR A 416 -23.92 -12.95 11.57
N GLY A 417 -22.82 -12.22 11.52
CA GLY A 417 -21.67 -12.56 10.68
C GLY A 417 -20.37 -11.94 11.21
N LEU A 418 -19.91 -12.41 12.37
CA LEU A 418 -18.73 -11.87 13.00
C LEU A 418 -17.55 -12.84 12.71
N GLY A 419 -17.40 -13.89 13.51
CA GLY A 419 -16.38 -14.91 13.27
C GLY A 419 -17.01 -16.23 12.86
N SER A 420 -16.16 -17.18 12.48
CA SER A 420 -16.55 -18.46 11.98
C SER A 420 -15.29 -19.30 11.88
N GLY A 421 -15.45 -20.62 11.77
CA GLY A 421 -14.31 -21.45 11.50
C GLY A 421 -14.70 -22.87 11.21
N LEU A 422 -13.70 -23.63 10.77
CA LEU A 422 -13.96 -24.99 10.35
C LEU A 422 -12.72 -25.82 10.51
N TRP A 423 -12.94 -27.12 10.60
CA TRP A 423 -11.85 -28.07 10.75
C TRP A 423 -11.95 -29.12 9.67
N THR A 424 -10.93 -29.20 8.84
CA THR A 424 -10.87 -30.17 7.77
C THR A 424 -9.43 -30.24 7.35
N ASN A 425 -9.07 -31.29 6.60
CA ASN A 425 -7.77 -31.34 6.00
C ASN A 425 -7.77 -31.32 4.48
N ASP A 426 -8.94 -31.05 3.90
CA ASP A 426 -9.05 -30.94 2.46
C ASP A 426 -8.76 -29.49 2.08
N LEU A 427 -7.72 -29.35 1.27
CA LEU A 427 -7.25 -28.08 0.76
C LEU A 427 -8.33 -27.23 0.11
N SER A 428 -8.99 -27.77 -0.94
CA SER A 428 -10.00 -26.98 -1.68
C SER A 428 -11.16 -26.57 -0.77
N ARG A 429 -11.65 -27.51 0.03
CA ARG A 429 -12.79 -27.24 0.90
C ARG A 429 -12.47 -26.10 1.85
N ALA A 430 -11.27 -26.11 2.44
CA ALA A 430 -10.91 -25.07 3.41
C ALA A 430 -11.09 -23.67 2.82
N HIS A 431 -10.52 -23.45 1.64
CA HIS A 431 -10.53 -22.11 1.09
C HIS A 431 -11.89 -21.76 0.50
N ARG A 432 -12.56 -22.75 -0.08
CA ARG A 432 -13.87 -22.55 -0.68
C ARG A 432 -14.89 -22.17 0.41
N MET A 433 -14.92 -22.97 1.47
CA MET A 433 -15.81 -22.68 2.59
C MET A 433 -15.48 -21.31 3.22
N ALA A 434 -14.19 -21.02 3.42
CA ALA A 434 -13.82 -19.72 4.04
C ALA A 434 -14.38 -18.53 3.24
N ALA A 435 -14.33 -18.65 1.91
CA ALA A 435 -14.80 -17.58 1.02
C ALA A 435 -16.32 -17.37 1.09
N ARG A 436 -17.07 -18.44 1.38
CA ARG A 436 -18.55 -18.44 1.28
C ARG A 436 -19.29 -18.20 2.59
N ILE A 437 -18.61 -18.38 3.70
CA ILE A 437 -19.21 -18.13 5.00
C ILE A 437 -19.32 -16.64 5.22
N ASP A 438 -20.49 -16.19 5.66
CA ASP A 438 -20.75 -14.79 6.01
C ASP A 438 -20.11 -14.43 7.32
N ALA A 439 -18.92 -13.85 7.28
CA ALA A 439 -18.24 -13.49 8.49
C ALA A 439 -17.07 -12.60 8.13
N GLY A 440 -16.65 -11.79 9.09
CA GLY A 440 -15.45 -10.97 8.90
C GLY A 440 -14.16 -11.75 9.08
N MET A 441 -14.26 -12.91 9.75
CA MET A 441 -13.12 -13.72 10.12
CA MET A 441 -13.10 -13.74 10.12
C MET A 441 -13.47 -15.20 10.02
N CYS A 442 -12.54 -16.00 9.49
CA CYS A 442 -12.74 -17.44 9.37
C CYS A 442 -11.44 -18.14 9.78
N TRP A 443 -11.53 -19.00 10.78
CA TRP A 443 -10.39 -19.73 11.31
C TRP A 443 -10.46 -21.16 10.86
N ILE A 444 -9.38 -21.63 10.22
CA ILE A 444 -9.30 -22.99 9.70
C ILE A 444 -8.32 -23.79 10.54
N ASN A 445 -8.81 -24.87 11.14
CA ASN A 445 -8.03 -25.72 12.05
C ASN A 445 -7.48 -24.98 13.29
N CYS A 446 -8.23 -23.98 13.72
CA CYS A 446 -7.93 -23.16 14.88
C CYS A 446 -9.20 -22.37 15.15
N TYR A 447 -9.23 -21.61 16.22
CA TYR A 447 -10.36 -20.73 16.50
C TYR A 447 -9.94 -19.58 17.40
N LYS A 448 -10.59 -18.44 17.22
CA LYS A 448 -10.32 -17.24 18.00
C LYS A 448 -8.86 -16.81 17.95
N ARG A 449 -8.21 -16.93 16.80
CA ARG A 449 -6.89 -16.35 16.68
C ARG A 449 -7.06 -14.86 16.42
N VAL A 450 -6.44 -14.08 17.30
CA VAL A 450 -6.47 -12.61 17.20
CA VAL A 450 -6.47 -12.61 17.27
C VAL A 450 -5.03 -12.09 17.26
N ASN A 451 -4.73 -11.11 16.40
CA ASN A 451 -3.42 -10.51 16.31
C ASN A 451 -3.64 -9.03 16.06
N PRO A 452 -2.80 -8.16 16.64
CA PRO A 452 -3.11 -6.73 16.50
C PRO A 452 -2.88 -6.13 15.13
N GLY A 453 -2.32 -6.89 14.18
CA GLY A 453 -2.32 -6.49 12.80
C GLY A 453 -3.38 -7.12 11.93
N SER A 454 -4.19 -8.04 12.49
CA SER A 454 -5.15 -8.78 11.70
C SER A 454 -6.56 -8.24 11.88
N PRO A 455 -7.16 -7.66 10.82
CA PRO A 455 -8.42 -6.91 11.03
C PRO A 455 -9.53 -7.79 11.59
N PHE A 456 -10.24 -7.21 12.54
CA PHE A 456 -11.24 -7.88 13.33
C PHE A 456 -12.56 -7.09 13.28
N GLY A 457 -13.61 -7.75 12.83
CA GLY A 457 -14.93 -7.10 12.79
C GLY A 457 -15.90 -7.93 12.00
N GLY A 458 -17.10 -7.40 11.84
CA GLY A 458 -18.20 -8.18 11.31
C GLY A 458 -18.71 -7.65 9.98
N VAL A 459 -19.68 -8.36 9.46
CA VAL A 459 -20.46 -7.93 8.31
C VAL A 459 -21.94 -7.94 8.70
N GLY A 460 -22.78 -7.37 7.83
CA GLY A 460 -24.21 -7.26 8.07
C GLY A 460 -24.56 -6.66 9.43
N LYS A 461 -25.47 -7.31 10.14
CA LYS A 461 -25.91 -6.81 11.44
C LYS A 461 -24.89 -7.00 12.57
N SER A 462 -23.77 -7.66 12.27
CA SER A 462 -22.67 -7.73 13.24
C SER A 462 -21.84 -6.43 13.25
N GLY A 463 -22.14 -5.49 12.35
CA GLY A 463 -21.58 -4.16 12.37
C GLY A 463 -20.67 -3.85 11.23
N TYR A 464 -19.86 -2.82 11.44
CA TYR A 464 -18.94 -2.34 10.46
C TYR A 464 -17.76 -1.62 11.11
N GLY A 465 -16.68 -1.54 10.36
CA GLY A 465 -15.43 -1.04 10.84
C GLY A 465 -14.60 -2.24 11.28
N ARG A 466 -13.30 -2.00 11.48
CA ARG A 466 -12.39 -3.06 11.91
C ARG A 466 -11.48 -2.58 13.04
N GLU A 467 -11.28 -3.45 14.01
CA GLU A 467 -10.20 -3.33 14.97
C GLU A 467 -8.96 -3.89 14.29
N MET A 468 -7.79 -3.46 14.78
CA MET A 468 -6.49 -4.00 14.41
C MET A 468 -5.94 -3.49 13.06
N GLY A 469 -4.63 -3.50 12.96
CA GLY A 469 -3.96 -3.34 11.70
C GLY A 469 -4.02 -1.97 11.07
N PHE A 470 -3.59 -1.94 9.81
CA PHE A 470 -3.77 -0.75 8.99
C PHE A 470 -5.24 -0.38 8.83
N GLU A 471 -6.10 -1.36 8.88
CA GLU A 471 -7.53 -1.13 8.76
C GLU A 471 -8.05 -0.22 9.88
N ALA A 472 -7.63 -0.47 11.11
CA ALA A 472 -8.02 0.38 12.24
C ALA A 472 -7.43 1.78 12.06
N MET A 473 -6.19 1.86 11.61
CA MET A 473 -5.58 3.20 11.35
C MET A 473 -6.34 3.97 10.31
N HIS A 474 -6.79 3.30 9.26
CA HIS A 474 -7.61 3.97 8.25
C HIS A 474 -8.92 4.54 8.85
N ASP A 475 -9.60 3.73 9.66
CA ASP A 475 -10.88 4.08 10.25
C ASP A 475 -10.71 5.15 11.36
N TYR A 476 -9.50 5.39 11.84
CA TYR A 476 -9.22 6.47 12.79
C TYR A 476 -8.54 7.71 12.17
N THR A 477 -8.53 7.78 10.84
CA THR A 477 -8.02 8.96 10.15
C THR A 477 -8.99 9.37 9.05
N GLU A 478 -8.71 10.52 8.46
CA GLU A 478 -9.50 11.02 7.34
C GLU A 478 -8.56 11.49 6.26
N ALA A 479 -8.98 11.36 5.02
CA ALA A 479 -8.17 11.83 3.90
C ALA A 479 -8.25 13.36 3.80
N ARG A 480 -7.07 13.99 3.70
CA ARG A 480 -6.94 15.44 3.50
C ARG A 480 -6.17 15.64 2.21
N SER A 481 -6.88 16.01 1.14
CA SER A 481 -6.29 16.11 -0.18
C SER A 481 -5.89 17.56 -0.46
N VAL A 482 -4.63 17.78 -0.80
CA VAL A 482 -4.12 19.12 -1.05
C VAL A 482 -3.62 19.15 -2.50
N TRP A 483 -4.04 20.15 -3.23
CA TRP A 483 -3.64 20.34 -4.64
C TRP A 483 -2.81 21.59 -4.76
N VAL A 484 -1.63 21.47 -5.36
CA VAL A 484 -0.86 22.66 -5.74
C VAL A 484 -0.81 22.83 -7.26
N ASN A 485 -1.33 23.95 -7.75
CA ASN A 485 -1.18 24.28 -9.15
C ASN A 485 0.20 24.91 -9.39
N VAL A 486 1.16 24.09 -9.78
CA VAL A 486 2.55 24.52 -9.96
C VAL A 486 2.70 25.12 -11.35
N ASP A 487 2.29 24.35 -12.36
CA ASP A 487 2.36 24.78 -13.77
C ASP A 487 1.18 24.32 -14.61
N GLY A 488 -0.01 24.32 -14.01
CA GLY A 488 -1.18 23.78 -14.66
C GLY A 488 -1.66 24.56 -15.86
N ASN A 489 -1.39 25.86 -15.88
CA ASN A 489 -1.78 26.68 -17.05
C ASN A 489 -3.27 26.51 -17.46
N VAL A 490 -4.15 26.74 -16.49
CA VAL A 490 -5.59 26.63 -16.62
C VAL A 490 -6.16 27.82 -17.41
N PRO A 491 -6.78 27.56 -18.58
CA PRO A 491 -7.35 28.71 -19.29
C PRO A 491 -8.52 29.35 -18.55
N PRO A 492 -8.68 30.67 -18.69
CA PRO A 492 -9.84 31.26 -18.05
C PRO A 492 -11.11 30.60 -18.55
N HIS A 493 -12.06 30.41 -17.65
CA HIS A 493 -13.33 29.83 -18.03
C HIS A 493 -14.19 30.81 -18.80
N PHE A 494 -14.12 32.08 -18.42
CA PHE A 494 -14.88 33.12 -19.10
C PHE A 494 -13.86 33.92 -19.87
N LYS A 495 -13.77 33.64 -21.16
CA LYS A 495 -12.70 34.16 -22.03
C LYS A 495 -13.00 35.61 -22.38
N ARG A 496 -12.01 36.46 -22.18
CA ARG A 496 -12.18 37.89 -22.39
C ARG A 496 -10.96 38.44 -23.11
N HIS B 8 35.01 -2.56 29.37
CA HIS B 8 36.02 -3.23 28.51
C HIS B 8 35.70 -3.11 27.01
N MET B 9 36.58 -2.47 26.26
CA MET B 9 36.36 -2.24 24.82
C MET B 9 36.58 -3.52 24.01
N GLN B 10 35.57 -3.97 23.27
CA GLN B 10 35.68 -5.16 22.41
C GLN B 10 36.44 -4.82 21.14
N THR B 11 37.33 -5.72 20.74
CA THR B 11 38.20 -5.50 19.59
C THR B 11 38.25 -6.66 18.63
N GLN B 12 37.60 -7.76 18.96
CA GLN B 12 37.65 -8.94 18.11
C GLN B 12 36.52 -9.00 17.07
N LEU B 13 36.57 -9.99 16.18
CA LEU B 13 35.46 -10.30 15.29
C LEU B 13 34.32 -10.80 16.13
N PHE B 14 33.08 -10.61 15.67
CA PHE B 14 31.91 -11.22 16.31
C PHE B 14 31.28 -12.17 15.33
N ILE B 15 31.37 -13.47 15.66
CA ILE B 15 30.96 -14.54 14.77
C ILE B 15 30.23 -15.58 15.61
N ASP B 16 29.00 -15.92 15.17
CA ASP B 16 28.18 -16.94 15.79
C ASP B 16 28.06 -16.70 17.30
N GLY B 17 27.76 -15.44 17.64
CA GLY B 17 27.43 -15.11 19.03
C GLY B 17 28.60 -14.93 19.96
N ARG B 18 29.82 -14.95 19.43
CA ARG B 18 31.01 -14.87 20.26
C ARG B 18 32.04 -13.89 19.66
N PHE B 19 32.75 -13.18 20.53
CA PHE B 19 33.94 -12.44 20.11
C PHE B 19 35.12 -13.39 19.94
N VAL B 20 35.73 -13.35 18.75
CA VAL B 20 36.81 -14.26 18.40
C VAL B 20 37.93 -13.58 17.62
N ASP B 21 39.14 -14.09 17.78
CA ASP B 21 40.24 -13.63 16.93
C ASP B 21 40.01 -14.09 15.48
N ALA B 22 40.72 -13.45 14.57
CA ALA B 22 40.73 -13.85 13.17
C ALA B 22 41.46 -15.16 13.00
N VAL B 23 41.06 -15.96 12.02
CA VAL B 23 41.71 -17.28 11.70
C VAL B 23 43.24 -17.14 11.54
N ASP B 24 43.68 -16.17 10.75
CA ASP B 24 45.12 -15.94 10.53
C ASP B 24 45.79 -15.11 11.65
N ARG B 25 45.01 -14.71 12.64
CA ARG B 25 45.48 -13.94 13.78
C ARG B 25 46.00 -12.53 13.44
N GLY B 26 45.62 -11.98 12.29
CA GLY B 26 46.03 -10.66 11.86
C GLY B 26 45.33 -9.59 12.66
N THR B 27 45.95 -8.42 12.70
CA THR B 27 45.34 -7.30 13.36
C THR B 27 45.51 -6.03 12.53
N ILE B 28 44.72 -5.03 12.86
CA ILE B 28 44.83 -3.70 12.31
C ILE B 28 44.84 -2.68 13.45
N ASP B 29 45.66 -1.64 13.30
CA ASP B 29 45.78 -0.56 14.28
C ASP B 29 44.67 0.48 14.02
N VAL B 30 43.93 0.82 15.07
CA VAL B 30 42.87 1.82 14.96
C VAL B 30 43.35 3.12 15.59
N LEU B 31 43.26 4.17 14.81
CA LEU B 31 43.90 5.44 15.19
C LEU B 31 42.86 6.45 15.67
N ASN B 32 43.29 7.32 16.58
CA ASN B 32 42.52 8.46 16.99
C ASN B 32 42.94 9.65 16.12
N PRO B 33 42.03 10.19 15.31
CA PRO B 33 42.40 11.24 14.36
C PRO B 33 42.72 12.58 14.98
N HIS B 34 42.47 12.77 16.27
CA HIS B 34 42.90 13.96 16.99
C HIS B 34 44.41 14.07 17.01
N ASP B 35 45.09 12.93 17.13
CA ASP B 35 46.55 12.93 17.25
C ASP B 35 47.34 11.79 16.62
N GLY B 36 46.67 10.93 15.87
CA GLY B 36 47.33 9.81 15.23
C GLY B 36 47.73 8.70 16.17
N SER B 37 47.25 8.74 17.40
CA SER B 37 47.64 7.74 18.40
C SER B 37 46.91 6.44 18.11
N VAL B 38 47.53 5.32 18.48
CA VAL B 38 46.91 4.02 18.30
C VAL B 38 46.02 3.76 19.52
N ILE B 39 44.72 3.74 19.26
CA ILE B 39 43.76 3.45 20.30
C ILE B 39 43.84 1.99 20.73
N THR B 40 43.89 1.09 19.75
CA THR B 40 43.88 -0.33 20.01
C THR B 40 44.18 -1.04 18.71
N LYS B 41 44.57 -2.30 18.81
CA LYS B 41 44.45 -3.22 17.68
C LYS B 41 43.07 -3.83 17.65
N ILE B 42 42.58 -4.13 16.45
CA ILE B 42 41.42 -5.00 16.27
C ILE B 42 41.82 -6.26 15.52
N ALA B 43 41.03 -7.31 15.65
CA ALA B 43 41.22 -8.49 14.82
C ALA B 43 40.86 -8.10 13.40
N ALA B 44 41.61 -8.65 12.43
CA ALA B 44 41.51 -8.31 11.03
C ALA B 44 40.95 -9.49 10.23
N ALA B 45 39.67 -9.43 9.88
CA ALA B 45 39.03 -10.51 9.14
C ALA B 45 39.59 -10.66 7.72
N THR B 46 39.76 -11.91 7.30
CA THR B 46 40.12 -12.24 5.93
C THR B 46 39.05 -13.16 5.38
N ALA B 47 39.24 -13.65 4.16
CA ALA B 47 38.26 -14.55 3.53
C ALA B 47 37.78 -15.66 4.45
N ALA B 48 38.70 -16.30 5.18
CA ALA B 48 38.31 -17.48 5.98
C ALA B 48 37.34 -17.11 7.09
N ASP B 49 37.52 -15.92 7.65
CA ASP B 49 36.61 -15.38 8.68
C ASP B 49 35.25 -15.00 8.11
N VAL B 50 35.25 -14.42 6.91
CA VAL B 50 34.00 -14.15 6.21
C VAL B 50 33.21 -15.45 5.97
N ASP B 51 33.90 -16.49 5.53
CA ASP B 51 33.28 -17.82 5.40
C ASP B 51 32.68 -18.33 6.70
N LEU B 52 33.41 -18.21 7.81
CA LEU B 52 32.83 -18.61 9.08
C LEU B 52 31.60 -17.78 9.47
N ALA B 53 31.63 -16.48 9.14
CA ALA B 53 30.53 -15.61 9.45
C ALA B 53 29.29 -15.94 8.61
N VAL B 54 29.49 -16.16 7.33
CA VAL B 54 28.40 -16.53 6.44
C VAL B 54 27.83 -17.90 6.88
N ASP B 55 28.69 -18.84 7.23
CA ASP B 55 28.23 -20.14 7.72
C ASP B 55 27.35 -19.98 8.98
N ALA B 56 27.77 -19.14 9.93
CA ALA B 56 26.98 -18.89 11.13
C ALA B 56 25.61 -18.29 10.82
N ALA B 57 25.60 -17.33 9.88
CA ALA B 57 24.38 -16.66 9.44
C ALA B 57 23.44 -17.62 8.70
N THR B 58 24.04 -18.52 7.92
CA THR B 58 23.27 -19.54 7.22
C THR B 58 22.58 -20.48 8.20
N ARG B 59 23.33 -20.97 9.19
CA ARG B 59 22.76 -21.83 10.21
C ARG B 59 21.63 -21.15 10.99
N ALA B 60 21.78 -19.86 11.26
CA ALA B 60 20.81 -19.12 12.07
C ALA B 60 19.57 -18.67 11.28
N PHE B 61 19.68 -18.60 9.96
CA PHE B 61 18.61 -18.03 9.14
C PHE B 61 17.25 -18.73 9.29
N PRO B 62 17.21 -20.07 9.24
CA PRO B 62 15.89 -20.71 9.36
C PRO B 62 15.11 -20.32 10.61
N ALA B 63 15.76 -20.35 11.77
CA ALA B 63 15.08 -20.03 13.04
C ALA B 63 14.78 -18.52 13.17
N TRP B 64 15.66 -17.69 12.63
CA TRP B 64 15.44 -16.26 12.64
C TRP B 64 14.28 -15.84 11.75
N SER B 65 14.25 -16.38 10.54
N SER B 65 14.25 -16.37 10.53
CA SER B 65 13.17 -16.13 9.62
CA SER B 65 13.13 -16.13 9.63
C SER B 65 11.82 -16.71 10.12
C SER B 65 11.82 -16.66 10.21
N ALA B 66 11.87 -17.83 10.85
CA ALA B 66 10.65 -18.46 11.38
C ALA B 66 10.09 -17.79 12.63
N MET B 67 10.93 -17.03 13.31
CA MET B 67 10.53 -16.21 14.46
C MET B 67 9.40 -15.27 14.02
N PRO B 68 8.36 -15.10 14.86
CA PRO B 68 7.34 -14.15 14.48
C PRO B 68 7.98 -12.79 14.26
N ALA B 69 7.47 -12.04 13.29
CA ALA B 69 7.96 -10.71 13.00
C ALA B 69 7.95 -9.80 14.24
N ALA B 70 6.89 -9.87 15.03
CA ALA B 70 6.81 -9.09 16.26
C ALA B 70 7.97 -9.38 17.20
N GLU B 71 8.47 -10.61 17.24
N GLU B 71 8.45 -10.63 17.21
CA GLU B 71 9.55 -10.89 18.20
CA GLU B 71 9.54 -11.04 18.11
C GLU B 71 10.93 -10.50 17.64
C GLU B 71 10.87 -10.47 17.63
N ARG B 72 11.10 -10.48 16.31
CA ARG B 72 12.29 -9.82 15.72
C ARG B 72 12.21 -8.33 16.05
N GLY B 73 11.02 -7.78 15.93
CA GLY B 73 10.79 -6.37 16.25
C GLY B 73 11.13 -6.04 17.71
N ARG B 74 10.66 -6.87 18.64
CA ARG B 74 10.92 -6.63 20.05
C ARG B 74 12.43 -6.54 20.34
N LEU B 75 13.23 -7.39 19.70
CA LEU B 75 14.68 -7.37 19.91
C LEU B 75 15.25 -6.03 19.45
N LEU B 76 14.80 -5.52 18.30
CA LEU B 76 15.28 -4.22 17.80
C LEU B 76 14.83 -3.09 18.72
N LEU B 77 13.61 -3.19 19.25
CA LEU B 77 13.13 -2.21 20.23
C LEU B 77 14.00 -2.21 21.45
N ARG B 78 14.31 -3.41 21.95
CA ARG B 78 15.16 -3.49 23.13
C ARG B 78 16.56 -2.94 22.84
N LEU B 79 17.06 -3.20 21.63
CA LEU B 79 18.37 -2.64 21.23
C LEU B 79 18.35 -1.11 21.26
N ALA B 80 17.29 -0.50 20.70
CA ALA B 80 17.18 0.96 20.72
C ALA B 80 17.24 1.48 22.15
N ASP B 81 16.53 0.81 23.07
CA ASP B 81 16.56 1.24 24.46
C ASP B 81 17.96 1.10 25.07
N ALA B 82 18.64 0.00 24.75
CA ALA B 82 19.97 -0.23 25.28
C ALA B 82 20.99 0.81 24.77
N ILE B 83 20.86 1.18 23.51
CA ILE B 83 21.71 2.25 22.94
C ILE B 83 21.53 3.56 23.72
N GLU B 84 20.28 3.97 23.91
CA GLU B 84 19.98 5.18 24.68
C GLU B 84 20.53 5.12 26.10
N ALA B 85 20.40 3.96 26.75
CA ALA B 85 20.93 3.76 28.10
C ALA B 85 22.44 3.87 28.14
N ASN B 86 23.08 3.64 27.01
CA ASN B 86 24.52 3.75 26.91
C ASN B 86 25.00 4.99 26.14
N THR B 87 24.17 6.02 26.07
CA THR B 87 24.44 7.19 25.21
C THR B 87 25.82 7.73 25.43
N GLU B 88 26.19 8.00 26.69
CA GLU B 88 27.46 8.71 26.92
C GLU B 88 28.65 7.86 26.49
N ALA B 89 28.65 6.59 26.91
CA ALA B 89 29.79 5.73 26.60
C ALA B 89 29.91 5.49 25.10
N LEU B 90 28.78 5.35 24.45
CA LEU B 90 28.78 5.15 23.00
C LEU B 90 29.28 6.42 22.26
N ALA B 91 28.83 7.58 22.74
CA ALA B 91 29.23 8.85 22.15
C ALA B 91 30.73 9.06 22.27
N GLN B 92 31.26 8.82 23.46
CA GLN B 92 32.70 8.95 23.71
C GLN B 92 33.50 8.03 22.78
N LEU B 93 33.07 6.78 22.65
CA LEU B 93 33.79 5.79 21.84
C LEU B 93 33.75 6.20 20.37
N GLU B 94 32.57 6.59 19.89
CA GLU B 94 32.42 7.06 18.50
C GLU B 94 33.33 8.27 18.24
N SER B 95 33.31 9.25 19.14
CA SER B 95 34.14 10.45 19.00
C SER B 95 35.62 10.13 19.01
N LEU B 96 36.03 9.19 19.87
CA LEU B 96 37.43 8.79 19.98
C LEU B 96 37.96 8.21 18.65
N ASP B 97 37.15 7.35 18.04
CA ASP B 97 37.46 6.61 16.82
C ASP B 97 37.38 7.48 15.57
N THR B 98 36.35 8.34 15.50
CA THR B 98 35.96 8.98 14.23
C THR B 98 36.44 10.42 14.14
N GLY B 99 36.68 11.07 15.27
CA GLY B 99 36.93 12.49 15.29
C GLY B 99 35.67 13.35 15.35
N HIS B 100 34.48 12.75 15.36
CA HIS B 100 33.26 13.55 15.49
C HIS B 100 33.28 14.29 16.82
N PRO B 101 33.01 15.60 16.82
CA PRO B 101 32.91 16.30 18.11
C PRO B 101 31.98 15.54 19.04
N ILE B 102 32.30 15.49 20.33
CA ILE B 102 31.44 14.85 21.31
C ILE B 102 30.01 15.45 21.34
N ARG B 103 29.88 16.72 21.04
CA ARG B 103 28.58 17.31 21.07
C ARG B 103 27.71 16.68 19.96
N ASP B 104 28.34 16.30 18.84
CA ASP B 104 27.65 15.71 17.69
C ASP B 104 27.35 14.22 17.95
N SER B 105 28.31 13.50 18.50
CA SER B 105 28.07 12.11 18.72
C SER B 105 26.98 11.93 19.81
N ARG B 106 26.90 12.86 20.76
CA ARG B 106 25.85 12.82 21.79
C ARG B 106 24.50 13.23 21.22
N ALA B 107 24.47 14.31 20.45
CA ALA B 107 23.20 14.85 19.96
C ALA B 107 22.69 14.24 18.66
N LEU B 108 23.57 13.71 17.83
CA LEU B 108 23.17 13.23 16.53
C LEU B 108 23.50 11.72 16.33
N ASP B 109 24.78 11.32 16.43
CA ASP B 109 25.17 9.94 16.14
C ASP B 109 24.36 8.92 16.97
N VAL B 110 24.37 9.07 18.29
CA VAL B 110 23.68 8.10 19.13
C VAL B 110 22.15 8.15 18.99
N PRO B 111 21.54 9.34 19.10
CA PRO B 111 20.08 9.39 18.91
C PRO B 111 19.53 8.92 17.53
N ARG B 112 20.21 9.26 16.44
CA ARG B 112 19.76 8.81 15.12
C ARG B 112 19.85 7.30 15.02
N THR B 113 20.89 6.74 15.65
CA THR B 113 21.11 5.30 15.59
C THR B 113 19.97 4.59 16.36
N ALA B 114 19.70 5.04 17.58
CA ALA B 114 18.60 4.51 18.37
C ALA B 114 17.24 4.69 17.67
N ALA B 115 17.02 5.85 17.07
CA ALA B 115 15.74 6.12 16.41
C ALA B 115 15.50 5.18 15.24
N CYS B 116 16.55 4.88 14.49
CA CYS B 116 16.42 4.03 13.31
C CYS B 116 16.19 2.58 13.74
N PHE B 117 16.95 2.06 14.70
CA PHE B 117 16.62 0.75 15.25
C PHE B 117 15.18 0.69 15.79
N ARG B 118 14.73 1.74 16.50
CA ARG B 118 13.40 1.72 17.08
C ARG B 118 12.36 1.69 15.96
N TYR B 119 12.57 2.51 14.93
CA TYR B 119 11.67 2.52 13.79
C TYR B 119 11.50 1.12 13.19
N PHE B 120 12.62 0.47 12.92
CA PHE B 120 12.58 -0.87 12.35
C PHE B 120 12.06 -1.94 13.28
N GLY B 121 12.21 -1.78 14.59
CA GLY B 121 11.61 -2.67 15.55
C GLY B 121 10.09 -2.63 15.45
N GLY B 122 9.55 -1.43 15.25
CA GLY B 122 8.12 -1.24 15.06
C GLY B 122 7.67 -1.67 13.68
N MET B 123 8.57 -1.59 12.70
CA MET B 123 8.29 -1.97 11.32
C MET B 123 8.20 -3.47 11.04
N ALA B 124 8.88 -4.29 11.84
CA ALA B 124 9.08 -5.72 11.51
C ALA B 124 7.77 -6.43 11.15
N ASP B 125 6.76 -6.23 11.99
CA ASP B 125 5.46 -6.84 11.75
C ASP B 125 4.44 -5.93 11.07
N LYS B 126 4.89 -4.87 10.41
CA LYS B 126 4.01 -4.02 9.61
C LYS B 126 4.15 -4.25 8.11
N LEU B 127 5.18 -4.98 7.69
CA LEU B 127 5.33 -5.32 6.29
C LEU B 127 4.34 -6.47 6.00
N GLN B 128 3.50 -6.29 5.00
CA GLN B 128 2.46 -7.23 4.70
C GLN B 128 2.59 -7.69 3.26
N GLY B 129 2.11 -8.91 3.01
CA GLY B 129 1.99 -9.42 1.66
C GLY B 129 0.73 -8.98 0.99
N SER B 130 0.39 -9.64 -0.11
CA SER B 130 -0.76 -9.26 -0.90
C SER B 130 -1.53 -10.48 -1.41
N VAL B 131 -2.77 -10.25 -1.82
CA VAL B 131 -3.60 -11.24 -2.46
C VAL B 131 -4.04 -10.65 -3.78
N ILE B 132 -3.74 -11.38 -4.84
CA ILE B 132 -3.92 -10.89 -6.20
C ILE B 132 -5.24 -11.36 -6.80
N PRO B 133 -6.03 -10.44 -7.44
CA PRO B 133 -7.25 -10.89 -8.07
C PRO B 133 -6.92 -11.60 -9.38
N VAL B 134 -7.23 -12.87 -9.43
CA VAL B 134 -6.88 -13.69 -10.60
C VAL B 134 -8.09 -14.44 -11.12
N ASP B 135 -7.85 -15.39 -12.02
CA ASP B 135 -8.95 -16.17 -12.58
C ASP B 135 -9.84 -16.79 -11.53
N THR B 136 -11.10 -16.96 -11.89
CA THR B 136 -12.08 -17.59 -11.03
C THR B 136 -11.64 -18.95 -10.58
N GLY B 137 -11.77 -19.19 -9.27
CA GLY B 137 -11.45 -20.49 -8.68
C GLY B 137 -9.99 -20.65 -8.23
N PHE B 138 -9.19 -19.59 -8.41
CA PHE B 138 -7.80 -19.60 -7.92
C PHE B 138 -7.59 -18.59 -6.79
N LEU B 139 -6.78 -18.97 -5.83
CA LEU B 139 -6.30 -18.07 -4.77
C LEU B 139 -4.81 -17.80 -5.01
N ASN B 140 -4.41 -16.54 -5.09
CA ASN B 140 -3.00 -16.22 -5.29
C ASN B 140 -2.57 -15.26 -4.19
N TYR B 141 -1.78 -15.75 -3.23
CA TYR B 141 -1.23 -14.86 -2.24
C TYR B 141 0.29 -14.73 -2.42
N VAL B 142 0.80 -13.57 -2.03
CA VAL B 142 2.20 -13.23 -2.21
C VAL B 142 2.77 -12.82 -0.86
N GLN B 143 3.84 -13.50 -0.46
CA GLN B 143 4.56 -13.13 0.74
C GLN B 143 5.75 -12.29 0.40
N ARG B 144 6.11 -11.39 1.32
CA ARG B 144 7.42 -10.75 1.27
C ARG B 144 8.36 -11.53 2.17
N ALA B 145 9.09 -12.46 1.59
CA ALA B 145 9.98 -13.32 2.39
C ALA B 145 11.37 -12.69 2.48
N PRO B 146 12.12 -12.96 3.58
CA PRO B 146 13.49 -12.48 3.60
C PRO B 146 14.32 -13.12 2.49
N ILE B 147 15.43 -12.48 2.13
CA ILE B 147 16.34 -12.97 1.07
C ILE B 147 17.16 -14.15 1.58
N GLY B 148 17.67 -14.03 2.80
CA GLY B 148 18.55 -15.04 3.41
C GLY B 148 19.67 -14.38 4.21
N VAL B 149 20.92 -14.74 3.87
CA VAL B 149 22.09 -14.07 4.43
C VAL B 149 22.45 -12.85 3.56
N VAL B 150 22.52 -11.70 4.21
CA VAL B 150 22.82 -10.48 3.50
C VAL B 150 24.16 -9.95 4.01
N GLY B 151 24.95 -9.48 3.06
CA GLY B 151 26.25 -8.90 3.32
C GLY B 151 26.18 -7.38 3.22
N GLN B 152 26.85 -6.69 4.13
CA GLN B 152 26.76 -5.22 4.21
C GLN B 152 28.13 -4.65 4.45
N ILE B 153 28.49 -3.68 3.62
CA ILE B 153 29.83 -3.07 3.68
C ILE B 153 29.61 -1.58 3.85
N VAL B 154 30.19 -1.05 4.94
CA VAL B 154 29.97 0.35 5.26
CA VAL B 154 29.92 0.26 5.50
C VAL B 154 31.22 1.12 5.58
N PRO B 155 31.19 2.42 5.22
CA PRO B 155 32.35 3.25 5.34
C PRO B 155 32.49 3.89 6.72
N TRP B 156 33.45 4.82 6.83
CA TRP B 156 33.93 5.27 8.13
C TRP B 156 33.32 6.59 8.59
N ASN B 157 32.40 7.19 7.82
CA ASN B 157 31.97 8.55 8.15
C ASN B 157 30.86 8.67 9.18
N PHE B 158 29.96 7.69 9.22
CA PHE B 158 28.91 7.61 10.26
C PHE B 158 28.76 6.13 10.72
N PRO B 159 29.85 5.55 11.27
CA PRO B 159 29.85 4.11 11.56
C PRO B 159 28.74 3.66 12.49
N LEU B 160 28.54 4.37 13.61
CA LEU B 160 27.48 4.00 14.53
C LEU B 160 26.11 4.07 13.85
N MET B 161 25.84 5.19 13.19
CA MET B 161 24.55 5.38 12.55
C MET B 161 24.30 4.34 11.48
N PHE B 162 25.34 4.01 10.73
CA PHE B 162 25.21 3.02 9.68
C PHE B 162 24.82 1.65 10.17
N THR B 163 25.17 1.30 11.40
CA THR B 163 24.75 0.02 11.96
C THR B 163 23.22 -0.08 11.89
N SER B 164 22.57 1.01 12.27
CA SER B 164 21.10 1.05 12.27
C SER B 164 20.53 1.11 10.86
N TRP B 165 21.12 1.94 10.01
CA TRP B 165 20.59 2.10 8.64
C TRP B 165 20.65 0.78 7.88
N LYS B 166 21.75 0.06 8.02
CA LYS B 166 21.91 -1.25 7.39
C LYS B 166 21.15 -2.36 8.06
N MET B 167 21.37 -2.53 9.36
CA MET B 167 20.91 -3.75 10.00
C MET B 167 19.44 -3.66 10.39
N GLY B 168 18.95 -2.44 10.65
CA GLY B 168 17.53 -2.25 10.99
C GLY B 168 16.60 -2.95 10.03
N PRO B 169 16.61 -2.57 8.75
CA PRO B 169 15.69 -3.20 7.81
C PRO B 169 16.02 -4.65 7.51
N ALA B 170 17.31 -4.98 7.41
CA ALA B 170 17.67 -6.34 7.08
C ALA B 170 17.16 -7.31 8.15
N LEU B 171 17.35 -6.93 9.43
CA LEU B 171 16.97 -7.79 10.52
C LEU B 171 15.47 -7.83 10.70
N ALA B 172 14.83 -6.67 10.60
CA ALA B 172 13.39 -6.60 10.74
C ALA B 172 12.70 -7.52 9.74
N ALA B 173 13.20 -7.55 8.52
CA ALA B 173 12.66 -8.34 7.45
C ALA B 173 12.94 -9.84 7.55
N GLY B 174 13.76 -10.30 8.50
CA GLY B 174 14.00 -11.71 8.66
C GLY B 174 15.26 -12.25 8.04
N ASN B 175 16.15 -11.37 7.56
CA ASN B 175 17.47 -11.80 7.08
C ASN B 175 18.47 -11.95 8.23
N THR B 176 19.52 -12.73 8.00
CA THR B 176 20.68 -12.71 8.89
C THR B 176 21.76 -11.92 8.21
N VAL B 177 22.71 -11.42 9.00
CA VAL B 177 23.60 -10.37 8.55
C VAL B 177 25.07 -10.70 8.75
N VAL B 178 25.87 -10.41 7.72
CA VAL B 178 27.32 -10.34 7.85
C VAL B 178 27.72 -8.91 7.44
N LEU B 179 28.25 -8.16 8.40
CA LEU B 179 28.51 -6.75 8.22
C LEU B 179 30.00 -6.49 8.35
N LYS B 180 30.55 -5.83 7.33
CA LYS B 180 31.95 -5.44 7.31
C LYS B 180 32.05 -3.93 7.50
N PRO B 181 32.29 -3.49 8.74
CA PRO B 181 32.40 -2.08 8.98
C PRO B 181 33.79 -1.66 8.57
N SER B 182 33.98 -0.35 8.42
CA SER B 182 35.29 0.18 8.10
C SER B 182 36.28 -0.15 9.18
N GLU B 183 37.43 -0.67 8.75
CA GLU B 183 38.58 -0.94 9.61
C GLU B 183 39.24 0.35 10.18
N ILE B 184 38.91 1.50 9.61
CA ILE B 184 39.37 2.77 10.11
C ILE B 184 38.63 3.16 11.42
N THR B 185 37.34 2.82 11.50
CA THR B 185 36.45 3.20 12.61
C THR B 185 35.55 2.06 13.04
N PRO B 186 36.11 0.94 13.50
CA PRO B 186 35.28 -0.22 13.76
C PRO B 186 34.69 -0.32 15.16
N LEU B 187 35.09 0.55 16.06
CA LEU B 187 34.90 0.24 17.48
C LEU B 187 33.44 0.34 17.94
N SER B 188 32.70 1.34 17.48
CA SER B 188 31.29 1.46 17.89
C SER B 188 30.45 0.29 17.39
N THR B 189 30.80 -0.27 16.22
CA THR B 189 30.05 -1.37 15.64
C THR B 189 30.23 -2.61 16.51
N LEU B 190 31.43 -2.82 17.04
CA LEU B 190 31.66 -3.95 17.94
C LEU B 190 30.86 -3.79 19.26
N ARG B 191 30.74 -2.56 19.77
CA ARG B 191 29.91 -2.31 20.97
C ARG B 191 28.44 -2.54 20.66
N ILE B 192 27.99 -2.14 19.46
CA ILE B 192 26.61 -2.42 19.07
C ILE B 192 26.31 -3.91 19.03
N VAL B 193 27.18 -4.73 18.46
CA VAL B 193 26.85 -6.15 18.40
C VAL B 193 26.89 -6.77 19.80
N GLU B 194 27.75 -6.26 20.66
CA GLU B 194 27.76 -6.73 22.04
C GLU B 194 26.41 -6.42 22.72
N LEU B 195 25.87 -5.22 22.48
CA LEU B 195 24.55 -4.88 22.99
C LEU B 195 23.46 -5.78 22.40
N MET B 196 23.58 -6.13 21.11
CA MET B 196 22.65 -7.06 20.48
C MET B 196 22.62 -8.40 21.19
N ALA B 197 23.79 -8.92 21.52
CA ALA B 197 23.88 -10.15 22.28
C ALA B 197 23.23 -9.99 23.64
N GLU B 198 23.52 -8.89 24.30
CA GLU B 198 22.95 -8.63 25.61
C GLU B 198 21.41 -8.63 25.58
N VAL B 199 20.79 -8.02 24.58
CA VAL B 199 19.33 -7.92 24.57
C VAL B 199 18.68 -9.20 24.05
N GLY B 200 19.48 -10.14 23.53
CA GLY B 200 18.96 -11.45 23.19
C GLY B 200 19.01 -11.88 21.73
N PHE B 201 19.72 -11.17 20.86
CA PHE B 201 19.82 -11.63 19.48
C PHE B 201 20.47 -13.02 19.46
N PRO B 202 19.89 -13.95 18.70
CA PRO B 202 20.46 -15.32 18.69
C PRO B 202 21.83 -15.37 18.02
N ALA B 203 22.66 -16.34 18.43
CA ALA B 203 23.96 -16.54 17.83
C ALA B 203 23.82 -16.74 16.31
N GLY B 204 24.64 -16.00 15.56
CA GLY B 204 24.74 -16.14 14.12
C GLY B 204 23.84 -15.20 13.37
N VAL B 205 22.91 -14.55 14.05
CA VAL B 205 21.99 -13.64 13.36
C VAL B 205 22.73 -12.39 12.89
N VAL B 206 23.63 -11.88 13.73
CA VAL B 206 24.47 -10.74 13.36
C VAL B 206 25.94 -11.09 13.56
N ASN B 207 26.72 -10.93 12.49
CA ASN B 207 28.13 -11.23 12.52
C ASN B 207 28.90 -10.04 12.00
N ILE B 208 29.93 -9.62 12.75
CA ILE B 208 30.71 -8.42 12.42
C ILE B 208 32.16 -8.80 12.10
N VAL B 209 32.60 -8.44 10.90
CA VAL B 209 33.96 -8.84 10.43
C VAL B 209 34.77 -7.64 9.87
N PRO B 210 35.25 -6.74 10.76
CA PRO B 210 36.11 -5.65 10.33
C PRO B 210 37.36 -6.24 9.70
N GLY B 211 37.79 -5.64 8.60
CA GLY B 211 39.00 -6.08 7.89
C GLY B 211 39.14 -5.22 6.65
N TYR B 212 40.17 -5.48 5.86
CA TYR B 212 40.41 -4.67 4.69
C TYR B 212 39.36 -4.92 3.62
N GLY B 213 39.09 -3.89 2.84
CA GLY B 213 38.23 -4.05 1.66
C GLY B 213 38.64 -5.21 0.77
N HIS B 214 39.93 -5.32 0.50
CA HIS B 214 40.43 -6.24 -0.48
C HIS B 214 40.58 -7.66 0.03
N THR B 215 40.43 -7.87 1.33
CA THR B 215 40.41 -9.24 1.92
C THR B 215 38.95 -9.63 2.29
N ALA B 216 38.46 -9.09 3.41
CA ALA B 216 37.12 -9.43 3.89
C ALA B 216 36.03 -8.89 2.96
N GLY B 217 36.16 -7.63 2.53
CA GLY B 217 35.11 -7.01 1.70
C GLY B 217 34.90 -7.78 0.41
N GLN B 218 35.98 -8.07 -0.27
CA GLN B 218 35.93 -8.72 -1.56
C GLN B 218 35.31 -10.10 -1.44
N ARG B 219 35.67 -10.83 -0.40
CA ARG B 219 35.09 -12.17 -0.21
C ARG B 219 33.59 -12.11 0.10
N LEU B 220 33.20 -11.16 0.96
CA LEU B 220 31.78 -11.00 1.30
C LEU B 220 30.95 -10.76 0.01
N ALA B 221 31.43 -9.86 -0.84
CA ALA B 221 30.71 -9.56 -2.10
C ALA B 221 30.66 -10.72 -3.07
N GLU B 222 31.72 -11.55 -3.10
CA GLU B 222 31.82 -12.69 -3.98
C GLU B 222 31.14 -13.92 -3.43
N HIS B 223 30.81 -13.91 -2.15
CA HIS B 223 30.44 -15.16 -1.49
C HIS B 223 29.18 -15.82 -2.10
N PRO B 224 29.23 -17.14 -2.43
CA PRO B 224 28.05 -17.83 -3.02
C PRO B 224 26.89 -18.06 -2.10
N GLY B 225 27.12 -18.00 -0.81
CA GLY B 225 26.09 -18.14 0.21
C GLY B 225 25.37 -16.88 0.62
N VAL B 226 25.76 -15.74 0.05
CA VAL B 226 25.21 -14.42 0.36
C VAL B 226 24.21 -14.05 -0.74
N GLY B 227 22.98 -13.74 -0.35
CA GLY B 227 21.90 -13.44 -1.32
C GLY B 227 21.80 -12.00 -1.78
N LYS B 228 22.40 -11.10 -1.02
CA LYS B 228 22.40 -9.67 -1.34
C LYS B 228 23.60 -9.01 -0.70
N ILE B 229 24.18 -8.07 -1.44
CA ILE B 229 25.30 -7.29 -0.95
C ILE B 229 24.87 -5.82 -1.01
N ALA B 230 25.06 -5.10 0.10
CA ALA B 230 24.80 -3.66 0.18
C ALA B 230 26.11 -2.94 0.43
N PHE B 231 26.41 -1.93 -0.39
CA PHE B 231 27.67 -1.24 -0.32
C PHE B 231 27.45 0.27 -0.36
N THR B 232 28.13 0.97 0.55
CA THR B 232 28.15 2.41 0.56
C THR B 232 29.62 2.81 0.46
N GLY B 233 29.94 3.65 -0.53
CA GLY B 233 31.30 4.16 -0.70
C GLY B 233 31.52 4.71 -2.10
N SER B 234 32.72 4.53 -2.64
CA SER B 234 33.08 5.16 -3.92
C SER B 234 32.45 4.47 -5.13
N THR B 235 32.28 5.24 -6.21
CA THR B 235 31.83 4.69 -7.49
C THR B 235 32.72 3.58 -7.98
N ALA B 236 34.03 3.79 -7.91
CA ALA B 236 34.97 2.78 -8.39
C ALA B 236 34.75 1.45 -7.69
N THR B 237 34.71 1.51 -6.37
CA THR B 237 34.50 0.31 -5.59
C THR B 237 33.10 -0.28 -5.86
N GLY B 238 32.09 0.58 -6.00
CA GLY B 238 30.75 0.12 -6.37
C GLY B 238 30.75 -0.74 -7.62
N ARG B 239 31.53 -0.34 -8.63
CA ARG B 239 31.69 -1.15 -9.84
C ARG B 239 32.28 -2.54 -9.54
N ARG B 240 33.25 -2.59 -8.64
CA ARG B 240 33.84 -3.85 -8.20
CA ARG B 240 33.85 -3.83 -8.19
C ARG B 240 32.83 -4.73 -7.47
N ILE B 241 31.94 -4.12 -6.69
CA ILE B 241 30.86 -4.86 -6.03
C ILE B 241 29.94 -5.50 -7.07
N VAL B 242 29.55 -4.71 -8.07
CA VAL B 242 28.75 -5.21 -9.18
C VAL B 242 29.41 -6.40 -9.86
N GLU B 243 30.70 -6.23 -10.17
CA GLU B 243 31.46 -7.29 -10.82
CA GLU B 243 31.51 -7.26 -10.77
C GLU B 243 31.46 -8.56 -9.98
N ALA B 244 31.70 -8.42 -8.69
CA ALA B 244 31.75 -9.54 -7.77
C ALA B 244 30.41 -10.26 -7.65
N SER B 245 29.31 -9.52 -7.77
CA SER B 245 27.98 -10.10 -7.67
C SER B 245 27.62 -11.14 -8.74
N GLN B 246 28.35 -11.14 -9.86
CA GLN B 246 28.12 -12.04 -10.98
C GLN B 246 28.14 -13.51 -10.65
N GLY B 247 28.99 -13.88 -9.69
CA GLY B 247 29.16 -15.29 -9.37
C GLY B 247 27.87 -16.00 -9.13
N ASN B 248 27.12 -15.50 -8.14
CA ASN B 248 25.84 -16.10 -7.79
C ASN B 248 24.62 -15.22 -8.10
N LEU B 249 24.83 -14.12 -8.82
CA LEU B 249 23.75 -13.21 -9.18
C LEU B 249 23.01 -12.66 -7.96
N LYS B 250 23.73 -12.50 -6.85
CA LYS B 250 23.18 -11.86 -5.69
C LYS B 250 22.64 -10.47 -6.01
N ARG B 251 21.61 -10.06 -5.26
CA ARG B 251 21.08 -8.73 -5.39
C ARG B 251 22.11 -7.72 -4.86
N VAL B 252 21.99 -6.50 -5.35
CA VAL B 252 22.97 -5.46 -5.08
C VAL B 252 22.26 -4.17 -4.72
N GLN B 253 22.77 -3.50 -3.71
CA GLN B 253 22.37 -2.16 -3.35
C GLN B 253 23.63 -1.30 -3.25
N LEU B 254 23.57 -0.08 -3.84
CA LEU B 254 24.72 0.78 -3.94
C LEU B 254 24.34 2.21 -3.58
N GLU B 255 25.11 2.78 -2.67
CA GLU B 255 25.07 4.24 -2.41
CA GLU B 255 25.06 4.20 -2.33
C GLU B 255 26.48 4.76 -2.56
N LEU B 256 26.65 5.50 -3.63
N LEU B 256 26.65 5.51 -3.65
CA LEU B 256 27.95 5.94 -4.08
CA LEU B 256 27.98 5.75 -4.25
C LEU B 256 28.10 7.46 -3.90
C LEU B 256 28.43 7.22 -4.33
N GLY B 257 28.84 8.14 -4.76
N GLY B 257 28.05 8.00 -3.34
CA GLY B 257 29.14 9.54 -4.48
CA GLY B 257 28.51 9.37 -3.24
C GLY B 257 27.93 10.46 -4.47
C GLY B 257 27.68 10.37 -4.01
N GLY B 258 28.05 11.62 -3.83
CA GLY B 258 27.19 12.76 -4.15
C GLY B 258 28.02 13.99 -4.37
N LYS B 259 27.44 14.96 -5.02
CA LYS B 259 28.06 16.28 -5.13
C LYS B 259 26.91 17.27 -5.02
N GLY B 260 26.33 17.30 -3.81
CA GLY B 260 25.02 17.94 -3.61
C GLY B 260 25.02 19.45 -3.89
N ALA B 261 24.11 19.88 -4.77
CA ALA B 261 23.86 21.28 -4.95
C ALA B 261 23.02 21.81 -3.81
N ASN B 262 23.36 23.01 -3.35
CA ASN B 262 22.57 23.71 -2.34
C ASN B 262 22.29 25.09 -2.91
N ILE B 263 21.06 25.31 -3.38
CA ILE B 263 20.77 26.42 -4.27
C ILE B 263 20.04 27.52 -3.50
N VAL B 264 20.55 28.73 -3.55
CA VAL B 264 19.95 29.84 -2.81
C VAL B 264 19.41 30.88 -3.80
N PHE B 265 18.09 30.99 -3.86
CA PHE B 265 17.47 31.95 -4.76
C PHE B 265 17.43 33.33 -4.12
N ASP B 266 17.15 34.36 -4.92
CA ASP B 266 17.23 35.72 -4.40
C ASP B 266 16.10 36.07 -3.43
N ASP B 267 15.09 35.22 -3.32
CA ASP B 267 14.01 35.46 -2.39
C ASP B 267 14.11 34.56 -1.12
N ALA B 268 15.27 33.95 -0.90
CA ALA B 268 15.46 33.05 0.27
C ALA B 268 15.51 33.89 1.53
N ASN B 269 15.16 33.27 2.65
CA ASN B 269 15.45 33.78 4.00
C ASN B 269 16.94 33.54 4.19
N LEU B 270 17.74 34.60 4.06
CA LEU B 270 19.19 34.42 4.09
C LEU B 270 19.71 33.99 5.45
N ASP B 271 19.12 34.45 6.56
CA ASP B 271 19.55 33.94 7.88
C ASP B 271 19.44 32.40 7.91
N ALA B 272 18.28 31.91 7.52
CA ALA B 272 18.03 30.45 7.52
C ALA B 272 18.97 29.72 6.56
N ALA B 273 19.20 30.30 5.39
CA ALA B 273 19.97 29.67 4.33
C ALA B 273 21.45 29.64 4.65
N ILE B 274 21.94 30.71 5.28
CA ILE B 274 23.33 30.78 5.70
C ILE B 274 23.63 29.72 6.74
N ASN B 275 22.76 29.63 7.75
CA ASN B 275 22.90 28.60 8.74
C ASN B 275 22.76 27.22 8.13
N GLY B 276 21.82 27.08 7.22
CA GLY B 276 21.61 25.84 6.49
C GLY B 276 22.82 25.38 5.71
N ALA B 277 23.41 26.32 4.97
CA ALA B 277 24.64 26.04 4.19
C ALA B 277 25.78 25.58 5.07
N ALA B 278 25.94 26.17 6.24
CA ALA B 278 27.04 25.82 7.14
C ALA B 278 26.85 24.40 7.72
N TRP B 279 25.63 24.11 8.15
CA TRP B 279 25.25 22.75 8.54
C TRP B 279 25.52 21.76 7.41
N ALA B 280 25.14 22.14 6.18
CA ALA B 280 25.12 21.21 5.10
C ALA B 280 26.50 20.71 4.74
N ILE B 281 27.49 21.58 4.84
CA ILE B 281 28.83 21.19 4.44
C ILE B 281 29.79 21.04 5.61
N PHE B 282 29.57 21.71 6.74
CA PHE B 282 30.55 21.63 7.84
C PHE B 282 30.22 20.63 8.92
N HIS B 283 28.96 20.27 9.06
CA HIS B 283 28.65 19.20 9.98
C HIS B 283 29.40 17.93 9.52
N ASN B 284 29.92 17.20 10.49
CA ASN B 284 30.69 15.95 10.24
C ASN B 284 31.94 16.18 9.41
N GLN B 285 32.46 17.41 9.50
CA GLN B 285 33.65 17.80 8.74
C GLN B 285 33.47 17.60 7.24
N GLY B 286 32.22 17.72 6.79
CA GLY B 286 31.89 17.50 5.39
C GLY B 286 31.94 16.06 4.91
N GLN B 287 32.11 15.13 5.84
CA GLN B 287 32.28 13.72 5.52
C GLN B 287 30.89 13.08 5.53
N ALA B 288 30.12 13.43 4.50
CA ALA B 288 28.76 12.99 4.35
C ALA B 288 28.50 12.92 2.85
N CYS B 289 27.96 11.80 2.38
N CYS B 289 27.95 11.81 2.38
CA CYS B 289 27.66 11.64 0.95
CA CYS B 289 27.71 11.67 0.94
C CYS B 289 26.69 12.71 0.45
C CYS B 289 26.65 12.66 0.43
N ILE B 290 25.81 13.16 1.34
CA ILE B 290 24.81 14.17 1.02
C ILE B 290 25.21 15.59 1.42
N ALA B 291 26.48 15.81 1.75
CA ALA B 291 26.95 17.18 2.06
C ALA B 291 26.55 18.16 0.97
N GLY B 292 26.22 19.39 1.36
CA GLY B 292 25.94 20.48 0.43
C GLY B 292 27.25 21.07 -0.07
N SER B 293 27.90 20.33 -0.95
CA SER B 293 29.27 20.66 -1.37
C SER B 293 29.35 21.66 -2.51
N ARG B 294 28.23 21.98 -3.14
CA ARG B 294 28.20 23.02 -4.14
C ARG B 294 27.16 24.03 -3.71
N LEU B 295 27.59 25.24 -3.44
CA LEU B 295 26.69 26.28 -2.97
C LEU B 295 26.43 27.13 -4.19
N VAL B 296 25.18 27.17 -4.63
CA VAL B 296 24.82 27.72 -5.93
C VAL B 296 23.95 28.96 -5.66
N LEU B 297 24.56 30.13 -5.83
CA LEU B 297 24.01 31.37 -5.30
C LEU B 297 23.50 32.28 -6.39
N HIS B 298 22.29 32.80 -6.20
CA HIS B 298 21.77 33.77 -7.14
C HIS B 298 22.63 35.01 -7.10
N GLU B 299 22.93 35.55 -8.29
CA GLU B 299 23.83 36.70 -8.41
CA GLU B 299 23.81 36.71 -8.45
C GLU B 299 23.42 37.91 -7.56
N ARG B 300 22.14 38.16 -7.37
CA ARG B 300 21.71 39.36 -6.61
CA ARG B 300 21.76 39.37 -6.62
C ARG B 300 22.06 39.25 -5.14
N ILE B 301 22.11 38.03 -4.61
CA ILE B 301 22.44 37.83 -3.20
C ILE B 301 23.78 37.16 -2.90
N ALA B 302 24.54 36.81 -3.94
CA ALA B 302 25.75 35.99 -3.70
C ALA B 302 26.76 36.69 -2.79
N ASP B 303 27.03 37.96 -3.04
CA ASP B 303 28.03 38.67 -2.26
C ASP B 303 27.63 38.85 -0.80
N ALA B 304 26.36 39.20 -0.56
CA ALA B 304 25.83 39.39 0.77
C ALA B 304 25.86 38.06 1.53
N PHE B 305 25.41 37.00 0.85
CA PHE B 305 25.42 35.70 1.43
C PHE B 305 26.84 35.31 1.85
N LEU B 306 27.77 35.44 0.92
CA LEU B 306 29.13 35.01 1.20
C LEU B 306 29.79 35.77 2.34
N GLU B 307 29.56 37.07 2.38
CA GLU B 307 30.16 37.85 3.44
C GLU B 307 29.80 37.27 4.80
N ARG B 308 28.53 36.95 4.99
CA ARG B 308 28.06 36.37 6.23
C ARG B 308 28.49 34.91 6.43
N PHE B 309 28.38 34.14 5.36
CA PHE B 309 28.69 32.70 5.40
C PHE B 309 30.17 32.49 5.67
N VAL B 310 31.00 33.29 5.03
CA VAL B 310 32.45 33.23 5.25
C VAL B 310 32.79 33.61 6.70
N ALA B 311 32.20 34.69 7.21
CA ALA B 311 32.40 35.07 8.61
C ALA B 311 32.00 33.91 9.55
N LEU B 312 30.85 33.28 9.30
CA LEU B 312 30.43 32.16 10.11
C LEU B 312 31.45 31.00 10.06
N ALA B 313 31.82 30.62 8.85
CA ALA B 313 32.74 29.52 8.65
C ALA B 313 34.09 29.74 9.34
N SER B 314 34.64 30.96 9.23
CA SER B 314 35.92 31.27 9.83
CA SER B 314 35.94 31.23 9.82
C SER B 314 35.86 31.21 11.35
N SER B 315 34.67 31.41 11.92
CA SER B 315 34.50 31.38 13.37
C SER B 315 34.32 29.97 13.96
N ILE B 316 34.06 28.97 13.13
CA ILE B 316 33.78 27.63 13.62
C ILE B 316 34.93 27.14 14.48
N ARG B 317 34.62 26.60 15.65
CA ARG B 317 35.65 26.24 16.63
C ARG B 317 36.13 24.82 16.32
N ILE B 318 37.35 24.75 15.85
CA ILE B 318 38.02 23.50 15.47
CA ILE B 318 37.97 23.49 15.49
C ILE B 318 38.85 23.03 16.65
N GLY B 319 38.77 21.76 16.96
CA GLY B 319 39.55 21.29 18.09
C GLY B 319 39.30 19.87 18.48
N ASN B 320 39.85 19.50 19.64
CA ASN B 320 39.76 18.18 20.17
C ASN B 320 38.28 17.72 20.20
N PRO B 321 37.97 16.57 19.57
CA PRO B 321 36.61 16.03 19.64
C PRO B 321 36.07 15.87 21.04
N LEU B 322 36.92 15.57 22.02
CA LEU B 322 36.37 15.33 23.38
C LEU B 322 36.04 16.60 24.16
N ASP B 323 36.35 17.75 23.60
CA ASP B 323 36.02 19.05 24.19
C ASP B 323 34.59 19.40 23.78
N PRO B 324 33.70 19.66 24.76
CA PRO B 324 32.31 19.95 24.42
C PRO B 324 32.12 21.28 23.65
N ASN B 325 33.12 22.16 23.68
CA ASN B 325 33.07 23.43 22.93
C ASN B 325 33.49 23.29 21.47
N THR B 326 34.04 22.12 21.10
CA THR B 326 34.49 21.88 19.74
C THR B 326 33.29 21.76 18.83
N GLU B 327 33.30 22.54 17.76
CA GLU B 327 32.27 22.50 16.74
C GLU B 327 32.66 21.68 15.53
N MET B 328 33.96 21.55 15.28
CA MET B 328 34.42 20.78 14.16
C MET B 328 35.67 20.05 14.57
N GLY B 329 35.68 18.75 14.26
CA GLY B 329 36.80 17.86 14.59
C GLY B 329 37.76 17.68 13.44
N PRO B 330 38.71 16.77 13.59
CA PRO B 330 39.58 16.48 12.45
C PRO B 330 38.89 15.60 11.44
N LEU B 331 39.51 15.40 10.29
CA LEU B 331 39.06 14.37 9.34
C LEU B 331 39.43 13.01 9.93
N THR B 332 38.81 11.98 9.40
CA THR B 332 38.93 10.67 10.01
C THR B 332 40.27 9.98 9.72
N SER B 333 40.91 10.29 8.60
CA SER B 333 42.20 9.66 8.28
C SER B 333 43.22 10.62 7.65
N LYS B 334 44.50 10.30 7.83
CA LYS B 334 45.57 11.05 7.22
C LYS B 334 45.38 11.09 5.72
N GLN B 335 45.06 9.93 5.15
CA GLN B 335 44.91 9.78 3.70
C GLN B 335 43.85 10.74 3.19
N HIS B 336 42.74 10.84 3.93
CA HIS B 336 41.67 11.72 3.53
C HIS B 336 42.07 13.19 3.66
N LEU B 337 42.75 13.55 4.75
CA LEU B 337 43.24 14.91 4.89
C LEU B 337 44.15 15.33 3.70
N ASP B 338 45.06 14.45 3.30
CA ASP B 338 45.97 14.78 2.23
C ASP B 338 45.22 15.01 0.95
N ARG B 339 44.18 14.21 0.75
CA ARG B 339 43.30 14.34 -0.38
C ARG B 339 42.68 15.74 -0.43
N VAL B 340 42.06 16.13 0.69
CA VAL B 340 41.38 17.42 0.80
C VAL B 340 42.38 18.57 0.59
N LEU B 341 43.57 18.49 1.19
CA LEU B 341 44.57 19.52 0.94
C LEU B 341 45.01 19.55 -0.55
N SER B 342 45.10 18.39 -1.18
CA SER B 342 45.42 18.32 -2.62
C SER B 342 44.39 19.10 -3.46
N TYR B 343 43.12 18.97 -3.08
CA TYR B 343 42.05 19.66 -3.78
C TYR B 343 42.08 21.18 -3.57
N VAL B 344 42.59 21.64 -2.44
CA VAL B 344 42.80 23.09 -2.28
C VAL B 344 43.79 23.61 -3.35
N ASP B 345 44.89 22.88 -3.53
CA ASP B 345 45.94 23.17 -4.56
C ASP B 345 45.28 23.15 -5.92
N VAL B 346 44.54 22.09 -6.23
CA VAL B 346 43.80 22.00 -7.51
C VAL B 346 42.88 23.20 -7.72
N ALA B 347 42.17 23.57 -6.66
CA ALA B 347 41.25 24.70 -6.70
C ALA B 347 41.99 25.97 -7.11
N ARG B 348 43.10 26.26 -6.44
CA ARG B 348 43.91 27.45 -6.75
CA ARG B 348 43.93 27.44 -6.77
C ARG B 348 44.48 27.35 -8.18
N GLU B 349 44.95 26.16 -8.54
CA GLU B 349 45.52 25.92 -9.87
CA GLU B 349 45.50 25.89 -9.88
C GLU B 349 44.53 26.26 -11.01
N GLN B 350 43.26 25.95 -10.83
CA GLN B 350 42.26 26.23 -11.84
C GLN B 350 41.59 27.61 -11.66
N GLY B 351 42.21 28.50 -10.88
CA GLY B 351 41.71 29.87 -10.76
C GLY B 351 40.57 30.10 -9.76
N GLY B 352 40.31 29.15 -8.88
CA GLY B 352 39.37 29.35 -7.81
C GLY B 352 39.96 30.28 -6.76
N ARG B 353 39.06 30.97 -6.08
CA ARG B 353 39.39 31.88 -5.04
C ARG B 353 39.05 31.23 -3.71
N VAL B 354 40.07 30.99 -2.91
CA VAL B 354 39.86 30.49 -1.59
C VAL B 354 39.45 31.66 -0.69
N LEU B 355 38.20 31.65 -0.23
CA LEU B 355 37.68 32.79 0.53
C LEU B 355 38.00 32.68 2.02
N THR B 356 38.22 31.45 2.48
CA THR B 356 38.67 31.18 3.85
C THR B 356 39.11 29.73 3.88
N GLY B 357 39.98 29.44 4.84
CA GLY B 357 40.41 28.10 5.09
C GLY B 357 41.42 27.60 4.10
N GLY B 358 41.38 26.30 3.83
CA GLY B 358 42.28 25.68 2.84
C GLY B 358 43.56 25.07 3.42
N SER B 359 43.79 25.18 4.72
CA SER B 359 45.01 24.64 5.34
C SER B 359 44.73 24.23 6.79
N ALA B 360 45.69 23.56 7.42
CA ALA B 360 45.55 23.09 8.79
C ALA B 360 45.38 24.27 9.72
N PRO B 361 44.64 24.10 10.83
CA PRO B 361 44.63 25.18 11.82
C PRO B 361 46.02 25.43 12.42
N GLN B 362 46.19 26.59 13.07
CA GLN B 362 47.50 27.02 13.53
C GLN B 362 47.82 26.33 14.83
N ASP B 363 46.80 26.13 15.66
CA ASP B 363 47.00 25.68 17.03
C ASP B 363 47.94 24.47 17.12
N PRO B 364 49.08 24.64 17.78
CA PRO B 364 50.09 23.57 17.87
C PRO B 364 49.58 22.27 18.49
N ALA B 365 48.59 22.38 19.39
CA ALA B 365 47.99 21.21 20.04
C ALA B 365 47.31 20.29 19.03
N LEU B 366 46.95 20.83 17.87
CA LEU B 366 46.30 20.09 16.82
C LEU B 366 47.27 19.56 15.74
N ALA B 367 48.57 19.78 15.92
CA ALA B 367 49.55 19.47 14.87
C ALA B 367 49.60 17.99 14.48
N ASN B 368 49.28 17.08 15.39
CA ASN B 368 49.35 15.64 15.14
C ASN B 368 48.05 15.04 14.64
N GLY B 369 47.02 15.85 14.49
CA GLY B 369 45.71 15.36 14.09
C GLY B 369 45.42 15.75 12.65
N TYR B 370 44.35 15.20 12.11
CA TYR B 370 44.06 15.34 10.69
C TYR B 370 43.16 16.52 10.43
N TYR B 371 43.60 17.69 10.87
CA TYR B 371 42.76 18.89 10.88
C TYR B 371 42.90 19.76 9.65
N VAL B 372 41.77 20.22 9.15
CA VAL B 372 41.75 21.25 8.11
C VAL B 372 40.64 22.24 8.44
N ARG B 373 40.88 23.51 8.18
CA ARG B 373 39.87 24.53 8.45
CA ARG B 373 39.88 24.56 8.45
C ARG B 373 38.74 24.48 7.43
N PRO B 374 37.54 24.91 7.85
CA PRO B 374 36.44 25.06 6.91
C PRO B 374 36.89 25.88 5.70
N THR B 375 36.64 25.34 4.51
CA THR B 375 37.22 25.87 3.29
C THR B 375 36.10 26.22 2.31
N ILE B 376 36.14 27.45 1.80
CA ILE B 376 35.16 27.97 0.86
C ILE B 376 35.92 28.44 -0.36
N VAL B 377 35.57 27.91 -1.53
CA VAL B 377 36.24 28.27 -2.76
C VAL B 377 35.21 28.68 -3.81
N GLU B 378 35.41 29.86 -4.39
CA GLU B 378 34.58 30.31 -5.51
C GLU B 378 35.24 29.84 -6.79
N ALA B 379 34.55 29.01 -7.56
CA ALA B 379 35.08 28.43 -8.81
C ALA B 379 34.77 29.25 -10.05
N LYS B 380 35.70 29.31 -11.01
CA LYS B 380 35.45 29.97 -12.32
C LYS B 380 34.25 29.37 -13.02
N HIS B 381 34.16 28.04 -13.03
CA HIS B 381 33.18 27.33 -13.87
C HIS B 381 32.65 26.07 -13.18
N ALA B 382 31.39 25.72 -13.49
CA ALA B 382 30.74 24.51 -12.98
C ALA B 382 31.38 23.20 -13.45
N THR B 383 32.27 23.31 -14.44
CA THR B 383 33.02 22.19 -14.97
C THR B 383 34.38 22.04 -14.30
N ASP B 384 34.74 22.95 -13.39
CA ASP B 384 36.04 22.86 -12.73
C ASP B 384 36.06 21.58 -11.87
N ARG B 385 37.26 21.08 -11.60
CA ARG B 385 37.44 19.86 -10.82
C ARG B 385 36.73 19.89 -9.46
N VAL B 386 36.91 20.96 -8.70
CA VAL B 386 36.33 21.01 -7.37
C VAL B 386 34.80 21.22 -7.42
N ALA B 387 34.26 21.54 -8.60
CA ALA B 387 32.82 21.64 -8.80
C ALA B 387 32.21 20.32 -9.28
N GLN B 388 33.07 19.32 -9.60
CA GLN B 388 32.66 18.06 -10.18
C GLN B 388 32.99 16.86 -9.33
N GLU B 389 34.18 16.86 -8.74
CA GLU B 389 34.67 15.69 -8.03
C GLU B 389 34.37 15.78 -6.57
N GLU B 390 34.01 14.63 -5.96
CA GLU B 390 33.71 14.59 -4.54
C GLU B 390 34.99 14.83 -3.74
N VAL B 391 34.99 15.83 -2.87
CA VAL B 391 36.15 16.14 -2.00
C VAL B 391 35.96 15.47 -0.64
N PHE B 392 34.73 15.49 -0.14
CA PHE B 392 34.36 14.72 1.06
C PHE B 392 35.04 15.28 2.31
N GLY B 393 35.18 16.60 2.38
CA GLY B 393 35.81 17.27 3.53
C GLY B 393 35.05 18.57 3.72
N PRO B 394 35.50 19.42 4.65
CA PRO B 394 34.72 20.62 4.97
C PRO B 394 35.04 21.69 3.94
N PHE B 395 34.54 21.45 2.72
CA PHE B 395 35.02 22.13 1.54
C PHE B 395 33.84 22.37 0.65
N VAL B 396 33.53 23.63 0.42
CA VAL B 396 32.37 23.96 -0.40
C VAL B 396 32.80 24.80 -1.59
N THR B 397 32.23 24.49 -2.75
CA THR B 397 32.53 25.20 -3.97
C THR B 397 31.33 26.05 -4.34
N VAL B 398 31.57 27.32 -4.57
CA VAL B 398 30.55 28.30 -4.85
C VAL B 398 30.50 28.57 -6.34
N LEU B 399 29.27 28.60 -6.85
CA LEU B 399 28.93 28.95 -8.24
C LEU B 399 27.79 29.94 -8.19
N ARG B 400 27.67 30.80 -9.20
CA ARG B 400 26.59 31.79 -9.26
C ARG B 400 25.70 31.55 -10.46
N PHE B 401 24.45 32.03 -10.38
CA PHE B 401 23.51 31.95 -11.49
C PHE B 401 22.58 33.12 -11.51
N GLY B 402 21.87 33.32 -12.62
N GLY B 402 21.89 33.26 -12.64
CA GLY B 402 20.82 34.34 -12.66
CA GLY B 402 20.99 34.37 -12.86
C GLY B 402 19.45 33.70 -12.74
C GLY B 402 19.55 34.08 -13.20
N SER B 403 19.25 32.89 -13.75
CA SER B 403 17.89 32.42 -14.06
C SER B 403 17.66 31.06 -13.37
N ASP B 404 16.39 30.70 -13.13
CA ASP B 404 16.07 29.35 -12.61
C ASP B 404 16.64 28.28 -13.53
N ASP B 405 16.54 28.47 -14.83
CA ASP B 405 17.10 27.49 -15.78
C ASP B 405 18.60 27.29 -15.60
N GLU B 406 19.35 28.35 -15.29
N GLU B 406 19.33 28.37 -15.30
CA GLU B 406 20.78 28.21 -15.09
CA GLU B 406 20.76 28.28 -15.04
C GLU B 406 21.07 27.51 -13.76
C GLU B 406 20.98 27.42 -13.81
N ALA B 407 20.22 27.71 -12.75
CA ALA B 407 20.41 27.04 -11.49
C ALA B 407 20.21 25.56 -11.67
N LEU B 408 19.20 25.20 -12.46
CA LEU B 408 18.89 23.80 -12.73
C LEU B 408 20.00 23.12 -13.54
N ALA B 409 20.50 23.82 -14.55
CA ALA B 409 21.58 23.29 -15.37
C ALA B 409 22.85 23.02 -14.53
N ILE B 410 23.19 23.95 -13.66
CA ILE B 410 24.31 23.77 -12.77
C ILE B 410 24.06 22.56 -11.86
N ALA B 411 22.88 22.53 -11.26
CA ALA B 411 22.55 21.48 -10.34
C ALA B 411 22.75 20.12 -10.98
N ASN B 412 22.38 19.98 -12.25
CA ASN B 412 22.39 18.69 -12.92
C ASN B 412 23.66 18.46 -13.72
N ALA B 413 24.65 19.35 -13.58
CA ALA B 413 25.87 19.28 -14.40
C ALA B 413 26.93 18.28 -13.97
N THR B 414 26.70 17.50 -12.91
CA THR B 414 27.73 16.56 -12.45
C THR B 414 27.33 15.12 -12.78
N GLU B 415 28.21 14.20 -12.42
CA GLU B 415 27.97 12.77 -12.67
C GLU B 415 27.17 12.13 -11.54
N TYR B 416 26.84 12.91 -10.53
CA TYR B 416 26.21 12.41 -9.32
C TYR B 416 24.74 12.86 -9.25
N GLY B 417 23.97 12.13 -8.44
CA GLY B 417 22.57 12.45 -8.20
C GLY B 417 22.06 11.82 -6.90
N LEU B 418 22.59 12.28 -5.76
CA LEU B 418 22.23 11.72 -4.50
C LEU B 418 21.21 12.65 -3.80
N GLY B 419 21.72 13.69 -3.11
CA GLY B 419 20.89 14.72 -2.50
C GLY B 419 21.02 16.04 -3.22
N SER B 420 20.16 16.98 -2.84
CA SER B 420 20.06 18.30 -3.45
C SER B 420 19.17 19.13 -2.54
N GLY B 421 19.20 20.43 -2.69
CA GLY B 421 18.23 21.24 -1.99
C GLY B 421 18.29 22.69 -2.45
N LEU B 422 17.29 23.47 -2.04
CA LEU B 422 17.19 24.83 -2.48
C LEU B 422 16.47 25.65 -1.45
N TRP B 423 16.71 26.96 -1.50
CA TRP B 423 16.10 27.89 -0.56
C TRP B 423 15.38 28.96 -1.35
N THR B 424 14.07 29.04 -1.18
CA THR B 424 13.27 30.03 -1.86
C THR B 424 11.97 30.13 -1.08
N ASN B 425 11.20 31.19 -1.31
CA ASN B 425 9.86 31.27 -0.75
C ASN B 425 8.79 31.27 -1.79
N ASP B 426 9.18 31.04 -3.04
CA ASP B 426 8.22 30.95 -4.11
C ASP B 426 7.66 29.53 -4.21
N LEU B 427 6.35 29.41 -4.05
CA LEU B 427 5.66 28.13 -4.03
C LEU B 427 5.94 27.30 -5.29
N SER B 428 5.68 27.86 -6.45
CA SER B 428 5.80 27.12 -7.72
C SER B 428 7.24 26.71 -7.97
N ARG B 429 8.16 27.63 -7.77
CA ARG B 429 9.57 27.33 -8.00
C ARG B 429 10.03 26.14 -7.17
N ALA B 430 9.63 26.14 -5.90
CA ALA B 430 10.08 25.07 -4.98
C ALA B 430 9.74 23.68 -5.51
N HIS B 431 8.47 23.49 -5.90
CA HIS B 431 8.03 22.20 -6.37
C HIS B 431 8.56 21.87 -7.76
N ARG B 432 8.65 22.88 -8.61
CA ARG B 432 9.10 22.67 -9.98
C ARG B 432 10.58 22.29 -9.98
N MET B 433 11.40 23.04 -9.25
CA MET B 433 12.84 22.73 -9.17
C MET B 433 13.05 21.35 -8.56
N ALA B 434 12.32 21.06 -7.49
CA ALA B 434 12.46 19.74 -6.83
C ALA B 434 12.21 18.56 -7.79
N ALA B 435 11.21 18.70 -8.65
CA ALA B 435 10.89 17.66 -9.63
C ALA B 435 12.00 17.48 -10.69
N ARG B 436 12.69 18.55 -11.02
CA ARG B 436 13.62 18.57 -12.18
C ARG B 436 15.09 18.32 -11.85
N ILE B 437 15.45 18.48 -10.59
CA ILE B 437 16.81 18.20 -10.14
C ILE B 437 17.05 16.69 -10.12
N ASP B 438 18.19 16.26 -10.64
CA ASP B 438 18.58 14.84 -10.64
C ASP B 438 19.11 14.43 -9.31
N ALA B 439 18.24 13.87 -8.48
CA ALA B 439 18.61 13.47 -7.15
C ALA B 439 17.52 12.56 -6.58
N GLY B 440 17.88 11.70 -5.64
CA GLY B 440 16.88 10.88 -4.93
C GLY B 440 16.21 11.65 -3.80
N MET B 441 16.80 12.78 -3.40
CA MET B 441 16.29 13.61 -2.29
CA MET B 441 16.30 13.59 -2.31
C MET B 441 16.49 15.07 -2.59
N CYS B 442 15.49 15.87 -2.29
CA CYS B 442 15.58 17.29 -2.44
C CYS B 442 14.99 17.98 -1.21
N TRP B 443 15.82 18.77 -0.54
CA TRP B 443 15.43 19.52 0.65
C TRP B 443 15.16 20.97 0.30
N ILE B 444 13.97 21.45 0.67
CA ILE B 444 13.52 22.83 0.44
C ILE B 444 13.48 23.59 1.76
N ASN B 445 14.28 24.64 1.82
CA ASN B 445 14.42 25.44 3.04
C ASN B 445 14.92 24.68 4.26
N CYS B 446 15.73 23.66 3.97
CA CYS B 446 16.38 22.82 4.97
C CYS B 446 17.44 22.02 4.21
N TYR B 447 18.22 21.22 4.90
CA TYR B 447 19.21 20.38 4.21
C TYR B 447 19.57 19.21 5.09
N LYS B 448 19.88 18.09 4.47
CA LYS B 448 20.24 16.87 5.20
C LYS B 448 19.19 16.42 6.24
N ARG B 449 17.91 16.53 5.92
CA ARG B 449 16.91 15.97 6.77
C ARG B 449 16.80 14.48 6.47
N VAL B 450 17.05 13.69 7.53
CA VAL B 450 16.99 12.23 7.44
CA VAL B 450 17.03 12.24 7.45
C VAL B 450 16.05 11.66 8.47
N ASN B 451 15.24 10.70 8.06
CA ASN B 451 14.25 10.10 8.96
C ASN B 451 14.15 8.63 8.60
N PRO B 452 14.00 7.75 9.62
CA PRO B 452 14.11 6.33 9.30
C PRO B 452 12.94 5.74 8.49
N GLY B 453 11.92 6.56 8.24
CA GLY B 453 10.86 6.21 7.31
C GLY B 453 10.95 6.83 5.93
N SER B 454 11.88 7.77 5.72
CA SER B 454 11.98 8.52 4.48
C SER B 454 13.07 7.95 3.57
N PRO B 455 12.70 7.46 2.38
CA PRO B 455 13.67 6.72 1.59
C PRO B 455 14.87 7.56 1.18
N PHE B 456 16.05 6.96 1.33
CA PHE B 456 17.32 7.61 1.15
C PHE B 456 18.18 6.83 0.16
N GLY B 457 18.59 7.48 -0.91
CA GLY B 457 19.45 6.87 -1.94
C GLY B 457 19.50 7.77 -3.15
N GLY B 458 20.17 7.33 -4.19
CA GLY B 458 20.46 8.17 -5.32
C GLY B 458 19.94 7.61 -6.63
N VAL B 459 20.23 8.33 -7.70
CA VAL B 459 19.92 7.94 -9.07
C VAL B 459 21.22 7.95 -9.87
N GLY B 460 21.17 7.36 -11.07
CA GLY B 460 22.34 7.31 -11.96
C GLY B 460 23.54 6.69 -11.28
N LYS B 461 24.68 7.32 -11.44
CA LYS B 461 25.92 6.76 -10.92
C LYS B 461 26.04 6.90 -9.38
N SER B 462 25.08 7.58 -8.75
CA SER B 462 25.01 7.60 -7.29
C SER B 462 24.45 6.27 -6.70
N GLY B 463 24.00 5.37 -7.58
CA GLY B 463 23.65 4.02 -7.19
C GLY B 463 22.17 3.74 -7.29
N TYR B 464 21.76 2.71 -6.58
CA TYR B 464 20.38 2.27 -6.57
C TYR B 464 20.04 1.50 -5.30
N GLY B 465 18.74 1.38 -5.05
CA GLY B 465 18.22 0.88 -3.80
C GLY B 465 17.98 2.05 -2.88
N ARG B 466 17.21 1.79 -1.82
CA ARG B 466 16.93 2.80 -0.80
C ARG B 466 17.12 2.25 0.60
N GLU B 467 17.73 3.10 1.44
CA GLU B 467 17.70 2.96 2.90
C GLU B 467 16.38 3.58 3.39
N MET B 468 15.92 3.11 4.55
CA MET B 468 14.76 3.67 5.26
C MET B 468 13.43 3.20 4.73
N GLY B 469 12.47 3.20 5.63
CA GLY B 469 11.07 3.04 5.33
C GLY B 469 10.65 1.71 4.76
N PHE B 470 9.44 1.72 4.22
CA PHE B 470 8.94 0.56 3.47
C PHE B 470 9.82 0.22 2.29
N GLU B 471 10.50 1.20 1.72
CA GLU B 471 11.36 0.98 0.56
C GLU B 471 12.49 0.04 0.92
N ALA B 472 13.11 0.28 2.07
CA ALA B 472 14.19 -0.61 2.55
C ALA B 472 13.67 -2.02 2.82
N MET B 473 12.48 -2.13 3.41
CA MET B 473 11.88 -3.44 3.64
C MET B 473 11.61 -4.20 2.33
N HIS B 474 11.16 -3.49 1.31
CA HIS B 474 10.98 -4.10 -0.01
C HIS B 474 12.32 -4.63 -0.56
N ASP B 475 13.37 -3.83 -0.48
CA ASP B 475 14.68 -4.22 -1.02
C ASP B 475 15.34 -5.33 -0.18
N TYR B 476 14.84 -5.60 1.02
CA TYR B 476 15.35 -6.68 1.87
C TYR B 476 14.44 -7.91 1.94
N THR B 477 13.44 -7.96 1.05
CA THR B 477 12.57 -9.11 0.91
C THR B 477 12.45 -9.48 -0.60
N GLU B 478 11.80 -10.60 -0.84
CA GLU B 478 11.52 -11.07 -2.19
C GLU B 478 10.09 -11.52 -2.25
N ALA B 479 9.48 -11.32 -3.41
CA ALA B 479 8.10 -11.78 -3.62
C ALA B 479 8.05 -13.32 -3.76
N ARG B 480 7.21 -13.97 -2.97
CA ARG B 480 6.98 -15.43 -3.05
C ARG B 480 5.50 -15.59 -3.37
N SER B 481 5.21 -15.90 -4.63
CA SER B 481 3.86 -15.97 -5.10
C SER B 481 3.37 -17.43 -5.01
N VAL B 482 2.23 -17.66 -4.38
CA VAL B 482 1.67 -19.00 -4.23
C VAL B 482 0.27 -19.03 -4.82
N TRP B 483 -0.01 -20.02 -5.65
CA TRP B 483 -1.30 -20.17 -6.33
C TRP B 483 -1.94 -21.44 -5.85
N VAL B 484 -3.17 -21.33 -5.39
CA VAL B 484 -3.95 -22.51 -5.04
C VAL B 484 -5.10 -22.66 -6.04
N ASN B 485 -5.11 -23.77 -6.76
CA ASN B 485 -6.26 -24.09 -7.61
C ASN B 485 -7.37 -24.72 -6.80
N VAL B 486 -8.32 -23.91 -6.38
CA VAL B 486 -9.43 -24.33 -5.52
C VAL B 486 -10.55 -24.91 -6.38
N ASP B 487 -10.99 -24.14 -7.36
CA ASP B 487 -12.06 -24.55 -8.28
C ASP B 487 -11.82 -24.02 -9.68
N GLY B 488 -10.58 -23.99 -10.14
CA GLY B 488 -10.29 -23.46 -11.45
C GLY B 488 -10.87 -24.23 -12.64
N ASN B 489 -11.09 -25.53 -12.48
CA ASN B 489 -11.68 -26.32 -13.57
C ASN B 489 -10.94 -26.14 -14.93
N VAL B 490 -9.63 -26.37 -14.90
CA VAL B 490 -8.76 -26.18 -16.03
C VAL B 490 -8.97 -27.35 -17.00
N PRO B 491 -9.42 -27.06 -18.23
CA PRO B 491 -9.57 -28.19 -19.16
C PRO B 491 -8.22 -28.79 -19.55
N PRO B 492 -8.20 -30.10 -19.85
CA PRO B 492 -6.94 -30.71 -20.28
C PRO B 492 -6.41 -30.02 -21.54
N HIS B 493 -5.09 -29.83 -21.60
CA HIS B 493 -4.49 -29.19 -22.77
C HIS B 493 -4.43 -30.16 -23.96
N PHE B 494 -4.20 -31.43 -23.66
CA PHE B 494 -4.20 -32.47 -24.68
C PHE B 494 -5.47 -33.27 -24.49
N LYS B 495 -6.49 -32.94 -25.28
CA LYS B 495 -7.85 -33.48 -25.12
C LYS B 495 -7.93 -34.90 -25.63
N ARG B 496 -8.44 -35.80 -24.79
CA ARG B 496 -8.54 -37.21 -25.15
C ARG B 496 -9.88 -37.78 -24.74
N HIS C 8 -34.35 6.93 -29.66
CA HIS C 8 -35.51 7.07 -28.71
C HIS C 8 -35.02 7.43 -27.30
N MET C 9 -35.53 8.52 -26.74
CA MET C 9 -35.27 8.89 -25.31
C MET C 9 -35.96 7.92 -24.31
N GLN C 10 -35.16 7.24 -23.49
CA GLN C 10 -35.68 6.36 -22.47
C GLN C 10 -36.19 7.12 -21.26
N THR C 11 -37.33 6.67 -20.75
CA THR C 11 -38.04 7.36 -19.69
C THR C 11 -38.51 6.44 -18.56
N GLN C 12 -38.31 5.14 -18.71
CA GLN C 12 -38.84 4.18 -17.77
C GLN C 12 -37.77 3.80 -16.72
N LEU C 13 -38.19 3.05 -15.72
CA LEU C 13 -37.24 2.49 -14.76
C LEU C 13 -36.40 1.48 -15.48
N PHE C 14 -35.21 1.20 -14.96
CA PHE C 14 -34.42 0.11 -15.52
C PHE C 14 -34.18 -0.90 -14.45
N ILE C 15 -34.84 -2.05 -14.59
CA ILE C 15 -34.81 -3.09 -13.56
C ILE C 15 -34.55 -4.43 -14.22
N ASP C 16 -33.57 -5.16 -13.68
CA ASP C 16 -33.23 -6.49 -14.12
C ASP C 16 -33.04 -6.54 -15.63
N GLY C 17 -32.31 -5.55 -16.15
CA GLY C 17 -31.94 -5.54 -17.55
C GLY C 17 -32.93 -5.03 -18.57
N ARG C 18 -34.08 -4.54 -18.12
CA ARG C 18 -35.15 -4.06 -19.00
C ARG C 18 -35.67 -2.71 -18.53
N PHE C 19 -36.09 -1.92 -19.49
CA PHE C 19 -36.85 -0.72 -19.19
C PHE C 19 -38.33 -1.09 -18.92
N VAL C 20 -38.85 -0.69 -17.77
CA VAL C 20 -40.20 -1.03 -17.37
C VAL C 20 -40.94 0.13 -16.71
N ASP C 21 -42.26 0.09 -16.78
CA ASP C 21 -43.06 1.06 -16.07
C ASP C 21 -42.99 0.74 -14.57
N ALA C 22 -43.34 1.73 -13.77
CA ALA C 22 -43.48 1.55 -12.33
C ALA C 22 -44.70 0.69 -12.00
N VAL C 23 -44.61 -0.06 -10.91
CA VAL C 23 -45.68 -0.92 -10.45
C VAL C 23 -47.02 -0.18 -10.35
N ASP C 24 -47.05 0.99 -9.71
CA ASP C 24 -48.32 1.74 -9.59
C ASP C 24 -48.61 2.62 -10.81
N ARG C 25 -47.76 2.56 -11.83
CA ARG C 25 -47.99 3.25 -13.09
C ARG C 25 -47.93 4.78 -12.94
N GLY C 26 -47.32 5.28 -11.89
CA GLY C 26 -47.15 6.73 -11.73
C GLY C 26 -46.06 7.30 -12.63
N THR C 27 -46.17 8.60 -12.89
CA THR C 27 -45.16 9.30 -13.66
C THR C 27 -44.83 10.60 -12.97
N ILE C 28 -43.72 11.19 -13.42
CA ILE C 28 -43.23 12.48 -12.98
C ILE C 28 -42.88 13.28 -14.22
N ASP C 29 -43.30 14.56 -14.25
CA ASP C 29 -42.99 15.45 -15.34
C ASP C 29 -41.58 15.97 -15.19
N VAL C 30 -40.82 15.88 -16.27
CA VAL C 30 -39.46 16.43 -16.30
C VAL C 30 -39.43 17.75 -17.08
N LEU C 31 -38.98 18.81 -16.41
CA LEU C 31 -39.06 20.17 -16.95
C LEU C 31 -37.70 20.66 -17.50
N ASN C 32 -37.77 21.44 -18.56
CA ASN C 32 -36.63 22.15 -19.10
C ASN C 32 -36.51 23.50 -18.41
N PRO C 33 -35.41 23.72 -17.65
CA PRO C 33 -35.31 24.96 -16.85
C PRO C 33 -35.15 26.25 -17.64
N HIS C 34 -34.94 26.16 -18.95
CA HIS C 34 -34.83 27.35 -19.80
C HIS C 34 -36.18 28.03 -20.00
N ASP C 35 -37.24 27.22 -20.01
CA ASP C 35 -38.58 27.73 -20.29
C ASP C 35 -39.72 27.10 -19.54
N GLY C 36 -39.44 26.21 -18.59
CA GLY C 36 -40.49 25.50 -17.83
C GLY C 36 -41.36 24.50 -18.59
N SER C 37 -40.99 24.13 -19.81
CA SER C 37 -41.80 23.23 -20.61
C SER C 37 -41.53 21.79 -20.17
N VAL C 38 -42.50 20.91 -20.43
CA VAL C 38 -42.37 19.51 -20.08
C VAL C 38 -41.57 18.82 -21.17
N ILE C 39 -40.38 18.33 -20.84
CA ILE C 39 -39.59 17.60 -21.79
C ILE C 39 -40.27 16.25 -22.05
N THR C 40 -40.62 15.56 -20.96
CA THR C 40 -41.22 14.24 -21.04
C THR C 40 -41.75 13.85 -19.66
N LYS C 41 -42.50 12.78 -19.61
CA LYS C 41 -42.84 12.16 -18.34
C LYS C 41 -41.97 10.95 -18.12
N ILE C 42 -41.47 10.75 -16.90
CA ILE C 42 -40.75 9.53 -16.57
C ILE C 42 -41.56 8.61 -15.69
N ALA C 43 -41.26 7.32 -15.71
CA ALA C 43 -41.84 6.41 -14.74
C ALA C 43 -41.36 6.83 -13.33
N ALA C 44 -42.26 6.79 -12.36
CA ALA C 44 -41.95 7.22 -11.00
C ALA C 44 -41.88 6.03 -10.03
N ALA C 45 -40.67 5.65 -9.65
CA ALA C 45 -40.47 4.52 -8.77
C ALA C 45 -41.02 4.81 -7.40
N THR C 46 -41.66 3.81 -6.80
CA THR C 46 -42.06 3.83 -5.41
C THR C 46 -41.42 2.64 -4.68
N ALA C 47 -41.84 2.42 -3.43
CA ALA C 47 -41.19 1.40 -2.63
C ALA C 47 -41.21 0.03 -3.32
N ALA C 48 -42.32 -0.33 -3.95
CA ALA C 48 -42.45 -1.66 -4.59
C ALA C 48 -41.45 -1.83 -5.73
N ASP C 49 -41.16 -0.75 -6.46
CA ASP C 49 -40.18 -0.79 -7.53
C ASP C 49 -38.78 -0.92 -6.98
N VAL C 50 -38.49 -0.20 -5.91
CA VAL C 50 -37.22 -0.36 -5.22
C VAL C 50 -37.03 -1.82 -4.78
N ASP C 51 -38.10 -2.45 -4.29
CA ASP C 51 -38.04 -3.86 -3.90
C ASP C 51 -37.67 -4.76 -5.07
N LEU C 52 -38.30 -4.54 -6.22
CA LEU C 52 -37.97 -5.33 -7.42
C LEU C 52 -36.51 -5.12 -7.86
N ALA C 53 -36.02 -3.89 -7.71
CA ALA C 53 -34.65 -3.54 -8.10
C ALA C 53 -33.65 -4.18 -7.16
N VAL C 54 -33.92 -4.12 -5.87
CA VAL C 54 -33.07 -4.80 -4.89
C VAL C 54 -33.08 -6.33 -5.11
N ASP C 55 -34.25 -6.89 -5.38
CA ASP C 55 -34.36 -8.33 -5.66
C ASP C 55 -33.46 -8.68 -6.87
N ALA C 56 -33.53 -7.87 -7.92
CA ALA C 56 -32.75 -8.14 -9.13
C ALA C 56 -31.24 -8.03 -8.85
N ALA C 57 -30.85 -7.00 -8.11
CA ALA C 57 -29.46 -6.82 -7.70
C ALA C 57 -29.00 -7.98 -6.82
N THR C 58 -29.90 -8.48 -5.97
CA THR C 58 -29.56 -9.57 -5.07
C THR C 58 -29.32 -10.86 -5.88
N ARG C 59 -30.19 -11.15 -6.82
CA ARG C 59 -30.04 -12.31 -7.69
C ARG C 59 -28.74 -12.24 -8.53
N ALA C 60 -28.39 -11.05 -9.00
CA ALA C 60 -27.21 -10.90 -9.88
C ALA C 60 -25.88 -10.89 -9.13
N PHE C 61 -25.91 -10.62 -7.82
CA PHE C 61 -24.70 -10.37 -7.08
C PHE C 61 -23.73 -11.57 -7.09
N PRO C 62 -24.24 -12.81 -6.88
CA PRO C 62 -23.23 -13.87 -6.82
C PRO C 62 -22.40 -14.01 -8.12
N ALA C 63 -23.05 -14.01 -9.28
CA ALA C 63 -22.29 -14.11 -10.54
C ALA C 63 -21.45 -12.86 -10.83
N TRP C 64 -21.92 -11.71 -10.42
CA TRP C 64 -21.15 -10.46 -10.65
C TRP C 64 -19.90 -10.40 -9.79
N SER C 65 -20.05 -10.74 -8.51
CA SER C 65 -18.89 -10.79 -7.64
C SER C 65 -17.91 -11.94 -8.00
N ALA C 66 -18.43 -13.05 -8.50
CA ALA C 66 -17.60 -14.18 -8.91
C ALA C 66 -16.85 -13.96 -10.24
N MET C 67 -17.37 -13.06 -11.07
CA MET C 67 -16.72 -12.64 -12.31
C MET C 67 -15.27 -12.18 -11.99
N PRO C 68 -14.28 -12.60 -12.78
CA PRO C 68 -12.93 -12.06 -12.60
C PRO C 68 -12.93 -10.54 -12.60
N ALA C 69 -12.18 -9.93 -11.69
CA ALA C 69 -12.13 -8.47 -11.61
C ALA C 69 -11.77 -7.81 -12.95
N ALA C 70 -10.86 -8.40 -13.70
CA ALA C 70 -10.55 -7.89 -15.04
C ALA C 70 -11.76 -7.83 -16.00
N GLU C 71 -12.71 -8.75 -15.87
N GLU C 71 -12.70 -8.78 -15.87
CA GLU C 71 -13.88 -8.78 -16.74
CA GLU C 71 -13.91 -8.83 -16.73
C GLU C 71 -14.92 -7.73 -16.31
C GLU C 71 -14.91 -7.73 -16.32
N ARG C 72 -15.04 -7.47 -15.02
CA ARG C 72 -15.83 -6.32 -14.53
C ARG C 72 -15.18 -5.03 -15.05
N GLY C 73 -13.85 -4.97 -14.95
CA GLY C 73 -13.12 -3.80 -15.43
C GLY C 73 -13.30 -3.54 -16.91
N ARG C 74 -13.24 -4.59 -17.72
CA ARG C 74 -13.41 -4.45 -19.15
C ARG C 74 -14.76 -3.82 -19.48
N LEU C 75 -15.81 -4.20 -18.75
CA LEU C 75 -17.15 -3.60 -19.01
C LEU C 75 -17.12 -2.10 -18.79
N LEU C 76 -16.47 -1.68 -17.70
CA LEU C 76 -16.36 -0.26 -17.40
C LEU C 76 -15.54 0.48 -18.42
N LEU C 77 -14.48 -0.16 -18.91
CA LEU C 77 -13.67 0.43 -19.98
C LEU C 77 -14.51 0.63 -21.25
N ARG C 78 -15.29 -0.40 -21.62
CA ARG C 78 -16.14 -0.31 -22.80
C ARG C 78 -17.17 0.79 -22.61
N LEU C 79 -17.66 0.94 -21.40
CA LEU C 79 -18.69 1.97 -21.14
C LEU C 79 -18.10 3.35 -21.33
N ALA C 80 -16.87 3.54 -20.84
CA ALA C 80 -16.20 4.84 -21.00
C ALA C 80 -16.07 5.20 -22.46
N ASP C 81 -15.70 4.22 -23.28
CA ASP C 81 -15.58 4.45 -24.72
C ASP C 81 -16.93 4.78 -25.36
N ALA C 82 -17.97 4.06 -24.95
CA ALA C 82 -19.32 4.30 -25.46
C ALA C 82 -19.82 5.71 -25.11
N ILE C 83 -19.54 6.14 -23.87
CA ILE C 83 -19.90 7.49 -23.43
C ILE C 83 -19.21 8.54 -24.30
N GLU C 84 -17.92 8.35 -24.56
CA GLU C 84 -17.18 9.29 -25.41
C GLU C 84 -17.72 9.31 -26.85
N ALA C 85 -18.09 8.14 -27.37
CA ALA C 85 -18.63 8.07 -28.73
C ALA C 85 -19.97 8.80 -28.84
N ASN C 86 -20.68 8.87 -27.73
CA ASN C 86 -21.97 9.56 -27.62
C ASN C 86 -21.91 10.91 -26.90
N THR C 87 -20.77 11.59 -26.98
CA THR C 87 -20.57 12.85 -26.28
C THR C 87 -21.63 13.88 -26.67
N GLU C 88 -21.87 14.06 -27.95
CA GLU C 88 -22.75 15.16 -28.34
C GLU C 88 -24.17 14.98 -27.85
N ALA C 89 -24.72 13.78 -28.05
CA ALA C 89 -26.10 13.49 -27.65
C ALA C 89 -26.26 13.47 -26.13
N LEU C 90 -25.26 12.95 -25.42
CA LEU C 90 -25.33 12.97 -23.95
C LEU C 90 -25.26 14.37 -23.42
N ALA C 91 -24.40 15.19 -24.00
CA ALA C 91 -24.28 16.60 -23.61
C ALA C 91 -25.59 17.35 -23.86
N GLN C 92 -26.15 17.16 -25.05
CA GLN C 92 -27.44 17.76 -25.38
C GLN C 92 -28.52 17.36 -24.39
N LEU C 93 -28.55 16.09 -24.03
CA LEU C 93 -29.55 15.59 -23.12
C LEU C 93 -29.38 16.16 -21.70
N GLU C 94 -28.14 16.13 -21.21
CA GLU C 94 -27.83 16.70 -19.91
C GLU C 94 -28.18 18.20 -19.86
N SER C 95 -27.80 18.96 -20.88
CA SER C 95 -28.12 20.41 -20.92
C SER C 95 -29.61 20.66 -20.93
N LEU C 96 -30.34 19.91 -21.74
CA LEU C 96 -31.81 20.03 -21.82
C LEU C 96 -32.47 19.92 -20.45
N ASP C 97 -32.06 18.88 -19.72
CA ASP C 97 -32.63 18.48 -18.45
C ASP C 97 -32.15 19.39 -17.29
N THR C 98 -30.86 19.71 -17.28
CA THR C 98 -30.25 20.40 -16.14
C THR C 98 -30.13 21.91 -16.27
N GLY C 99 -30.11 22.43 -17.49
CA GLY C 99 -29.80 23.84 -17.71
C GLY C 99 -28.31 24.16 -17.82
N HIS C 100 -27.45 23.14 -17.68
CA HIS C 100 -26.02 23.36 -17.91
C HIS C 100 -25.79 23.86 -19.35
N PRO C 101 -25.04 24.96 -19.50
CA PRO C 101 -24.61 25.36 -20.83
C PRO C 101 -24.02 24.19 -21.61
N ILE C 102 -24.44 24.04 -22.86
CA ILE C 102 -23.95 23.00 -23.71
C ILE C 102 -22.42 22.97 -23.80
N ARG C 103 -21.78 24.12 -23.71
CA ARG C 103 -20.31 24.13 -23.76
C ARG C 103 -19.71 23.44 -22.51
N ASP C 104 -20.40 23.53 -21.36
CA ASP C 104 -20.01 22.83 -20.11
C ASP C 104 -20.31 21.34 -20.20
N SER C 105 -21.48 20.96 -20.71
CA SER C 105 -21.79 19.55 -20.74
C SER C 105 -20.86 18.84 -21.73
N ARG C 106 -20.50 19.51 -22.83
CA ARG C 106 -19.54 18.96 -23.79
C ARG C 106 -18.12 18.84 -23.19
N ALA C 107 -17.67 19.90 -22.53
CA ALA C 107 -16.28 19.99 -22.13
C ALA C 107 -16.00 19.41 -20.75
N LEU C 108 -17.02 19.32 -19.89
CA LEU C 108 -16.82 18.95 -18.50
C LEU C 108 -17.68 17.76 -18.11
N ASP C 109 -19.01 17.87 -18.21
CA ASP C 109 -19.89 16.79 -17.73
C ASP C 109 -19.58 15.44 -18.46
N VAL C 110 -19.61 15.45 -19.78
CA VAL C 110 -19.35 14.18 -20.43
C VAL C 110 -17.92 13.64 -20.19
N PRO C 111 -16.87 14.43 -20.44
CA PRO C 111 -15.51 13.89 -20.29
C PRO C 111 -15.18 13.45 -18.90
N ARG C 112 -15.66 14.17 -17.88
CA ARG C 112 -15.43 13.74 -16.49
C ARG C 112 -16.10 12.39 -16.21
N THR C 113 -17.26 12.15 -16.80
CA THR C 113 -18.00 10.91 -16.59
C THR C 113 -17.24 9.74 -17.24
N ALA C 114 -16.81 9.96 -18.49
CA ALA C 114 -16.03 8.94 -19.18
C ALA C 114 -14.73 8.64 -18.43
N ALA C 115 -14.04 9.70 -17.99
CA ALA C 115 -12.74 9.53 -17.36
C ALA C 115 -12.87 8.75 -16.09
N CYS C 116 -13.94 8.97 -15.33
CA CYS C 116 -14.10 8.28 -14.06
C CYS C 116 -14.46 6.80 -14.27
N PHE C 117 -15.33 6.51 -15.22
CA PHE C 117 -15.63 5.12 -15.56
C PHE C 117 -14.39 4.42 -16.08
N ARG C 118 -13.57 5.12 -16.89
CA ARG C 118 -12.34 4.51 -17.40
C ARG C 118 -11.34 4.21 -16.26
N TYR C 119 -11.19 5.17 -15.35
CA TYR C 119 -10.33 4.97 -14.20
C TYR C 119 -10.74 3.72 -13.43
N PHE C 120 -12.03 3.60 -13.10
CA PHE C 120 -12.45 2.43 -12.35
C PHE C 120 -12.43 1.12 -13.11
N GLY C 121 -12.61 1.17 -14.43
CA GLY C 121 -12.38 -0.01 -15.25
C GLY C 121 -10.96 -0.53 -15.14
N GLY C 122 -10.01 0.39 -15.13
CA GLY C 122 -8.62 0.05 -14.88
C GLY C 122 -8.39 -0.38 -13.44
N MET C 123 -9.15 0.16 -12.49
CA MET C 123 -8.96 -0.11 -11.08
C MET C 123 -9.43 -1.50 -10.65
N ALA C 124 -10.43 -2.06 -11.34
CA ALA C 124 -11.13 -3.23 -10.83
C ALA C 124 -10.19 -4.36 -10.39
N ASP C 125 -9.16 -4.66 -11.19
CA ASP C 125 -8.26 -5.75 -10.88
C ASP C 125 -6.93 -5.27 -10.28
N LYS C 126 -6.92 -4.01 -9.77
CA LYS C 126 -5.78 -3.45 -9.07
C LYS C 126 -5.98 -3.41 -7.56
N LEU C 127 -7.22 -3.62 -7.09
CA LEU C 127 -7.45 -3.72 -5.68
C LEU C 127 -6.96 -5.09 -5.22
N GLN C 128 -6.07 -5.07 -4.24
CA GLN C 128 -5.46 -6.31 -3.74
C GLN C 128 -5.73 -6.50 -2.27
N GLY C 129 -5.74 -7.76 -1.84
CA GLY C 129 -5.80 -8.08 -0.42
C GLY C 129 -4.44 -8.04 0.22
N SER C 130 -4.33 -8.57 1.43
CA SER C 130 -3.09 -8.55 2.18
C SER C 130 -2.78 -9.87 2.88
N VAL C 131 -1.54 -10.05 3.28
CA VAL C 131 -1.15 -11.22 4.05
C VAL C 131 -0.48 -10.66 5.31
N ILE C 132 -0.98 -11.07 6.46
CA ILE C 132 -0.59 -10.46 7.73
C ILE C 132 0.47 -11.31 8.41
N PRO C 133 1.56 -10.68 8.91
CA PRO C 133 2.57 -11.46 9.65
C PRO C 133 2.05 -11.81 11.04
N VAL C 134 1.79 -13.09 11.26
CA VAL C 134 1.19 -13.50 12.52
C VAL C 134 2.07 -14.59 13.18
N ASP C 135 1.51 -15.38 14.08
CA ASP C 135 2.30 -16.34 14.84
C ASP C 135 2.86 -17.40 13.92
N THR C 136 3.93 -18.02 14.38
CA THR C 136 4.58 -19.04 13.58
C THR C 136 3.62 -20.21 13.30
N GLY C 137 3.62 -20.65 12.06
CA GLY C 137 2.80 -21.77 11.64
C GLY C 137 1.39 -21.41 11.16
N PHE C 138 1.05 -20.12 11.19
CA PHE C 138 -0.21 -19.62 10.72
C PHE C 138 -0.06 -18.80 9.44
N LEU C 139 -1.03 -18.97 8.56
CA LEU C 139 -1.19 -18.15 7.39
C LEU C 139 -2.47 -17.34 7.56
N ASN C 140 -2.36 -16.03 7.47
CA ASN C 140 -3.53 -15.14 7.56
C ASN C 140 -3.59 -14.24 6.33
N TYR C 141 -4.54 -14.52 5.44
CA TYR C 141 -4.74 -13.67 4.29
C TYR C 141 -6.06 -12.93 4.40
N VAL C 142 -6.11 -11.72 3.88
CA VAL C 142 -7.28 -10.86 4.00
C VAL C 142 -7.72 -10.42 2.62
N GLN C 143 -8.96 -10.68 2.28
CA GLN C 143 -9.53 -10.24 1.01
C GLN C 143 -10.29 -8.95 1.19
N ARG C 144 -10.36 -8.15 0.13
CA ARG C 144 -11.25 -7.00 0.07
C ARG C 144 -12.47 -7.43 -0.73
N ALA C 145 -13.51 -7.90 -0.04
CA ALA C 145 -14.66 -8.47 -0.73
C ALA C 145 -15.71 -7.38 -0.94
N PRO C 146 -16.52 -7.51 -1.99
CA PRO C 146 -17.62 -6.55 -2.12
C PRO C 146 -18.63 -6.71 -0.99
N ILE C 147 -19.44 -5.69 -0.79
CA ILE C 147 -20.42 -5.64 0.31
C ILE C 147 -21.65 -6.44 -0.09
N GLY C 148 -22.11 -6.25 -1.32
CA GLY C 148 -23.30 -6.94 -1.81
C GLY C 148 -24.06 -5.98 -2.69
N VAL C 149 -25.30 -5.69 -2.31
CA VAL C 149 -26.16 -4.74 -3.01
C VAL C 149 -26.00 -3.38 -2.35
N VAL C 150 -25.62 -2.39 -3.13
CA VAL C 150 -25.46 -1.05 -2.62
C VAL C 150 -26.50 -0.12 -3.23
N GLY C 151 -26.99 0.80 -2.41
CA GLY C 151 -27.97 1.78 -2.82
C GLY C 151 -27.26 3.10 -2.91
N GLN C 152 -27.62 3.87 -3.93
CA GLN C 152 -26.97 5.16 -4.21
C GLN C 152 -28.03 6.17 -4.56
N ILE C 153 -28.00 7.32 -3.87
CA ILE C 153 -28.99 8.37 -4.03
C ILE C 153 -28.18 9.60 -4.41
N VAL C 154 -28.54 10.21 -5.55
CA VAL C 154 -27.74 11.22 -6.27
CA VAL C 154 -27.75 11.34 -6.04
C VAL C 154 -28.60 12.48 -6.53
N PRO C 155 -28.06 13.70 -6.36
CA PRO C 155 -28.85 14.86 -6.59
C PRO C 155 -28.82 15.34 -8.05
N TRP C 156 -29.38 16.53 -8.28
CA TRP C 156 -29.70 17.00 -9.63
C TRP C 156 -28.64 17.94 -10.23
N ASN C 157 -27.58 18.26 -9.50
CA ASN C 157 -26.64 19.28 -9.97
C ASN C 157 -25.57 18.80 -10.95
N PHE C 158 -25.14 17.54 -10.82
CA PHE C 158 -24.22 16.92 -11.79
C PHE C 158 -24.65 15.48 -12.05
N PRO C 159 -25.87 15.30 -12.57
CA PRO C 159 -26.41 13.93 -12.57
C PRO C 159 -25.64 12.96 -13.45
N LEU C 160 -25.19 13.41 -14.61
CA LEU C 160 -24.39 12.55 -15.47
C LEU C 160 -23.06 12.14 -14.80
N MET C 161 -22.33 13.14 -14.31
CA MET C 161 -21.04 12.92 -13.67
CA MET C 161 -21.03 12.89 -13.69
C MET C 161 -21.18 11.99 -12.46
N PHE C 162 -22.21 12.23 -11.65
CA PHE C 162 -22.45 11.38 -10.48
C PHE C 162 -22.70 9.92 -10.81
N THR C 163 -23.22 9.60 -12.00
CA THR C 163 -23.35 8.17 -12.35
C THR C 163 -21.98 7.47 -12.26
N SER C 164 -20.93 8.16 -12.71
CA SER C 164 -19.60 7.58 -12.72
C SER C 164 -19.00 7.60 -11.34
N TRP C 165 -19.18 8.71 -10.60
CA TRP C 165 -18.57 8.83 -9.26
C TRP C 165 -19.13 7.76 -8.32
N LYS C 166 -20.43 7.48 -8.41
CA LYS C 166 -21.04 6.45 -7.57
C LYS C 166 -20.81 5.04 -8.10
N MET C 167 -21.19 4.83 -9.36
CA MET C 167 -21.23 3.46 -9.86
C MET C 167 -19.86 2.91 -10.20
N GLY C 168 -18.92 3.77 -10.56
CA GLY C 168 -17.59 3.30 -10.94
C GLY C 168 -16.92 2.46 -9.87
N PRO C 169 -16.72 3.02 -8.66
CA PRO C 169 -16.09 2.18 -7.63
C PRO C 169 -16.96 1.02 -7.17
N ALA C 170 -18.26 1.24 -7.03
CA ALA C 170 -19.17 0.20 -6.55
C ALA C 170 -19.10 -1.05 -7.41
N LEU C 171 -19.23 -0.84 -8.72
CA LEU C 171 -19.24 -1.95 -9.67
C LEU C 171 -17.87 -2.59 -9.82
N ALA C 172 -16.83 -1.78 -9.91
CA ALA C 172 -15.48 -2.28 -10.06
C ALA C 172 -15.16 -3.21 -8.91
N ALA C 173 -15.63 -2.86 -7.72
CA ALA C 173 -15.42 -3.67 -6.51
C ALA C 173 -16.24 -4.96 -6.43
N GLY C 174 -17.19 -5.15 -7.34
CA GLY C 174 -17.99 -6.35 -7.40
C GLY C 174 -19.32 -6.25 -6.66
N ASN C 175 -19.75 -5.03 -6.35
CA ASN C 175 -21.11 -4.85 -5.82
C ASN C 175 -22.10 -4.73 -6.95
N THR C 176 -23.36 -5.04 -6.68
CA THR C 176 -24.44 -4.68 -7.59
C THR C 176 -25.10 -3.43 -7.04
N VAL C 177 -25.84 -2.74 -7.92
CA VAL C 177 -26.26 -1.38 -7.67
C VAL C 177 -27.73 -1.12 -7.92
N VAL C 178 -28.34 -0.43 -6.95
CA VAL C 178 -29.62 0.23 -7.13
C VAL C 178 -29.41 1.73 -6.92
N LEU C 179 -29.59 2.50 -7.98
CA LEU C 179 -29.34 3.91 -7.96
C LEU C 179 -30.63 4.69 -8.22
N LYS C 180 -30.87 5.66 -7.34
CA LYS C 180 -32.03 6.52 -7.38
C LYS C 180 -31.52 7.90 -7.79
N PRO C 181 -31.62 8.24 -9.07
CA PRO C 181 -31.20 9.58 -9.48
C PRO C 181 -32.26 10.61 -9.10
N SER C 182 -31.95 11.89 -9.23
CA SER C 182 -32.98 12.92 -8.97
C SER C 182 -34.07 12.84 -10.02
N GLU C 183 -35.32 12.94 -9.56
CA GLU C 183 -36.46 12.97 -10.43
C GLU C 183 -36.59 14.27 -11.22
N ILE C 184 -35.85 15.28 -10.82
CA ILE C 184 -35.77 16.58 -11.50
C ILE C 184 -34.89 16.48 -12.74
N THR C 185 -33.86 15.64 -12.70
CA THR C 185 -32.90 15.51 -13.78
C THR C 185 -32.53 14.03 -14.06
N PRO C 186 -33.50 13.18 -14.39
CA PRO C 186 -33.19 11.75 -14.49
C PRO C 186 -32.72 11.26 -15.87
N LEU C 187 -32.78 12.10 -16.89
CA LEU C 187 -32.72 11.57 -18.27
C LEU C 187 -31.36 11.03 -18.69
N SER C 188 -30.28 11.74 -18.34
CA SER C 188 -28.94 11.29 -18.72
C SER C 188 -28.60 9.96 -18.05
N THR C 189 -29.08 9.76 -16.83
CA THR C 189 -28.86 8.50 -16.09
C THR C 189 -29.49 7.30 -16.80
N LEU C 190 -30.71 7.48 -17.34
CA LEU C 190 -31.37 6.39 -18.06
C LEU C 190 -30.63 6.09 -19.36
N ARG C 191 -30.02 7.09 -19.96
CA ARG C 191 -29.20 6.84 -21.16
C ARG C 191 -27.91 6.09 -20.80
N ILE C 192 -27.27 6.47 -19.70
CA ILE C 192 -26.10 5.75 -19.23
C ILE C 192 -26.43 4.25 -19.02
N VAL C 193 -27.54 3.93 -18.35
CA VAL C 193 -27.83 2.49 -18.10
C VAL C 193 -28.15 1.73 -19.41
N GLU C 194 -28.74 2.43 -20.37
CA GLU C 194 -28.96 1.82 -21.65
C GLU C 194 -27.60 1.49 -22.32
N LEU C 195 -26.64 2.43 -22.25
CA LEU C 195 -25.31 2.15 -22.73
C LEU C 195 -24.68 0.96 -22.00
N MET C 196 -24.91 0.87 -20.69
CA MET C 196 -24.42 -0.27 -19.90
C MET C 196 -24.97 -1.58 -20.42
N ALA C 197 -26.25 -1.60 -20.75
CA ALA C 197 -26.83 -2.81 -21.30
C ALA C 197 -26.19 -3.12 -22.64
N GLU C 198 -25.98 -2.10 -23.47
CA GLU C 198 -25.39 -2.29 -24.80
C GLU C 198 -23.97 -2.85 -24.74
N VAL C 199 -23.16 -2.42 -23.77
CA VAL C 199 -21.77 -2.93 -23.73
C VAL C 199 -21.67 -4.29 -23.01
N GLY C 200 -22.76 -4.76 -22.40
CA GLY C 200 -22.82 -6.13 -21.88
C GLY C 200 -22.92 -6.30 -20.38
N PHE C 201 -23.28 -5.26 -19.63
CA PHE C 201 -23.52 -5.47 -18.21
C PHE C 201 -24.70 -6.44 -18.01
N PRO C 202 -24.51 -7.44 -17.14
CA PRO C 202 -25.56 -8.45 -16.96
C PRO C 202 -26.81 -7.87 -16.31
N ALA C 203 -27.97 -8.43 -16.65
CA ALA C 203 -29.25 -8.03 -16.04
C ALA C 203 -29.21 -8.09 -14.52
N GLY C 204 -29.65 -7.01 -13.88
CA GLY C 204 -29.70 -6.94 -12.41
C GLY C 204 -28.49 -6.29 -11.78
N VAL C 205 -27.37 -6.14 -12.52
CA VAL C 205 -26.18 -5.57 -11.94
C VAL C 205 -26.33 -4.06 -11.68
N VAL C 206 -26.98 -3.34 -12.59
CA VAL C 206 -27.29 -1.94 -12.38
C VAL C 206 -28.79 -1.75 -12.59
N ASN C 207 -29.45 -1.18 -11.59
CA ASN C 207 -30.86 -0.88 -11.63
C ASN C 207 -31.08 0.60 -11.28
N ILE C 208 -31.85 1.29 -12.10
CA ILE C 208 -32.07 2.74 -11.97
C ILE C 208 -33.54 2.98 -11.67
N VAL C 209 -33.82 3.61 -10.54
CA VAL C 209 -35.19 3.84 -10.10
C VAL C 209 -35.47 5.31 -9.80
N PRO C 210 -35.60 6.14 -10.85
CA PRO C 210 -35.98 7.54 -10.63
C PRO C 210 -37.36 7.64 -9.97
N GLY C 211 -37.50 8.51 -8.99
CA GLY C 211 -38.75 8.74 -8.27
C GLY C 211 -38.46 9.71 -7.13
N TYR C 212 -39.47 10.02 -6.33
CA TYR C 212 -39.26 10.98 -5.27
C TYR C 212 -38.36 10.45 -4.18
N GLY C 213 -37.68 11.37 -3.51
CA GLY C 213 -36.89 11.03 -2.35
C GLY C 213 -37.69 10.37 -1.25
N HIS C 214 -38.94 10.81 -1.09
CA HIS C 214 -39.78 10.35 0.02
C HIS C 214 -40.50 9.03 -0.24
N THR C 215 -40.43 8.54 -1.49
CA THR C 215 -40.98 7.24 -1.86
C THR C 215 -39.82 6.27 -2.17
N ALA C 216 -39.26 6.37 -3.36
CA ALA C 216 -38.11 5.51 -3.74
C ALA C 216 -36.89 5.70 -2.83
N GLY C 217 -36.48 6.93 -2.59
CA GLY C 217 -35.28 7.18 -1.80
C GLY C 217 -35.35 6.60 -0.40
N GLN C 218 -36.48 6.83 0.27
CA GLN C 218 -36.66 6.42 1.63
C GLN C 218 -36.64 4.90 1.71
N ARG C 219 -37.29 4.23 0.75
CA ARG C 219 -37.31 2.77 0.77
C ARG C 219 -35.91 2.20 0.54
N LEU C 220 -35.16 2.81 -0.37
CA LEU C 220 -33.80 2.33 -0.66
C LEU C 220 -32.94 2.46 0.59
N ALA C 221 -33.00 3.61 1.24
CA ALA C 221 -32.23 3.83 2.49
C ALA C 221 -32.61 2.83 3.60
N GLU C 222 -33.89 2.52 3.71
CA GLU C 222 -34.37 1.59 4.73
C GLU C 222 -34.26 0.12 4.36
N HIS C 223 -34.02 -0.21 3.11
CA HIS C 223 -34.20 -1.58 2.67
C HIS C 223 -33.30 -2.56 3.44
N PRO C 224 -33.87 -3.67 3.97
CA PRO C 224 -33.01 -4.64 4.69
C PRO C 224 -32.02 -5.47 3.84
N GLY C 225 -32.25 -5.56 2.53
CA GLY C 225 -31.34 -6.26 1.64
C GLY C 225 -30.18 -5.47 1.03
N VAL C 226 -30.09 -4.20 1.44
CA VAL C 226 -29.07 -3.28 0.94
C VAL C 226 -27.98 -3.16 2.02
N GLY C 227 -26.71 -3.41 1.64
CA GLY C 227 -25.61 -3.49 2.60
C GLY C 227 -24.88 -2.16 2.82
N LYS C 228 -25.13 -1.21 1.95
CA LYS C 228 -24.56 0.13 2.06
C LYS C 228 -25.43 1.13 1.32
N ILE C 229 -25.59 2.30 1.93
CA ILE C 229 -26.29 3.38 1.27
C ILE C 229 -25.32 4.52 1.11
N ALA C 230 -25.25 5.06 -0.09
CA ALA C 230 -24.45 6.25 -0.37
C ALA C 230 -25.33 7.39 -0.79
N PHE C 231 -25.12 8.54 -0.15
CA PHE C 231 -25.97 9.71 -0.35
C PHE C 231 -25.15 10.98 -0.57
N THR C 232 -25.53 11.75 -1.59
CA THR C 232 -25.06 13.11 -1.75
C THR C 232 -26.24 14.08 -1.72
N GLY C 233 -26.11 15.16 -0.94
CA GLY C 233 -27.20 16.12 -0.79
C GLY C 233 -27.07 16.95 0.45
N SER C 234 -28.18 17.39 1.01
CA SER C 234 -28.10 18.29 2.15
C SER C 234 -27.71 17.56 3.44
N THR C 235 -27.12 18.32 4.35
CA THR C 235 -26.83 17.84 5.66
C THR C 235 -28.13 17.31 6.31
N ALA C 236 -29.22 18.03 6.16
CA ALA C 236 -30.46 17.62 6.83
C ALA C 236 -30.99 16.25 6.34
N THR C 237 -30.95 16.03 5.03
CA THR C 237 -31.31 14.74 4.48
C THR C 237 -30.32 13.63 4.86
N GLY C 238 -29.03 13.97 4.96
CA GLY C 238 -28.01 13.03 5.44
C GLY C 238 -28.36 12.47 6.79
N ARG C 239 -28.87 13.35 7.67
CA ARG C 239 -29.34 12.89 8.97
C ARG C 239 -30.42 11.81 8.80
N ARG C 240 -31.31 12.01 7.83
CA ARG C 240 -32.43 11.10 7.63
CA ARG C 240 -32.44 11.09 7.66
C ARG C 240 -31.94 9.78 7.04
N ILE C 241 -30.85 9.84 6.27
CA ILE C 241 -30.22 8.61 5.75
C ILE C 241 -29.68 7.77 6.92
N VAL C 242 -28.94 8.42 7.81
CA VAL C 242 -28.38 7.78 9.00
C VAL C 242 -29.50 7.13 9.83
N GLU C 243 -30.57 7.89 10.09
CA GLU C 243 -31.75 7.36 10.77
C GLU C 243 -32.24 6.09 10.10
N ALA C 244 -32.40 6.15 8.76
CA ALA C 244 -32.91 5.03 8.00
C ALA C 244 -32.02 3.78 8.10
N SER C 245 -30.72 4.01 8.24
CA SER C 245 -29.75 2.92 8.27
C SER C 245 -29.81 2.04 9.50
N GLN C 246 -30.49 2.49 10.56
CA GLN C 246 -30.57 1.72 11.81
C GLN C 246 -31.17 0.34 11.64
N GLY C 247 -32.14 0.24 10.73
CA GLY C 247 -32.89 -1.00 10.53
C GLY C 247 -32.03 -2.22 10.41
N ASN C 248 -31.11 -2.19 9.46
CA ASN C 248 -30.21 -3.33 9.24
C ASN C 248 -28.74 -3.00 9.43
N LEU C 249 -28.44 -1.83 9.98
CA LEU C 249 -27.08 -1.38 10.28
C LEU C 249 -26.21 -1.36 9.01
N LYS C 250 -26.84 -1.04 7.90
CA LYS C 250 -26.13 -0.91 6.67
C LYS C 250 -25.07 0.19 6.81
N ARG C 251 -24.01 0.04 6.02
CA ARG C 251 -22.97 1.03 5.95
C ARG C 251 -23.49 2.28 5.28
N VAL C 252 -22.87 3.41 5.61
CA VAL C 252 -23.34 4.70 5.16
C VAL C 252 -22.16 5.52 4.63
N GLN C 253 -22.38 6.18 3.50
CA GLN C 253 -21.45 7.18 2.99
C GLN C 253 -22.26 8.46 2.72
N LEU C 254 -21.71 9.60 3.12
CA LEU C 254 -22.42 10.88 3.08
C LEU C 254 -21.51 11.97 2.54
N GLU C 255 -21.97 12.68 1.51
N GLU C 255 -21.98 12.58 1.45
CA GLU C 255 -21.34 13.94 1.12
CA GLU C 255 -21.37 13.72 0.83
C GLU C 255 -22.37 15.06 1.19
C GLU C 255 -22.40 14.84 0.92
N LEU C 256 -22.18 16.00 2.09
N LEU C 256 -22.17 15.77 1.85
CA LEU C 256 -23.28 16.86 2.51
CA LEU C 256 -23.26 16.64 2.38
C LEU C 256 -22.97 18.30 2.12
C LEU C 256 -23.10 18.16 2.29
N GLY C 257 -23.35 19.27 2.95
N GLY C 257 -22.60 18.67 1.18
CA GLY C 257 -23.17 20.67 2.60
CA GLY C 257 -22.59 20.12 1.02
C GLY C 257 -21.71 21.10 2.46
C GLY C 257 -21.49 20.82 1.78
N GLY C 258 -21.50 22.16 1.67
CA GLY C 258 -20.28 22.90 1.74
C GLY C 258 -20.55 24.39 1.76
N LYS C 259 -19.60 25.11 2.31
CA LYS C 259 -19.60 26.57 2.21
C LYS C 259 -18.16 26.99 1.97
N GLY C 260 -17.64 26.64 0.81
CA GLY C 260 -16.20 26.75 0.56
C GLY C 260 -15.60 28.15 0.63
N ALA C 261 -14.53 28.29 1.40
CA ALA C 261 -13.74 29.49 1.40
C ALA C 261 -12.81 29.48 0.21
N ASN C 262 -12.66 30.63 -0.42
CA ASN C 262 -11.74 30.85 -1.48
C ASN C 262 -10.93 32.08 -1.10
N ILE C 263 -9.71 31.86 -0.62
CA ILE C 263 -8.96 32.90 0.05
C ILE C 263 -7.88 33.48 -0.86
N VAL C 264 -7.88 34.80 -0.99
CA VAL C 264 -6.91 35.48 -1.83
C VAL C 264 -5.99 36.34 -0.97
N PHE C 265 -4.73 35.90 -0.86
CA PHE C 265 -3.72 36.65 -0.14
C PHE C 265 -3.19 37.81 -1.01
N ASP C 266 -2.55 38.77 -0.35
CA ASP C 266 -2.09 39.97 -1.03
C ASP C 266 -0.96 39.75 -2.02
N ASP C 267 -0.34 38.57 -2.01
CA ASP C 267 0.71 38.21 -2.96
C ASP C 267 0.19 37.27 -4.06
N ALA C 268 -1.11 37.09 -4.14
CA ALA C 268 -1.70 36.26 -5.18
C ALA C 268 -1.47 36.86 -6.59
N ASN C 269 -1.43 36.00 -7.60
CA ASN C 269 -1.55 36.43 -8.98
C ASN C 269 -3.00 36.84 -9.21
N LEU C 270 -3.25 38.14 -9.30
CA LEU C 270 -4.60 38.64 -9.33
C LEU C 270 -5.37 38.17 -10.56
N ASP C 271 -4.70 38.21 -11.72
N ASP C 271 -4.71 38.19 -11.71
CA ASP C 271 -5.26 37.69 -12.98
CA ASP C 271 -5.36 37.72 -12.91
C ASP C 271 -5.84 36.31 -12.74
C ASP C 271 -5.86 36.29 -12.75
N ALA C 272 -4.98 35.43 -12.23
CA ALA C 272 -5.31 34.03 -12.04
C ALA C 272 -6.41 33.87 -11.01
N ALA C 273 -6.35 34.64 -9.93
CA ALA C 273 -7.28 34.46 -8.84
C ALA C 273 -8.67 35.03 -9.17
N ILE C 274 -8.71 36.09 -9.97
CA ILE C 274 -9.99 36.67 -10.36
C ILE C 274 -10.73 35.67 -11.27
N ASN C 275 -10.03 35.12 -12.25
CA ASN C 275 -10.60 34.09 -13.09
C ASN C 275 -10.95 32.84 -12.29
N GLY C 276 -10.10 32.49 -11.34
CA GLY C 276 -10.36 31.32 -10.51
C GLY C 276 -11.62 31.48 -9.67
N ALA C 277 -11.84 32.70 -9.18
CA ALA C 277 -12.97 32.99 -8.28
C ALA C 277 -14.28 32.89 -9.06
N ALA C 278 -14.27 33.39 -10.29
CA ALA C 278 -15.43 33.37 -11.13
C ALA C 278 -15.76 31.93 -11.51
N TRP C 279 -14.74 31.16 -11.84
CA TRP C 279 -14.93 29.75 -12.12
C TRP C 279 -15.49 29.03 -10.89
N ALA C 280 -14.94 29.33 -9.73
CA ALA C 280 -15.25 28.62 -8.51
C ALA C 280 -16.72 28.78 -8.11
N ILE C 281 -17.31 29.95 -8.37
CA ILE C 281 -18.70 30.16 -7.98
C ILE C 281 -19.73 30.17 -9.13
N PHE C 282 -19.33 30.55 -10.33
CA PHE C 282 -20.33 30.71 -11.38
C PHE C 282 -20.40 29.53 -12.31
N HIS C 283 -19.37 28.68 -12.36
CA HIS C 283 -19.51 27.42 -13.09
C HIS C 283 -20.63 26.60 -12.47
N ASN C 284 -21.41 25.97 -13.35
CA ASN C 284 -22.57 25.18 -12.96
C ASN C 284 -23.59 26.00 -12.22
N GLN C 285 -23.63 27.30 -12.51
CA GLN C 285 -24.56 28.23 -11.90
C GLN C 285 -24.44 28.18 -10.35
N GLY C 286 -23.21 27.93 -9.87
CA GLY C 286 -22.95 27.77 -8.45
C GLY C 286 -23.60 26.55 -7.81
N GLN C 287 -24.12 25.64 -8.61
CA GLN C 287 -24.84 24.46 -8.07
C GLN C 287 -23.81 23.35 -7.92
N ALA C 288 -22.96 23.50 -6.91
CA ALA C 288 -21.88 22.58 -6.67
C ALA C 288 -21.55 22.65 -5.18
N CYS C 289 -21.44 21.48 -4.56
CA CYS C 289 -21.18 21.43 -3.13
CA CYS C 289 -21.15 21.39 -3.15
C CYS C 289 -19.81 22.04 -2.78
N ILE C 290 -18.88 22.02 -3.74
CA ILE C 290 -17.56 22.59 -3.55
C ILE C 290 -17.40 24.01 -4.14
N ALA C 291 -18.52 24.69 -4.45
CA ALA C 291 -18.45 26.04 -5.00
C ALA C 291 -17.67 26.92 -4.05
N GLY C 292 -16.91 27.86 -4.60
CA GLY C 292 -16.20 28.86 -3.78
C GLY C 292 -17.14 29.98 -3.39
N SER C 293 -18.02 29.70 -2.45
CA SER C 293 -19.14 30.61 -2.15
C SER C 293 -18.76 31.68 -1.13
N ARG C 294 -17.60 31.54 -0.50
CA ARG C 294 -17.08 32.61 0.33
C ARG C 294 -15.74 33.11 -0.24
N LEU C 295 -15.74 34.34 -0.74
CA LEU C 295 -14.53 34.91 -1.36
C LEU C 295 -13.88 35.74 -0.25
N VAL C 296 -12.74 35.27 0.24
CA VAL C 296 -12.13 35.84 1.42
C VAL C 296 -10.87 36.61 0.97
N LEU C 297 -10.96 37.95 0.99
CA LEU C 297 -10.01 38.80 0.30
C LEU C 297 -9.12 39.58 1.24
N HIS C 298 -7.82 39.55 1.00
CA HIS C 298 -6.91 40.33 1.80
C HIS C 298 -7.20 41.82 1.58
N GLU C 299 -7.19 42.56 2.69
CA GLU C 299 -7.61 43.96 2.70
C GLU C 299 -6.83 44.83 1.71
N ARG C 300 -5.55 44.52 1.50
CA ARG C 300 -4.68 45.30 0.61
C ARG C 300 -5.09 45.16 -0.87
N ILE C 301 -5.59 43.99 -1.25
CA ILE C 301 -5.97 43.78 -2.64
C ILE C 301 -7.46 43.77 -2.90
N ALA C 302 -8.27 43.91 -1.86
CA ALA C 302 -9.72 43.66 -1.98
C ALA C 302 -10.40 44.61 -2.96
N ASP C 303 -10.11 45.91 -2.87
CA ASP C 303 -10.81 46.86 -3.74
C ASP C 303 -10.49 46.61 -5.22
N ALA C 304 -9.20 46.45 -5.53
CA ALA C 304 -8.74 46.20 -6.91
C ALA C 304 -9.29 44.88 -7.42
N PHE C 305 -9.24 43.85 -6.59
CA PHE C 305 -9.83 42.55 -6.99
C PHE C 305 -11.31 42.67 -7.34
N LEU C 306 -12.07 43.28 -6.45
CA LEU C 306 -13.50 43.45 -6.63
C LEU C 306 -13.91 44.25 -7.84
N GLU C 307 -13.23 45.36 -8.11
CA GLU C 307 -13.55 46.13 -9.31
C GLU C 307 -13.50 45.22 -10.56
N ARG C 308 -12.44 44.43 -10.67
CA ARG C 308 -12.28 43.55 -11.80
C ARG C 308 -13.21 42.32 -11.78
N PHE C 309 -13.38 41.73 -10.61
CA PHE C 309 -14.27 40.56 -10.43
C PHE C 309 -15.73 40.93 -10.70
N VAL C 310 -16.17 42.07 -10.18
CA VAL C 310 -17.53 42.54 -10.46
C VAL C 310 -17.73 42.80 -11.95
N ALA C 311 -16.77 43.44 -12.63
CA ALA C 311 -16.87 43.67 -14.08
C ALA C 311 -16.97 42.32 -14.85
N LEU C 312 -16.17 41.35 -14.43
CA LEU C 312 -16.16 40.05 -15.11
C LEU C 312 -17.55 39.37 -14.91
N ALA C 313 -17.98 39.28 -13.67
CA ALA C 313 -19.25 38.66 -13.31
C ALA C 313 -20.39 39.32 -14.05
N SER C 314 -20.41 40.65 -14.11
CA SER C 314 -21.55 41.29 -14.74
C SER C 314 -21.53 41.11 -16.26
N SER C 315 -20.40 40.70 -16.83
CA SER C 315 -20.28 40.47 -18.28
C SER C 315 -20.67 39.03 -18.67
N ILE C 316 -20.88 38.15 -17.69
CA ILE C 316 -21.11 36.73 -18.01
C ILE C 316 -22.36 36.62 -18.88
N ARG C 317 -22.24 35.83 -19.95
CA ARG C 317 -23.32 35.71 -20.92
C ARG C 317 -24.35 34.68 -20.45
N ILE C 318 -25.49 35.18 -20.00
CA ILE C 318 -26.57 34.36 -19.46
CA ILE C 318 -26.53 34.31 -19.47
C ILE C 318 -27.53 34.06 -20.58
N GLY C 319 -27.91 32.81 -20.74
CA GLY C 319 -28.84 32.49 -21.84
C GLY C 319 -29.21 31.04 -21.98
N ASN C 320 -29.85 30.74 -23.09
CA ASN C 320 -30.32 29.43 -23.38
C ASN C 320 -29.19 28.43 -23.30
N PRO C 321 -29.34 27.35 -22.52
CA PRO C 321 -28.25 26.39 -22.40
C PRO C 321 -27.80 25.76 -23.71
N LEU C 322 -28.70 25.65 -24.68
CA LEU C 322 -28.35 25.04 -25.96
C LEU C 322 -27.59 25.95 -26.94
N ASP C 323 -27.45 27.23 -26.61
CA ASP C 323 -26.58 28.10 -27.39
C ASP C 323 -25.11 27.89 -26.93
N PRO C 324 -24.22 27.48 -27.84
CA PRO C 324 -22.81 27.34 -27.47
C PRO C 324 -22.12 28.64 -27.00
N ASN C 325 -22.75 29.78 -27.27
N ASN C 325 -22.70 29.81 -27.27
CA ASN C 325 -22.25 31.07 -26.80
CA ASN C 325 -22.14 31.07 -26.72
C ASN C 325 -22.57 31.35 -25.34
C ASN C 325 -22.57 31.37 -25.30
N THR C 326 -23.51 30.59 -24.77
CA THR C 326 -23.97 30.79 -23.42
C THR C 326 -22.89 30.40 -22.42
N GLU C 327 -22.66 31.26 -21.44
CA GLU C 327 -21.66 31.00 -20.39
C GLU C 327 -22.31 30.57 -19.06
N MET C 328 -23.52 31.03 -18.80
CA MET C 328 -24.25 30.58 -17.62
CA MET C 328 -24.28 30.67 -17.59
C MET C 328 -25.72 30.37 -17.98
N GLY C 329 -26.22 29.23 -17.55
CA GLY C 329 -27.58 28.84 -17.79
C GLY C 329 -28.47 29.22 -16.63
N PRO C 330 -29.71 28.69 -16.63
CA PRO C 330 -30.67 28.93 -15.52
C PRO C 330 -30.35 27.95 -14.41
N LEU C 331 -30.92 28.19 -13.23
CA LEU C 331 -30.87 27.22 -12.16
C LEU C 331 -31.76 26.05 -12.56
N THR C 332 -31.60 24.91 -11.90
CA THR C 332 -32.31 23.70 -12.31
C THR C 332 -33.80 23.64 -11.96
N SER C 333 -34.24 24.36 -10.94
CA SER C 333 -35.70 24.40 -10.68
C SER C 333 -36.21 25.76 -10.25
N LYS C 334 -37.53 25.95 -10.36
CA LYS C 334 -38.15 27.21 -9.97
C LYS C 334 -37.96 27.41 -8.48
N GLN C 335 -38.24 26.36 -7.73
CA GLN C 335 -38.16 26.46 -6.30
C GLN C 335 -36.75 26.85 -5.85
N HIS C 336 -35.74 26.37 -6.58
CA HIS C 336 -34.37 26.73 -6.29
C HIS C 336 -33.98 28.18 -6.61
N LEU C 337 -34.44 28.70 -7.75
CA LEU C 337 -34.33 30.13 -8.01
C LEU C 337 -34.85 30.99 -6.82
N ASP C 338 -36.02 30.65 -6.31
CA ASP C 338 -36.60 31.45 -5.24
C ASP C 338 -35.77 31.35 -3.96
N ARG C 339 -35.17 30.19 -3.69
CA ARG C 339 -34.28 30.07 -2.53
C ARG C 339 -33.15 31.07 -2.67
N VAL C 340 -32.51 31.08 -3.83
CA VAL C 340 -31.36 31.95 -4.06
C VAL C 340 -31.76 33.42 -3.93
N LEU C 341 -32.86 33.82 -4.55
CA LEU C 341 -33.29 35.20 -4.47
C LEU C 341 -33.60 35.62 -3.01
N SER C 342 -34.13 34.70 -2.22
CA SER C 342 -34.53 35.01 -0.87
C SER C 342 -33.30 35.41 -0.06
N TYR C 343 -32.14 34.89 -0.44
CA TYR C 343 -30.92 35.20 0.29
C TYR C 343 -30.37 36.58 -0.04
N VAL C 344 -30.81 37.19 -1.13
CA VAL C 344 -30.49 38.60 -1.37
C VAL C 344 -31.14 39.44 -0.28
N ASP C 345 -32.39 39.13 0.08
CA ASP C 345 -33.08 39.86 1.13
C ASP C 345 -32.43 39.61 2.48
N VAL C 346 -32.06 38.37 2.74
CA VAL C 346 -31.38 38.04 3.98
C VAL C 346 -30.10 38.89 4.07
N ALA C 347 -29.33 38.90 2.99
CA ALA C 347 -28.08 39.63 2.98
C ALA C 347 -28.27 41.13 3.29
N ARG C 348 -29.26 41.76 2.67
CA ARG C 348 -29.50 43.19 2.90
C ARG C 348 -29.93 43.48 4.33
N GLU C 349 -30.77 42.64 4.92
CA GLU C 349 -31.23 42.85 6.31
C GLU C 349 -30.09 42.81 7.32
N GLN C 350 -29.03 42.04 7.06
CA GLN C 350 -27.86 42.03 7.94
C GLN C 350 -26.79 43.03 7.47
N GLY C 351 -27.19 44.00 6.65
CA GLY C 351 -26.31 45.09 6.24
C GLY C 351 -25.29 44.69 5.19
N GLY C 352 -25.54 43.63 4.45
CA GLY C 352 -24.66 43.24 3.34
C GLY C 352 -24.91 44.15 2.16
N ARG C 353 -23.96 44.26 1.25
CA ARG C 353 -24.11 45.12 0.07
C ARG C 353 -24.08 44.24 -1.17
N VAL C 354 -25.05 44.44 -2.06
CA VAL C 354 -25.08 43.72 -3.30
C VAL C 354 -24.21 44.50 -4.28
N LEU C 355 -23.09 43.92 -4.68
CA LEU C 355 -22.20 44.55 -5.63
C LEU C 355 -22.62 44.38 -7.09
N THR C 356 -23.26 43.26 -7.39
CA THR C 356 -23.84 43.01 -8.72
C THR C 356 -24.84 41.88 -8.60
N GLY C 357 -25.76 41.84 -9.57
CA GLY C 357 -26.77 40.82 -9.65
C GLY C 357 -27.83 40.91 -8.59
N GLY C 358 -28.30 39.73 -8.18
CA GLY C 358 -29.32 39.61 -7.15
C GLY C 358 -30.74 39.66 -7.69
N SER C 359 -30.90 39.58 -9.01
CA SER C 359 -32.22 39.60 -9.63
C SER C 359 -32.16 38.78 -10.92
N ALA C 360 -33.33 38.46 -11.47
CA ALA C 360 -33.43 37.81 -12.77
C ALA C 360 -32.97 38.76 -13.85
N PRO C 361 -32.37 38.21 -14.93
CA PRO C 361 -31.97 39.07 -16.05
C PRO C 361 -33.18 39.67 -16.71
N GLN C 362 -32.97 40.72 -17.52
CA GLN C 362 -34.07 41.46 -18.17
C GLN C 362 -34.56 40.78 -19.48
N ASP C 363 -33.62 40.17 -20.21
CA ASP C 363 -33.93 39.52 -21.49
C ASP C 363 -35.29 38.78 -21.49
N PRO C 364 -36.28 39.27 -22.28
CA PRO C 364 -37.62 38.67 -22.42
C PRO C 364 -37.63 37.21 -22.86
N ALA C 365 -36.65 36.80 -23.67
CA ALA C 365 -36.54 35.41 -24.09
C ALA C 365 -36.28 34.48 -22.90
N LEU C 366 -35.77 35.01 -21.79
CA LEU C 366 -35.44 34.19 -20.61
C LEU C 366 -36.57 34.18 -19.53
N ALA C 367 -37.70 34.80 -19.85
CA ALA C 367 -38.74 35.11 -18.85
C ALA C 367 -39.36 33.88 -18.21
N ASN C 368 -39.49 32.82 -18.98
CA ASN C 368 -40.07 31.57 -18.48
C ASN C 368 -39.05 30.58 -17.90
N GLY C 369 -37.77 30.96 -17.83
CA GLY C 369 -36.77 30.10 -17.22
C GLY C 369 -36.33 30.52 -15.85
N TYR C 370 -35.55 29.66 -15.20
CA TYR C 370 -35.19 29.85 -13.80
C TYR C 370 -33.88 30.62 -13.66
N TYR C 371 -33.83 31.80 -14.26
CA TYR C 371 -32.59 32.55 -14.41
C TYR C 371 -32.36 33.61 -13.32
N VAL C 372 -31.11 33.69 -12.88
CA VAL C 372 -30.65 34.73 -11.97
C VAL C 372 -29.25 35.18 -12.38
N ARG C 373 -29.00 36.46 -12.24
CA ARG C 373 -27.72 37.04 -12.61
C ARG C 373 -26.66 36.58 -11.63
N PRO C 374 -25.39 36.49 -12.08
CA PRO C 374 -24.31 36.27 -11.12
C PRO C 374 -24.36 37.31 -10.02
N THR C 375 -24.30 36.85 -8.78
CA THR C 375 -24.53 37.70 -7.62
C THR C 375 -23.33 37.70 -6.68
N ILE C 376 -22.90 38.91 -6.33
CA ILE C 376 -21.80 39.13 -5.40
C ILE C 376 -22.33 40.02 -4.30
N VAL C 377 -22.18 39.57 -3.07
CA VAL C 377 -22.59 40.31 -1.92
C VAL C 377 -21.39 40.42 -0.99
N GLU C 378 -21.17 41.61 -0.42
CA GLU C 378 -20.18 41.75 0.64
C GLU C 378 -20.88 41.80 1.99
N ALA C 379 -20.51 40.88 2.86
CA ALA C 379 -21.04 40.81 4.19
C ALA C 379 -20.11 41.52 5.18
N LYS C 380 -20.68 42.01 6.26
CA LYS C 380 -19.89 42.61 7.33
C LYS C 380 -19.15 41.63 8.24
N HIS C 381 -19.68 40.42 8.41
CA HIS C 381 -19.11 39.47 9.38
C HIS C 381 -19.18 38.01 8.89
N ALA C 382 -18.17 37.22 9.24
CA ALA C 382 -18.14 35.78 8.92
C ALA C 382 -19.29 34.99 9.54
N THR C 383 -19.90 35.54 10.59
CA THR C 383 -21.05 34.94 11.25
C THR C 383 -22.38 35.30 10.60
N ASP C 384 -22.39 36.16 9.59
CA ASP C 384 -23.64 36.53 8.92
C ASP C 384 -24.27 35.32 8.21
N ARG C 385 -25.59 35.35 8.07
CA ARG C 385 -26.34 34.24 7.48
C ARG C 385 -25.83 33.82 6.09
N VAL C 386 -25.59 34.80 5.21
CA VAL C 386 -25.12 34.47 3.86
C VAL C 386 -23.66 34.00 3.85
N ALA C 387 -22.93 34.19 4.95
CA ALA C 387 -21.60 33.65 5.11
C ALA C 387 -21.62 32.28 5.83
N GLN C 388 -22.80 31.84 6.26
CA GLN C 388 -22.96 30.58 6.98
C GLN C 388 -23.79 29.52 6.25
N GLU C 389 -24.86 29.96 5.59
CA GLU C 389 -25.88 29.04 5.07
C GLU C 389 -25.63 28.75 3.61
N GLU C 390 -25.83 27.50 3.21
CA GLU C 390 -25.50 27.08 1.84
C GLU C 390 -26.60 27.61 0.95
N VAL C 391 -26.24 28.49 0.03
CA VAL C 391 -27.18 29.06 -0.96
C VAL C 391 -27.30 28.16 -2.22
N PHE C 392 -26.19 27.59 -2.70
CA PHE C 392 -26.21 26.67 -3.83
C PHE C 392 -26.66 27.33 -5.14
N GLY C 393 -26.17 28.53 -5.39
CA GLY C 393 -26.47 29.24 -6.61
C GLY C 393 -25.29 30.14 -6.95
N PRO C 394 -25.43 30.95 -8.00
CA PRO C 394 -24.32 31.77 -8.46
C PRO C 394 -24.21 33.02 -7.58
N PHE C 395 -23.79 32.79 -6.34
CA PHE C 395 -23.97 33.73 -5.26
C PHE C 395 -22.75 33.58 -4.39
N VAL C 396 -21.91 34.62 -4.35
CA VAL C 396 -20.69 34.61 -3.56
C VAL C 396 -20.72 35.75 -2.52
N THR C 397 -20.24 35.43 -1.33
CA THR C 397 -20.23 36.33 -0.21
C THR C 397 -18.79 36.69 0.06
N VAL C 398 -18.53 38.01 0.04
CA VAL C 398 -17.18 38.56 0.20
C VAL C 398 -16.97 38.96 1.65
N LEU C 399 -15.80 38.59 2.16
CA LEU C 399 -15.29 39.00 3.46
C LEU C 399 -13.87 39.44 3.33
N ARG C 400 -13.40 40.31 4.20
CA ARG C 400 -12.04 40.76 4.11
C ARG C 400 -11.25 40.36 5.32
N PHE C 401 -9.93 40.33 5.17
CA PHE C 401 -9.04 39.98 6.27
C PHE C 401 -7.66 40.65 6.22
N GLY C 402 -6.96 40.66 7.34
CA GLY C 402 -5.58 41.19 7.39
C GLY C 402 -4.58 40.05 7.51
N SER C 403 -4.47 39.47 8.69
CA SER C 403 -3.46 38.48 8.97
C SER C 403 -3.86 37.08 8.50
N ASP C 404 -2.87 36.21 8.31
CA ASP C 404 -3.16 34.82 7.98
C ASP C 404 -4.06 34.17 9.04
N ASP C 405 -3.85 34.49 10.31
CA ASP C 405 -4.72 33.93 11.35
C ASP C 405 -6.20 34.28 11.19
N GLU C 406 -6.49 35.52 10.78
N GLU C 406 -6.46 35.53 10.79
CA GLU C 406 -7.87 35.91 10.57
CA GLU C 406 -7.82 35.99 10.51
C GLU C 406 -8.45 35.18 9.34
C GLU C 406 -8.41 35.19 9.36
N ALA C 407 -7.62 34.99 8.31
CA ALA C 407 -8.12 34.24 7.12
C ALA C 407 -8.48 32.79 7.53
N LEU C 408 -7.65 32.17 8.35
CA LEU C 408 -7.92 30.83 8.82
C LEU C 408 -9.18 30.78 9.70
N ALA C 409 -9.29 31.75 10.61
CA ALA C 409 -10.46 31.83 11.49
C ALA C 409 -11.76 31.95 10.66
N ILE C 410 -11.74 32.82 9.66
CA ILE C 410 -12.87 32.94 8.74
C ILE C 410 -13.12 31.60 8.04
N ALA C 411 -12.07 30.99 7.51
CA ALA C 411 -12.24 29.75 6.75
C ALA C 411 -12.93 28.66 7.56
N ASN C 412 -12.62 28.59 8.84
CA ASN C 412 -13.12 27.55 9.73
C ASN C 412 -14.36 27.99 10.54
N ALA C 413 -14.95 29.12 10.19
CA ALA C 413 -16.05 29.72 10.98
C ALA C 413 -17.44 29.12 10.70
N THR C 414 -17.56 28.23 9.73
CA THR C 414 -18.86 27.64 9.39
C THR C 414 -19.02 26.26 9.95
N GLU C 415 -20.21 25.70 9.76
CA GLU C 415 -20.50 24.35 10.17
C GLU C 415 -20.08 23.30 9.13
N TYR C 416 -19.49 23.74 8.03
CA TYR C 416 -19.11 22.85 6.93
C TYR C 416 -17.61 22.67 6.81
N GLY C 417 -17.23 21.62 6.09
CA GLY C 417 -15.86 21.22 5.91
C GLY C 417 -15.66 20.34 4.69
N LEU C 418 -16.03 20.85 3.51
CA LEU C 418 -15.94 20.05 2.30
C LEU C 418 -14.70 20.44 1.48
N GLY C 419 -14.83 21.47 0.64
CA GLY C 419 -13.72 22.01 -0.10
C GLY C 419 -13.26 23.33 0.47
N SER C 420 -12.11 23.79 -0.03
CA SER C 420 -11.49 25.04 0.35
C SER C 420 -10.37 25.37 -0.64
N GLY C 421 -9.88 26.59 -0.64
CA GLY C 421 -8.74 26.91 -1.48
C GLY C 421 -8.18 28.27 -1.17
N LEU C 422 -7.00 28.52 -1.71
CA LEU C 422 -6.34 29.77 -1.48
C LEU C 422 -5.38 30.12 -2.61
N TRP C 423 -5.10 31.40 -2.73
CA TRP C 423 -4.25 31.94 -3.78
C TRP C 423 -3.16 32.72 -3.10
N THR C 424 -1.92 32.25 -3.24
CA THR C 424 -0.76 32.88 -2.69
C THR C 424 0.48 32.34 -3.44
N ASN C 425 1.58 33.06 -3.33
CA ASN C 425 2.85 32.54 -3.87
C ASN C 425 3.90 32.24 -2.83
N ASP C 426 3.49 32.36 -1.56
CA ASP C 426 4.36 32.02 -0.46
C ASP C 426 4.30 30.53 -0.13
N LEU C 427 5.45 29.88 -0.22
CA LEU C 427 5.55 28.43 -0.09
C LEU C 427 5.03 27.91 1.27
N SER C 428 5.55 28.49 2.34
CA SER C 428 5.20 28.05 3.69
C SER C 428 3.72 28.25 3.97
N ARG C 429 3.23 29.43 3.63
CA ARG C 429 1.84 29.76 3.89
C ARG C 429 0.89 28.78 3.24
N ALA C 430 1.18 28.49 1.98
CA ALA C 430 0.35 27.60 1.19
C ALA C 430 0.14 26.25 1.89
N HIS C 431 1.24 25.62 2.31
CA HIS C 431 1.14 24.30 2.98
C HIS C 431 0.57 24.37 4.37
N ARG C 432 0.93 25.43 5.09
CA ARG C 432 0.47 25.63 6.46
C ARG C 432 -1.05 25.84 6.49
N MET C 433 -1.53 26.73 5.65
CA MET C 433 -2.95 26.98 5.56
C MET C 433 -3.69 25.72 5.15
N ALA C 434 -3.19 25.03 4.15
CA ALA C 434 -3.87 23.85 3.65
C ALA C 434 -4.01 22.82 4.77
N ALA C 435 -3.03 22.72 5.65
CA ALA C 435 -3.10 21.76 6.74
C ALA C 435 -4.14 22.18 7.77
N ARG C 436 -4.33 23.47 7.97
CA ARG C 436 -5.12 23.96 9.10
C ARG C 436 -6.60 24.23 8.79
N ILE C 437 -6.93 24.35 7.51
CA ILE C 437 -8.28 24.59 7.11
C ILE C 437 -9.07 23.30 7.25
N ASP C 438 -10.24 23.38 7.89
CA ASP C 438 -11.15 22.22 8.09
C ASP C 438 -11.81 21.86 6.77
N ALA C 439 -11.26 20.91 6.05
CA ALA C 439 -11.86 20.51 4.78
C ALA C 439 -11.26 19.19 4.36
N GLY C 440 -11.95 18.45 3.52
CA GLY C 440 -11.38 17.24 2.91
C GLY C 440 -10.47 17.52 1.72
N MET C 441 -10.59 18.72 1.15
CA MET C 441 -9.85 19.12 -0.03
CA MET C 441 -9.86 19.13 -0.04
C MET C 441 -9.47 20.59 0.06
N CYS C 442 -8.25 20.90 -0.35
CA CYS C 442 -7.77 22.26 -0.43
C CYS C 442 -7.02 22.48 -1.72
N TRP C 443 -7.48 23.46 -2.52
CA TRP C 443 -6.87 23.81 -3.79
C TRP C 443 -6.03 25.09 -3.64
N ILE C 444 -4.75 25.02 -3.99
CA ILE C 444 -3.85 26.15 -3.97
C ILE C 444 -3.56 26.63 -5.37
N ASN C 445 -3.88 27.91 -5.59
CA ASN C 445 -3.74 28.54 -6.89
C ASN C 445 -4.54 27.85 -8.01
N CYS C 446 -5.69 27.30 -7.60
CA CYS C 446 -6.66 26.63 -8.48
C CYS C 446 -7.89 26.41 -7.63
N TYR C 447 -8.94 25.87 -8.23
CA TYR C 447 -10.16 25.54 -7.47
C TYR C 447 -10.98 24.47 -8.22
N LYS C 448 -11.67 23.62 -7.47
CA LYS C 448 -12.51 22.56 -8.03
C LYS C 448 -11.76 21.62 -8.97
N ARG C 449 -10.51 21.28 -8.65
CA ARG C 449 -9.81 20.27 -9.44
C ARG C 449 -10.29 18.94 -8.89
N VAL C 450 -10.78 18.11 -9.81
CA VAL C 450 -11.28 16.78 -9.49
C VAL C 450 -10.63 15.78 -10.44
N ASN C 451 -10.29 14.62 -9.91
CA ASN C 451 -9.64 13.58 -10.66
C ASN C 451 -10.13 12.26 -10.05
N PRO C 452 -10.39 11.26 -10.89
CA PRO C 452 -10.97 10.01 -10.37
C PRO C 452 -10.08 9.17 -9.46
N GLY C 453 -8.79 9.51 -9.34
CA GLY C 453 -7.91 8.92 -8.31
C GLY C 453 -7.73 9.75 -7.06
N SER C 454 -8.27 10.98 -7.04
CA SER C 454 -8.02 11.91 -5.95
C SER C 454 -9.20 11.95 -4.98
N PRO C 455 -9.02 11.48 -3.73
CA PRO C 455 -10.18 11.34 -2.84
C PRO C 455 -10.95 12.63 -2.60
N PHE C 456 -12.26 12.50 -2.65
CA PHE C 456 -13.20 13.62 -2.66
C PHE C 456 -14.23 13.37 -1.58
N GLY C 457 -14.34 14.29 -0.63
CA GLY C 457 -15.41 14.22 0.38
C GLY C 457 -15.06 15.16 1.51
N GLY C 458 -15.84 15.11 2.59
CA GLY C 458 -15.77 16.15 3.60
C GLY C 458 -15.35 15.65 4.94
N VAL C 459 -15.30 16.58 5.87
CA VAL C 459 -15.16 16.28 7.31
C VAL C 459 -16.32 16.88 8.09
N GLY C 460 -16.47 16.47 9.35
CA GLY C 460 -17.53 17.00 10.21
C GLY C 460 -18.91 16.81 9.61
N LYS C 461 -19.73 17.85 9.70
CA LYS C 461 -21.07 17.83 9.14
C LYS C 461 -21.13 17.82 7.61
N SER C 462 -19.98 17.92 6.93
CA SER C 462 -19.98 17.74 5.46
C SER C 462 -19.96 16.24 5.07
N GLY C 463 -19.85 15.38 6.07
CA GLY C 463 -20.08 13.96 5.90
C GLY C 463 -18.84 13.13 6.07
N TYR C 464 -18.89 11.91 5.54
CA TYR C 464 -17.80 10.97 5.64
C TYR C 464 -17.82 9.94 4.52
N GLY C 465 -16.69 9.28 4.34
CA GLY C 465 -16.45 8.45 3.16
C GLY C 465 -15.82 9.30 2.07
N ARG C 466 -15.28 8.63 1.06
CA ARG C 466 -14.64 9.31 -0.06
C ARG C 466 -15.05 8.70 -1.39
N GLU C 467 -15.33 9.56 -2.35
CA GLU C 467 -15.40 9.18 -3.75
C GLU C 467 -13.97 9.20 -4.24
N MET C 468 -13.75 8.47 -5.32
CA MET C 468 -12.50 8.44 -6.10
C MET C 468 -11.45 7.55 -5.51
N GLY C 469 -10.54 7.12 -6.37
CA GLY C 469 -9.32 6.46 -5.93
C GLY C 469 -9.45 5.13 -5.21
N PHE C 470 -8.33 4.73 -4.61
CA PHE C 470 -8.30 3.56 -3.73
C PHE C 470 -9.21 3.73 -2.50
N GLU C 471 -9.42 4.97 -2.07
CA GLU C 471 -10.28 5.27 -0.91
C GLU C 471 -11.71 4.80 -1.19
N ALA C 472 -12.21 5.09 -2.38
CA ALA C 472 -13.54 4.65 -2.77
C ALA C 472 -13.62 3.11 -2.81
N MET C 473 -12.56 2.47 -3.31
CA MET C 473 -12.55 1.01 -3.37
C MET C 473 -12.57 0.41 -1.99
N HIS C 474 -11.83 1.00 -1.08
CA HIS C 474 -11.85 0.55 0.31
C HIS C 474 -13.27 0.65 0.89
N ASP C 475 -13.94 1.76 0.58
CA ASP C 475 -15.24 2.06 1.14
C ASP C 475 -16.33 1.20 0.50
N TYR C 476 -16.04 0.58 -0.64
CA TYR C 476 -16.99 -0.31 -1.30
C TYR C 476 -16.66 -1.80 -1.15
N THR C 477 -15.74 -2.11 -0.24
CA THR C 477 -15.42 -3.48 0.07
C THR C 477 -15.38 -3.65 1.59
N GLU C 478 -15.17 -4.88 2.02
CA GLU C 478 -15.05 -5.22 3.43
C GLU C 478 -13.92 -6.21 3.58
N ALA C 479 -13.26 -6.16 4.73
CA ALA C 479 -12.18 -7.07 5.01
C ALA C 479 -12.69 -8.45 5.37
N ARG C 480 -12.19 -9.48 4.69
CA ARG C 480 -12.50 -10.89 5.00
C ARG C 480 -11.20 -11.57 5.36
N SER C 481 -11.00 -11.81 6.64
CA SER C 481 -9.74 -12.36 7.15
C SER C 481 -9.87 -13.88 7.30
N VAL C 482 -8.93 -14.61 6.72
CA VAL C 482 -8.93 -16.06 6.76
C VAL C 482 -7.63 -16.52 7.39
N TRP C 483 -7.74 -17.42 8.36
CA TRP C 483 -6.56 -17.97 9.06
C TRP C 483 -6.47 -19.43 8.76
N VAL C 484 -5.27 -19.89 8.38
CA VAL C 484 -5.00 -21.32 8.25
C VAL C 484 -3.98 -21.68 9.29
N ASN C 485 -4.32 -22.60 10.17
CA ASN C 485 -3.32 -23.15 11.05
C ASN C 485 -2.57 -24.28 10.35
N VAL C 486 -1.39 -23.96 9.80
CA VAL C 486 -0.60 -24.92 9.04
C VAL C 486 0.21 -25.79 9.99
N ASP C 487 0.88 -25.13 10.94
CA ASP C 487 1.82 -25.76 11.87
C ASP C 487 1.86 -24.99 13.18
N GLY C 488 0.76 -24.38 13.59
CA GLY C 488 0.77 -23.57 14.80
C GLY C 488 1.07 -24.32 16.08
N ASN C 489 0.74 -25.60 16.12
CA ASN C 489 1.01 -26.42 17.31
C ASN C 489 0.46 -25.82 18.60
N VAL C 490 -0.85 -25.56 18.62
CA VAL C 490 -1.49 -24.83 19.72
C VAL C 490 -1.74 -25.78 20.89
N PRO C 491 -1.16 -25.49 22.06
CA PRO C 491 -1.40 -26.45 23.14
C PRO C 491 -2.86 -26.47 23.60
N PRO C 492 -3.35 -27.61 24.07
CA PRO C 492 -4.71 -27.59 24.59
C PRO C 492 -4.88 -26.58 25.73
N HIS C 493 -6.01 -25.87 25.72
CA HIS C 493 -6.34 -24.93 26.80
C HIS C 493 -6.72 -25.63 28.10
N PHE C 494 -7.43 -26.75 27.99
CA PHE C 494 -7.75 -27.57 29.16
C PHE C 494 -6.86 -28.81 29.09
N LYS C 495 -5.77 -28.81 29.85
CA LYS C 495 -4.74 -29.85 29.72
C LYS C 495 -5.17 -31.12 30.41
N ARG C 496 -5.07 -32.23 29.68
CA ARG C 496 -5.50 -33.52 30.20
C ARG C 496 -4.47 -34.61 29.89
N HIS D 8 1.77 -6.06 -45.88
CA HIS D 8 3.25 -5.97 -45.87
C HIS D 8 3.74 -6.43 -44.51
N MET D 9 4.61 -7.44 -44.49
CA MET D 9 5.31 -7.85 -43.26
C MET D 9 6.48 -6.91 -42.99
N GLN D 10 6.51 -6.23 -41.84
CA GLN D 10 7.60 -5.32 -41.52
C GLN D 10 8.85 -6.10 -41.12
N THR D 11 10.00 -5.64 -41.60
CA THR D 11 11.28 -6.32 -41.40
C THR D 11 12.39 -5.41 -40.98
N GLN D 12 12.14 -4.12 -40.90
CA GLN D 12 13.19 -3.18 -40.61
C GLN D 12 13.27 -2.86 -39.10
N LEU D 13 14.30 -2.14 -38.68
CA LEU D 13 14.38 -1.61 -37.31
C LEU D 13 13.29 -0.57 -37.14
N PHE D 14 12.85 -0.31 -35.90
CA PHE D 14 11.94 0.80 -35.68
C PHE D 14 12.57 1.77 -34.73
N ILE D 15 12.92 2.93 -35.27
CA ILE D 15 13.65 3.95 -34.50
C ILE D 15 12.99 5.30 -34.73
N ASP D 16 12.67 5.97 -33.61
CA ASP D 16 12.10 7.31 -33.63
C ASP D 16 10.88 7.39 -34.57
N GLY D 17 9.99 6.41 -34.45
CA GLY D 17 8.70 6.45 -35.12
C GLY D 17 8.67 5.99 -36.57
N ARG D 18 9.81 5.50 -37.08
CA ARG D 18 9.90 5.03 -38.47
C ARG D 18 10.59 3.66 -38.58
N PHE D 19 10.21 2.92 -39.60
CA PHE D 19 10.91 1.71 -40.00
C PHE D 19 12.08 2.08 -40.88
N VAL D 20 13.26 1.63 -40.50
CA VAL D 20 14.49 2.03 -41.17
C VAL D 20 15.46 0.87 -41.28
N ASP D 21 16.33 0.96 -42.27
CA ASP D 21 17.40 -0.02 -42.42
C ASP D 21 18.46 0.23 -41.36
N ALA D 22 19.29 -0.79 -41.11
CA ALA D 22 20.41 -0.66 -40.20
C ALA D 22 21.48 0.21 -40.85
N VAL D 23 22.20 0.97 -40.03
CA VAL D 23 23.28 1.84 -40.46
C VAL D 23 24.25 1.13 -41.42
N ASP D 24 24.72 -0.05 -41.04
CA ASP D 24 25.66 -0.81 -41.86
C ASP D 24 24.97 -1.63 -42.96
N ARG D 25 23.64 -1.54 -43.03
CA ARG D 25 22.84 -2.22 -44.05
C ARG D 25 22.91 -3.75 -43.97
N GLY D 26 23.22 -4.28 -42.80
CA GLY D 26 23.24 -5.71 -42.61
C GLY D 26 21.85 -6.30 -42.45
N THR D 27 21.74 -7.58 -42.76
CA THR D 27 20.51 -8.30 -42.56
C THR D 27 20.80 -9.62 -41.87
N ILE D 28 19.71 -10.21 -41.39
CA ILE D 28 19.72 -11.55 -40.81
C ILE D 28 18.56 -12.34 -41.42
N ASP D 29 18.82 -13.59 -41.79
CA ASP D 29 17.78 -14.49 -42.30
C ASP D 29 16.94 -15.03 -41.17
N VAL D 30 15.63 -14.96 -41.34
CA VAL D 30 14.71 -15.46 -40.33
C VAL D 30 14.11 -16.74 -40.86
N LEU D 31 14.25 -17.82 -40.10
CA LEU D 31 13.89 -19.15 -40.61
C LEU D 31 12.56 -19.66 -40.04
N ASN D 32 11.86 -20.46 -40.83
CA ASN D 32 10.66 -21.19 -40.37
C ASN D 32 11.06 -22.56 -39.84
N PRO D 33 10.87 -22.81 -38.52
CA PRO D 33 11.34 -24.06 -37.95
C PRO D 33 10.62 -25.31 -38.40
N HIS D 34 9.52 -25.17 -39.13
CA HIS D 34 8.85 -26.33 -39.68
C HIS D 34 9.66 -26.99 -40.80
N ASP D 35 10.37 -26.17 -41.57
CA ASP D 35 11.12 -26.68 -42.71
C ASP D 35 12.45 -26.01 -43.03
N GLY D 36 12.94 -25.13 -42.17
CA GLY D 36 14.21 -24.45 -42.41
C GLY D 36 14.21 -23.44 -43.56
N SER D 37 13.06 -23.13 -44.13
CA SER D 37 13.00 -22.16 -45.23
C SER D 37 13.18 -20.76 -44.69
N VAL D 38 13.66 -19.87 -45.55
CA VAL D 38 13.80 -18.46 -45.21
C VAL D 38 12.47 -17.75 -45.32
N ILE D 39 11.96 -17.25 -44.20
CA ILE D 39 10.72 -16.51 -44.23
C ILE D 39 10.99 -15.14 -44.87
N THR D 40 12.04 -14.48 -44.39
CA THR D 40 12.37 -13.13 -44.80
C THR D 40 13.73 -12.79 -44.22
N LYS D 41 14.31 -11.70 -44.72
CA LYS D 41 15.48 -11.12 -44.12
C LYS D 41 15.03 -9.92 -43.29
N ILE D 42 15.67 -9.71 -42.14
CA ILE D 42 15.40 -8.52 -41.33
C ILE D 42 16.62 -7.63 -41.32
N ALA D 43 16.42 -6.33 -41.11
CA ALA D 43 17.51 -5.44 -40.80
C ALA D 43 18.19 -5.87 -39.49
N ALA D 44 19.52 -5.81 -39.47
CA ALA D 44 20.31 -6.35 -38.36
C ALA D 44 20.96 -5.20 -37.61
N ALA D 45 20.38 -4.83 -36.46
CA ALA D 45 20.91 -3.74 -35.67
C ALA D 45 22.31 -4.06 -35.14
N THR D 46 23.17 -3.05 -35.17
CA THR D 46 24.47 -3.08 -34.53
C THR D 46 24.57 -1.92 -33.56
N ALA D 47 25.77 -1.71 -33.02
CA ALA D 47 25.95 -0.72 -31.96
C ALA D 47 25.47 0.65 -32.39
N ALA D 48 25.76 1.01 -33.63
CA ALA D 48 25.40 2.36 -34.09
C ALA D 48 23.88 2.55 -34.15
N ASP D 49 23.16 1.49 -34.45
CA ASP D 49 21.68 1.52 -34.49
C ASP D 49 21.13 1.64 -33.09
N VAL D 50 21.73 0.88 -32.16
CA VAL D 50 21.36 1.02 -30.77
C VAL D 50 21.58 2.46 -30.32
N ASP D 51 22.69 3.09 -30.75
CA ASP D 51 22.91 4.49 -30.37
C ASP D 51 21.81 5.43 -30.85
N LEU D 52 21.39 5.23 -32.09
CA LEU D 52 20.26 6.01 -32.65
C LEU D 52 18.97 5.79 -31.89
N ALA D 53 18.69 4.53 -31.54
CA ALA D 53 17.50 4.16 -30.76
C ALA D 53 17.52 4.79 -29.36
N VAL D 54 18.65 4.71 -28.70
CA VAL D 54 18.76 5.32 -27.37
C VAL D 54 18.63 6.86 -27.49
N ASP D 55 19.24 7.45 -28.49
CA ASP D 55 19.09 8.90 -28.72
C ASP D 55 17.61 9.28 -28.89
N ALA D 56 16.87 8.52 -29.68
CA ALA D 56 15.45 8.81 -29.90
C ALA D 56 14.65 8.68 -28.59
N ALA D 57 14.92 7.60 -27.85
CA ALA D 57 14.28 7.40 -26.55
C ALA D 57 14.62 8.51 -25.57
N THR D 58 15.85 9.02 -25.64
CA THR D 58 16.26 10.11 -24.78
C THR D 58 15.50 11.42 -25.09
N ARG D 59 15.46 11.79 -26.37
CA ARG D 59 14.68 12.94 -26.83
C ARG D 59 13.19 12.88 -26.46
N ALA D 60 12.60 11.68 -26.57
CA ALA D 60 11.17 11.48 -26.28
C ALA D 60 10.82 11.45 -24.81
N PHE D 61 11.79 11.15 -23.96
CA PHE D 61 11.52 10.91 -22.55
C PHE D 61 10.88 12.09 -21.81
N PRO D 62 11.38 13.33 -21.98
CA PRO D 62 10.77 14.39 -21.19
C PRO D 62 9.26 14.53 -21.45
N ALA D 63 8.83 14.52 -22.72
CA ALA D 63 7.40 14.63 -23.05
C ALA D 63 6.58 13.38 -22.67
N TRP D 64 7.20 12.22 -22.74
CA TRP D 64 6.50 10.98 -22.39
C TRP D 64 6.28 10.88 -20.89
N SER D 65 7.31 11.14 -20.10
CA SER D 65 7.15 11.15 -18.67
C SER D 65 6.23 12.29 -18.19
N ALA D 66 6.17 13.40 -18.94
CA ALA D 66 5.37 14.56 -18.52
C ALA D 66 3.88 14.39 -18.85
N MET D 67 3.58 13.50 -19.80
CA MET D 67 2.21 13.17 -20.19
C MET D 67 1.50 12.67 -18.93
N PRO D 68 0.22 13.06 -18.73
CA PRO D 68 -0.51 12.49 -17.61
C PRO D 68 -0.50 10.98 -17.67
N ALA D 69 -0.35 10.34 -16.51
CA ALA D 69 -0.34 8.87 -16.45
C ALA D 69 -1.57 8.23 -17.13
N ALA D 70 -2.75 8.84 -16.98
CA ALA D 70 -3.94 8.33 -17.66
C ALA D 70 -3.84 8.31 -19.20
N GLU D 71 -3.11 9.28 -19.74
N GLU D 71 -3.15 9.26 -19.81
CA GLU D 71 -2.86 9.41 -21.17
CA GLU D 71 -3.03 9.23 -21.27
C GLU D 71 -1.94 8.29 -21.69
C GLU D 71 -1.93 8.26 -21.75
N ARG D 72 -0.90 7.98 -20.94
CA ARG D 72 -0.02 6.83 -21.24
C ARG D 72 -0.85 5.55 -21.14
N GLY D 73 -1.68 5.48 -20.10
CA GLY D 73 -2.59 4.35 -19.91
C GLY D 73 -3.50 4.14 -21.09
N ARG D 74 -4.12 5.19 -21.54
CA ARG D 74 -5.03 5.10 -22.68
C ARG D 74 -4.36 4.49 -23.92
N LEU D 75 -3.11 4.88 -24.19
CA LEU D 75 -2.38 4.34 -25.35
C LEU D 75 -2.24 2.83 -25.23
N LEU D 76 -1.93 2.37 -24.03
CA LEU D 76 -1.78 0.94 -23.80
C LEU D 76 -3.10 0.20 -23.95
N LEU D 77 -4.20 0.82 -23.49
CA LEU D 77 -5.53 0.23 -23.66
C LEU D 77 -5.86 0.10 -25.14
N ARG D 78 -5.53 1.13 -25.91
CA ARG D 78 -5.83 1.12 -27.33
C ARG D 78 -5.00 0.05 -28.00
N LEU D 79 -3.76 -0.11 -27.56
CA LEU D 79 -2.90 -1.15 -28.10
C LEU D 79 -3.48 -2.55 -27.82
N ALA D 80 -3.92 -2.80 -26.58
CA ALA D 80 -4.56 -4.10 -26.26
C ALA D 80 -5.74 -4.41 -27.20
N ASP D 81 -6.59 -3.40 -27.42
CA ASP D 81 -7.73 -3.57 -28.34
C ASP D 81 -7.26 -3.88 -29.77
N ALA D 82 -6.22 -3.21 -30.21
CA ALA D 82 -5.71 -3.39 -31.58
C ALA D 82 -5.11 -4.80 -31.75
N ILE D 83 -4.42 -5.28 -30.72
CA ILE D 83 -3.86 -6.63 -30.74
C ILE D 83 -4.99 -7.63 -30.89
N GLU D 84 -6.04 -7.47 -30.09
CA GLU D 84 -7.19 -8.36 -30.17
C GLU D 84 -7.86 -8.31 -31.54
N ALA D 85 -7.98 -7.12 -32.12
CA ALA D 85 -8.59 -6.97 -33.45
C ALA D 85 -7.76 -7.63 -34.55
N ASN D 86 -6.48 -7.88 -34.26
CA ASN D 86 -5.55 -8.50 -35.22
C ASN D 86 -5.10 -9.90 -34.78
N THR D 87 -5.93 -10.55 -33.96
CA THR D 87 -5.57 -11.82 -33.32
C THR D 87 -5.07 -12.84 -34.33
N GLU D 88 -5.81 -13.06 -35.41
CA GLU D 88 -5.50 -14.17 -36.29
C GLU D 88 -4.19 -13.93 -37.04
N ALA D 89 -4.05 -12.72 -37.60
CA ALA D 89 -2.82 -12.34 -38.27
C ALA D 89 -1.59 -12.40 -37.36
N LEU D 90 -1.73 -11.92 -36.13
CA LEU D 90 -0.62 -11.99 -35.17
C LEU D 90 -0.28 -13.44 -34.78
N ALA D 91 -1.30 -14.27 -34.58
CA ALA D 91 -1.11 -15.69 -34.26
C ALA D 91 -0.42 -16.43 -35.40
N GLN D 92 -0.86 -16.18 -36.62
CA GLN D 92 -0.26 -16.77 -37.80
C GLN D 92 1.21 -16.39 -37.91
N LEU D 93 1.50 -15.11 -37.69
CA LEU D 93 2.87 -14.62 -37.79
C LEU D 93 3.74 -15.23 -36.69
N GLU D 94 3.25 -15.18 -35.45
CA GLU D 94 3.99 -15.79 -34.34
C GLU D 94 4.25 -17.30 -34.60
N SER D 95 3.25 -18.06 -35.03
CA SER D 95 3.44 -19.50 -35.35
C SER D 95 4.48 -19.73 -36.44
N LEU D 96 4.42 -18.93 -37.49
CA LEU D 96 5.35 -19.04 -38.62
C LEU D 96 6.81 -18.92 -38.17
N ASP D 97 7.04 -17.91 -37.35
CA ASP D 97 8.34 -17.54 -36.87
C ASP D 97 8.86 -18.48 -35.75
N THR D 98 8.00 -18.84 -34.81
CA THR D 98 8.43 -19.52 -33.60
C THR D 98 8.26 -21.03 -33.65
N GLY D 99 7.36 -21.52 -34.48
CA GLY D 99 6.99 -22.94 -34.47
C GLY D 99 5.90 -23.28 -33.46
N HIS D 100 5.35 -22.28 -32.78
CA HIS D 100 4.25 -22.54 -31.84
C HIS D 100 3.06 -23.03 -32.66
N PRO D 101 2.42 -24.09 -32.18
CA PRO D 101 1.17 -24.48 -32.84
C PRO D 101 0.19 -23.31 -32.90
N ILE D 102 -0.44 -23.16 -34.07
CA ILE D 102 -1.39 -22.09 -34.27
C ILE D 102 -2.48 -22.09 -33.17
N ARG D 103 -2.87 -23.26 -32.67
CA ARG D 103 -3.87 -23.30 -31.61
C ARG D 103 -3.36 -22.62 -30.31
N ASP D 104 -2.05 -22.72 -30.06
CA ASP D 104 -1.39 -22.07 -28.92
C ASP D 104 -1.29 -20.55 -29.13
N SER D 105 -0.88 -20.13 -30.31
CA SER D 105 -0.65 -18.71 -30.52
C SER D 105 -2.01 -18.01 -30.53
N ARG D 106 -3.07 -18.69 -31.01
CA ARG D 106 -4.43 -18.16 -30.94
C ARG D 106 -4.93 -18.08 -29.49
N ALA D 107 -4.79 -19.15 -28.74
CA ALA D 107 -5.42 -19.27 -27.42
C ALA D 107 -4.56 -18.69 -26.28
N LEU D 108 -3.25 -18.65 -26.46
CA LEU D 108 -2.33 -18.29 -25.39
C LEU D 108 -1.52 -17.07 -25.73
N ASP D 109 -0.64 -17.15 -26.74
CA ASP D 109 0.29 -16.05 -27.06
C ASP D 109 -0.44 -14.69 -27.30
N VAL D 110 -1.42 -14.66 -28.20
CA VAL D 110 -2.08 -13.38 -28.45
C VAL D 110 -2.90 -12.86 -27.25
N PRO D 111 -3.81 -13.68 -26.69
CA PRO D 111 -4.62 -13.19 -25.55
C PRO D 111 -3.83 -12.80 -24.30
N ARG D 112 -2.76 -13.53 -23.98
CA ARG D 112 -1.94 -13.14 -22.85
C ARG D 112 -1.24 -11.79 -23.13
N THR D 113 -0.86 -11.55 -24.38
CA THR D 113 -0.20 -10.31 -24.75
C THR D 113 -1.17 -9.15 -24.57
N ALA D 114 -2.37 -9.31 -25.13
CA ALA D 114 -3.38 -8.27 -25.02
C ALA D 114 -3.75 -8.01 -23.57
N ALA D 115 -3.92 -9.09 -22.79
CA ALA D 115 -4.30 -8.96 -21.41
C ALA D 115 -3.27 -8.20 -20.59
N CYS D 116 -1.99 -8.39 -20.88
CA CYS D 116 -0.94 -7.75 -20.12
C CYS D 116 -0.85 -6.27 -20.48
N PHE D 117 -0.94 -5.95 -21.77
CA PHE D 117 -1.00 -4.54 -22.16
C PHE D 117 -2.23 -3.86 -21.54
N ARG D 118 -3.37 -4.52 -21.56
CA ARG D 118 -4.59 -3.92 -21.00
C ARG D 118 -4.42 -3.68 -19.49
N TYR D 119 -3.86 -4.67 -18.80
CA TYR D 119 -3.58 -4.50 -17.38
C TYR D 119 -2.77 -3.26 -17.10
N PHE D 120 -1.65 -3.12 -17.79
CA PHE D 120 -0.78 -1.99 -17.54
C PHE D 120 -1.36 -0.67 -18.01
N GLY D 121 -2.19 -0.68 -19.06
CA GLY D 121 -2.95 0.52 -19.40
C GLY D 121 -3.81 1.04 -18.25
N GLY D 122 -4.44 0.12 -17.52
CA GLY D 122 -5.23 0.50 -16.37
C GLY D 122 -4.34 0.81 -15.18
N MET D 123 -3.12 0.27 -15.16
CA MET D 123 -2.19 0.47 -14.03
C MET D 123 -1.51 1.85 -14.03
N ALA D 124 -1.35 2.45 -15.21
CA ALA D 124 -0.47 3.62 -15.36
C ALA D 124 -0.78 4.71 -14.32
N ASP D 125 -2.07 5.00 -14.11
CA ASP D 125 -2.43 6.05 -13.15
C ASP D 125 -2.91 5.52 -11.81
N LYS D 126 -2.58 4.26 -11.52
CA LYS D 126 -2.83 3.68 -10.21
C LYS D 126 -1.60 3.60 -9.34
N LEU D 127 -0.41 3.84 -9.91
CA LEU D 127 0.80 3.90 -9.11
C LEU D 127 0.84 5.24 -8.41
N GLN D 128 0.90 5.20 -7.07
CA GLN D 128 0.85 6.43 -6.27
C GLN D 128 2.13 6.60 -5.47
N GLY D 129 2.50 7.84 -5.18
CA GLY D 129 3.59 8.12 -4.24
C GLY D 129 3.12 8.09 -2.80
N SER D 130 3.95 8.62 -1.91
CA SER D 130 3.66 8.54 -0.49
C SER D 130 3.96 9.83 0.26
N VAL D 131 3.39 9.95 1.45
CA VAL D 131 3.66 11.08 2.32
C VAL D 131 4.13 10.48 3.64
N ILE D 132 5.31 10.86 4.06
CA ILE D 132 5.99 10.22 5.18
C ILE D 132 5.80 11.08 6.42
N PRO D 133 5.43 10.43 7.54
CA PRO D 133 5.27 11.16 8.81
C PRO D 133 6.63 11.47 9.39
N VAL D 134 6.97 12.75 9.44
CA VAL D 134 8.31 13.14 9.87
C VAL D 134 8.17 14.21 10.98
N ASP D 135 9.24 14.97 11.19
CA ASP D 135 9.29 15.90 12.28
C ASP D 135 8.28 17.01 12.06
N THR D 136 7.89 17.63 13.16
CA THR D 136 6.87 18.66 13.16
C THR D 136 7.32 19.83 12.29
N GLY D 137 6.41 20.32 11.46
CA GLY D 137 6.70 21.45 10.59
C GLY D 137 7.30 21.12 9.23
N PHE D 138 7.51 19.84 8.96
CA PHE D 138 8.05 19.37 7.70
C PHE D 138 7.03 18.56 6.93
N LEU D 139 6.99 18.79 5.62
CA LEU D 139 6.24 17.96 4.69
C LEU D 139 7.23 17.14 3.88
N ASN D 140 7.02 15.82 3.80
CA ASN D 140 7.89 14.94 3.03
C ASN D 140 7.05 14.07 2.14
N TYR D 141 7.05 14.38 0.84
CA TYR D 141 6.36 13.60 -0.14
C TYR D 141 7.36 12.87 -1.02
N VAL D 142 6.98 11.67 -1.43
CA VAL D 142 7.82 10.79 -2.25
C VAL D 142 7.06 10.41 -3.51
N GLN D 143 7.68 10.68 -4.64
CA GLN D 143 7.12 10.31 -5.93
C GLN D 143 7.75 9.04 -6.40
N ARG D 144 7.02 8.28 -7.20
CA ARG D 144 7.59 7.18 -7.96
C ARG D 144 7.83 7.63 -9.37
N ALA D 145 9.04 8.07 -9.65
CA ALA D 145 9.34 8.68 -10.94
C ALA D 145 9.90 7.61 -11.88
N PRO D 146 9.72 7.79 -13.19
CA PRO D 146 10.34 6.84 -14.09
C PRO D 146 11.84 6.95 -14.03
N ILE D 147 12.51 5.90 -14.49
CA ILE D 147 13.98 5.84 -14.49
C ILE D 147 14.54 6.67 -15.63
N GLY D 148 13.98 6.52 -16.83
CA GLY D 148 14.44 7.22 -18.00
C GLY D 148 14.30 6.31 -19.21
N VAL D 149 15.42 6.09 -19.90
CA VAL D 149 15.48 5.16 -21.03
C VAL D 149 15.81 3.78 -20.48
N VAL D 150 14.96 2.81 -20.76
CA VAL D 150 15.21 1.45 -20.31
C VAL D 150 15.47 0.55 -21.51
N GLY D 151 16.43 -0.36 -21.37
CA GLY D 151 16.79 -1.28 -22.41
C GLY D 151 16.27 -2.63 -22.00
N GLN D 152 15.74 -3.36 -22.97
CA GLN D 152 15.10 -4.66 -22.72
C GLN D 152 15.57 -5.65 -23.76
N ILE D 153 16.06 -6.80 -23.29
CA ILE D 153 16.56 -7.85 -24.17
C ILE D 153 15.72 -9.09 -23.90
N VAL D 154 15.13 -9.64 -24.95
CA VAL D 154 14.06 -10.64 -24.89
CA VAL D 154 14.20 -10.76 -24.76
C VAL D 154 14.44 -11.89 -25.73
N PRO D 155 14.18 -13.12 -25.23
CA PRO D 155 14.56 -14.30 -25.98
C PRO D 155 13.46 -14.74 -26.96
N TRP D 156 13.64 -15.91 -27.54
CA TRP D 156 12.84 -16.34 -28.69
C TRP D 156 11.69 -17.27 -28.34
N ASN D 157 11.49 -17.59 -27.07
CA ASN D 157 10.53 -18.62 -26.75
C ASN D 157 9.10 -18.12 -26.64
N PHE D 158 8.92 -16.88 -26.17
CA PHE D 158 7.57 -16.26 -26.13
C PHE D 158 7.68 -14.80 -26.61
N PRO D 159 8.09 -14.60 -27.85
CA PRO D 159 8.48 -13.23 -28.26
C PRO D 159 7.30 -12.26 -28.25
N LEU D 160 6.15 -12.69 -28.72
CA LEU D 160 4.97 -11.84 -28.70
C LEU D 160 4.58 -11.46 -27.25
N MET D 161 4.42 -12.49 -26.42
CA MET D 161 4.03 -12.31 -25.02
CA MET D 161 4.01 -12.28 -25.03
C MET D 161 5.00 -11.39 -24.29
N PHE D 162 6.29 -11.60 -24.52
CA PHE D 162 7.32 -10.83 -23.84
C PHE D 162 7.28 -9.36 -24.21
N THR D 163 6.76 -9.00 -25.39
CA THR D 163 6.59 -7.56 -25.70
C THR D 163 5.72 -6.89 -24.63
N SER D 164 4.69 -7.59 -24.18
CA SER D 164 3.79 -7.02 -23.20
C SER D 164 4.39 -7.07 -21.80
N TRP D 165 5.02 -8.18 -21.45
CA TRP D 165 5.60 -8.34 -20.10
C TRP D 165 6.68 -7.30 -19.85
N LYS D 166 7.47 -6.99 -20.87
N LYS D 166 7.49 -6.99 -20.85
CA LYS D 166 8.54 -6.00 -20.72
CA LYS D 166 8.57 -6.01 -20.67
C LYS D 166 8.03 -4.57 -20.85
C LYS D 166 8.07 -4.56 -20.85
N MET D 167 7.41 -4.28 -21.97
CA MET D 167 7.03 -2.91 -22.28
C MET D 167 5.83 -2.39 -21.51
N GLY D 168 4.90 -3.25 -21.11
CA GLY D 168 3.74 -2.79 -20.40
C GLY D 168 4.04 -1.98 -19.15
N PRO D 169 4.78 -2.56 -18.20
CA PRO D 169 5.12 -1.77 -17.00
C PRO D 169 6.08 -0.61 -17.28
N ALA D 170 7.09 -0.84 -18.11
CA ALA D 170 8.07 0.22 -18.44
C ALA D 170 7.39 1.47 -18.99
N LEU D 171 6.50 1.29 -19.96
CA LEU D 171 5.78 2.38 -20.56
C LEU D 171 4.73 3.00 -19.66
N ALA D 172 3.95 2.17 -18.98
CA ALA D 172 2.97 2.66 -18.01
C ALA D 172 3.64 3.57 -16.98
N ALA D 173 4.85 3.21 -16.58
CA ALA D 173 5.58 3.99 -15.55
C ALA D 173 6.22 5.29 -16.08
N GLY D 174 6.18 5.56 -17.38
CA GLY D 174 6.70 6.79 -17.97
C GLY D 174 8.15 6.70 -18.47
N ASN D 175 8.69 5.49 -18.58
CA ASN D 175 9.98 5.27 -19.26
C ASN D 175 9.82 5.21 -20.73
N THR D 176 10.89 5.52 -21.45
CA THR D 176 10.97 5.21 -22.86
C THR D 176 11.83 3.97 -23.04
N VAL D 177 11.64 3.30 -24.17
CA VAL D 177 12.10 1.93 -24.38
C VAL D 177 12.95 1.72 -25.62
N VAL D 178 14.04 0.97 -25.43
CA VAL D 178 14.78 0.33 -26.52
C VAL D 178 14.76 -1.18 -26.25
N LEU D 179 14.16 -1.92 -27.16
CA LEU D 179 13.93 -3.34 -26.96
C LEU D 179 14.59 -4.09 -28.08
N LYS D 180 15.44 -5.03 -27.71
CA LYS D 180 16.18 -5.84 -28.63
C LYS D 180 15.54 -7.24 -28.59
N PRO D 181 14.64 -7.56 -29.53
CA PRO D 181 14.04 -8.89 -29.50
C PRO D 181 15.03 -9.92 -30.07
N SER D 182 14.72 -11.20 -29.99
CA SER D 182 15.59 -12.20 -30.54
C SER D 182 15.58 -12.08 -32.04
N GLU D 183 16.77 -12.13 -32.64
CA GLU D 183 16.90 -12.15 -34.08
C GLU D 183 16.40 -13.48 -34.72
N ILE D 184 16.18 -14.48 -33.88
CA ILE D 184 15.64 -15.75 -34.34
C ILE D 184 14.14 -15.63 -34.61
N THR D 185 13.46 -14.83 -33.79
CA THR D 185 12.01 -14.70 -33.86
C THR D 185 11.53 -13.24 -33.73
N PRO D 186 11.94 -12.35 -34.64
CA PRO D 186 11.68 -10.92 -34.42
C PRO D 186 10.36 -10.38 -35.01
N LEU D 187 9.64 -11.21 -35.78
CA LEU D 187 8.61 -10.67 -36.67
C LEU D 187 7.37 -10.14 -35.93
N SER D 188 6.89 -10.86 -34.91
CA SER D 188 5.71 -10.38 -34.20
C SER D 188 6.01 -9.06 -33.47
N THR D 189 7.25 -8.88 -32.98
CA THR D 189 7.64 -7.68 -32.25
C THR D 189 7.57 -6.43 -33.17
N LEU D 190 7.97 -6.59 -34.44
CA LEU D 190 7.90 -5.48 -35.39
C LEU D 190 6.44 -5.12 -35.73
N ARG D 191 5.57 -6.13 -35.74
CA ARG D 191 4.14 -5.89 -35.94
C ARG D 191 3.56 -5.15 -34.75
N ILE D 192 3.96 -5.53 -33.55
CA ILE D 192 3.50 -4.85 -32.34
C ILE D 192 3.85 -3.36 -32.38
N VAL D 193 5.09 -3.02 -32.74
CA VAL D 193 5.46 -1.61 -32.74
C VAL D 193 4.73 -0.86 -33.86
N GLU D 194 4.44 -1.57 -34.95
CA GLU D 194 3.64 -0.98 -36.00
C GLU D 194 2.25 -0.62 -35.46
N LEU D 195 1.65 -1.54 -34.68
CA LEU D 195 0.39 -1.23 -34.02
C LEU D 195 0.51 -0.10 -33.01
N MET D 196 1.65 -0.01 -32.32
CA MET D 196 1.85 1.11 -31.37
C MET D 196 1.80 2.45 -32.11
N ALA D 197 2.46 2.51 -33.25
CA ALA D 197 2.43 3.72 -34.05
C ALA D 197 1.01 4.01 -34.52
N GLU D 198 0.30 2.98 -34.97
CA GLU D 198 -1.10 3.10 -35.43
C GLU D 198 -2.03 3.69 -34.36
N VAL D 199 -1.87 3.28 -33.10
CA VAL D 199 -2.78 3.80 -32.04
C VAL D 199 -2.29 5.12 -31.44
N GLY D 200 -1.12 5.59 -31.84
CA GLY D 200 -0.66 6.93 -31.54
C GLY D 200 0.49 7.06 -30.55
N PHE D 201 1.26 6.01 -30.31
CA PHE D 201 2.45 6.18 -29.50
C PHE D 201 3.40 7.20 -30.14
N PRO D 202 3.93 8.15 -29.35
CA PRO D 202 4.77 9.17 -29.97
C PRO D 202 6.10 8.62 -30.48
N ALA D 203 6.67 9.27 -31.50
CA ALA D 203 7.97 8.84 -32.04
C ALA D 203 9.05 8.84 -30.95
N GLY D 204 9.83 7.76 -30.90
CA GLY D 204 10.94 7.67 -29.96
C GLY D 204 10.62 6.99 -28.64
N VAL D 205 9.33 6.84 -28.34
CA VAL D 205 8.92 6.23 -27.09
C VAL D 205 9.21 4.72 -27.07
N VAL D 206 9.00 4.05 -28.20
CA VAL D 206 9.36 2.63 -28.32
C VAL D 206 10.24 2.47 -29.55
N ASN D 207 11.41 1.87 -29.36
CA ASN D 207 12.33 1.60 -30.45
C ASN D 207 12.71 0.12 -30.45
N ILE D 208 12.62 -0.53 -31.61
CA ILE D 208 12.85 -1.98 -31.69
C ILE D 208 14.07 -2.19 -32.56
N VAL D 209 15.06 -2.87 -32.01
CA VAL D 209 16.35 -3.08 -32.71
C VAL D 209 16.75 -4.56 -32.73
N PRO D 210 16.08 -5.36 -33.56
CA PRO D 210 16.52 -6.77 -33.73
C PRO D 210 17.96 -6.82 -34.30
N GLY D 211 18.76 -7.74 -33.77
CA GLY D 211 20.14 -7.89 -34.16
C GLY D 211 20.75 -8.93 -33.23
N TYR D 212 22.01 -9.29 -33.45
CA TYR D 212 22.64 -10.29 -32.61
C TYR D 212 22.84 -9.80 -31.18
N GLY D 213 22.88 -10.75 -30.25
CA GLY D 213 23.20 -10.47 -28.86
C GLY D 213 24.57 -9.82 -28.70
N HIS D 214 25.52 -10.23 -29.54
CA HIS D 214 26.88 -9.77 -29.35
C HIS D 214 27.14 -8.42 -30.04
N THR D 215 26.16 -7.92 -30.79
CA THR D 215 26.29 -6.61 -31.45
C THR D 215 25.31 -5.66 -30.78
N ALA D 216 24.05 -5.72 -31.16
CA ALA D 216 23.02 -4.87 -30.57
C ALA D 216 22.81 -5.10 -29.08
N GLY D 217 22.71 -6.37 -28.64
CA GLY D 217 22.42 -6.65 -27.21
C GLY D 217 23.52 -6.12 -26.29
N GLN D 218 24.76 -6.39 -26.66
CA GLN D 218 25.92 -5.94 -25.88
C GLN D 218 25.98 -4.44 -25.75
N ARG D 219 25.72 -3.73 -26.85
CA ARG D 219 25.75 -2.27 -26.82
C ARG D 219 24.65 -1.71 -25.93
N LEU D 220 23.47 -2.31 -26.00
CA LEU D 220 22.36 -1.85 -25.21
C LEU D 220 22.68 -2.03 -23.73
N ALA D 221 23.22 -3.17 -23.35
CA ALA D 221 23.53 -3.44 -21.93
C ALA D 221 24.62 -2.50 -21.40
N GLU D 222 25.56 -2.15 -22.27
CA GLU D 222 26.67 -1.27 -21.91
C GLU D 222 26.37 0.22 -22.01
N HIS D 223 25.24 0.59 -22.59
CA HIS D 223 25.07 1.96 -23.05
C HIS D 223 25.00 2.93 -21.90
N PRO D 224 25.80 4.02 -21.93
CA PRO D 224 25.80 5.00 -20.81
C PRO D 224 24.53 5.82 -20.67
N GLY D 225 23.72 5.93 -21.72
CA GLY D 225 22.42 6.63 -21.65
C GLY D 225 21.20 5.84 -21.20
N VAL D 226 21.39 4.54 -20.98
CA VAL D 226 20.36 3.62 -20.50
C VAL D 226 20.40 3.50 -18.95
N GLY D 227 19.26 3.73 -18.31
CA GLY D 227 19.17 3.76 -16.84
C GLY D 227 18.87 2.41 -16.20
N LYS D 228 18.35 1.47 -17.00
CA LYS D 228 18.04 0.12 -16.54
C LYS D 228 18.10 -0.85 -17.72
N ILE D 229 18.59 -2.06 -17.44
CA ILE D 229 18.64 -3.13 -18.44
C ILE D 229 17.84 -4.27 -17.86
N ALA D 230 16.89 -4.77 -18.65
CA ALA D 230 16.09 -5.94 -18.25
C ALA D 230 16.41 -7.04 -19.23
N PHE D 231 16.73 -8.22 -18.69
CA PHE D 231 17.18 -9.35 -19.51
C PHE D 231 16.47 -10.64 -19.09
N THR D 232 16.00 -11.41 -20.08
CA THR D 232 15.50 -12.77 -19.84
C THR D 232 16.30 -13.72 -20.75
N GLY D 233 16.80 -14.80 -20.18
CA GLY D 233 17.61 -15.77 -20.90
C GLY D 233 18.42 -16.60 -19.93
N SER D 234 19.59 -17.04 -20.34
CA SER D 234 20.37 -17.99 -19.56
C SER D 234 21.07 -17.30 -18.39
N THR D 235 21.34 -18.10 -17.35
CA THR D 235 22.07 -17.66 -16.20
C THR D 235 23.44 -17.13 -16.68
N ALA D 236 24.07 -17.83 -17.62
CA ALA D 236 25.40 -17.37 -18.11
C ALA D 236 25.40 -16.00 -18.75
N THR D 237 24.42 -15.76 -19.61
CA THR D 237 24.30 -14.45 -20.23
C THR D 237 23.91 -13.38 -19.22
N GLY D 238 23.12 -13.78 -18.22
CA GLY D 238 22.78 -12.90 -17.11
C GLY D 238 24.01 -12.32 -16.46
N ARG D 239 25.01 -13.18 -16.24
CA ARG D 239 26.28 -12.70 -15.67
C ARG D 239 26.91 -11.63 -16.55
N ARG D 240 26.79 -11.78 -17.87
CA ARG D 240 27.42 -10.81 -18.76
C ARG D 240 26.66 -9.50 -18.79
N ILE D 241 25.35 -9.55 -18.56
CA ILE D 241 24.54 -8.34 -18.41
C ILE D 241 25.01 -7.56 -17.18
N VAL D 242 25.21 -8.29 -16.08
CA VAL D 242 25.65 -7.67 -14.83
C VAL D 242 27.00 -7.01 -15.06
N GLU D 243 27.92 -7.75 -15.69
CA GLU D 243 29.23 -7.21 -16.05
CA GLU D 243 29.23 -7.21 -16.04
C GLU D 243 29.10 -5.91 -16.84
N ALA D 244 28.22 -5.91 -17.85
CA ALA D 244 28.05 -4.74 -18.71
C ALA D 244 27.50 -3.52 -17.96
N SER D 245 26.69 -3.78 -16.94
CA SER D 245 26.05 -2.72 -16.12
C SER D 245 27.02 -1.88 -15.31
N GLN D 246 28.25 -2.35 -15.13
CA GLN D 246 29.24 -1.64 -14.33
C GLN D 246 29.57 -0.25 -14.84
N GLY D 247 29.57 -0.11 -16.16
CA GLY D 247 29.94 1.15 -16.81
C GLY D 247 29.29 2.37 -16.22
N ASN D 248 27.95 2.35 -16.16
CA ASN D 248 27.21 3.46 -15.61
C ASN D 248 26.33 3.08 -14.42
N LEU D 249 26.56 1.91 -13.85
CA LEU D 249 25.80 1.43 -12.71
C LEU D 249 24.29 1.45 -12.96
N LYS D 250 23.89 1.22 -14.21
CA LYS D 250 22.48 1.04 -14.50
C LYS D 250 21.87 -0.08 -13.66
N ARG D 251 20.58 0.11 -13.38
CA ARG D 251 19.83 -0.90 -12.69
C ARG D 251 19.69 -2.13 -13.59
N VAL D 252 19.47 -3.27 -12.95
CA VAL D 252 19.43 -4.53 -13.65
C VAL D 252 18.24 -5.36 -13.18
N GLN D 253 17.55 -5.98 -14.12
CA GLN D 253 16.53 -6.97 -13.82
C GLN D 253 16.86 -8.23 -14.62
N LEU D 254 16.74 -9.39 -13.97
CA LEU D 254 17.18 -10.66 -14.58
C LEU D 254 16.17 -11.77 -14.30
N GLU D 255 15.71 -12.42 -15.38
CA GLU D 255 14.96 -13.67 -15.29
CA GLU D 255 14.96 -13.66 -15.29
C GLU D 255 15.75 -14.71 -16.05
N LEU D 256 16.28 -15.67 -15.30
N LEU D 256 16.29 -15.68 -15.30
CA LEU D 256 17.30 -16.56 -15.83
CA LEU D 256 17.41 -16.51 -15.77
C LEU D 256 16.79 -18.00 -15.83
C LEU D 256 17.18 -18.02 -15.78
N GLY D 257 17.66 -18.98 -15.61
N GLY D 257 16.01 -18.44 -16.21
CA GLY D 257 17.28 -20.38 -15.74
CA GLY D 257 15.79 -19.87 -16.35
C GLY D 257 16.21 -20.83 -14.74
C GLY D 257 15.57 -20.58 -15.03
N GLY D 258 15.50 -21.91 -15.12
CA GLY D 258 14.75 -22.66 -14.14
C GLY D 258 14.92 -24.12 -14.38
N LYS D 259 14.62 -24.89 -13.36
CA LYS D 259 14.57 -26.35 -13.49
C LYS D 259 13.43 -26.78 -12.59
N GLY D 260 12.23 -26.39 -12.97
CA GLY D 260 11.06 -26.46 -12.09
C GLY D 260 10.67 -27.88 -11.66
N ALA D 261 10.52 -28.07 -10.33
CA ALA D 261 9.96 -29.28 -9.78
C ALA D 261 8.44 -29.28 -9.94
N ASN D 262 7.88 -30.44 -10.31
CA ASN D 262 6.46 -30.62 -10.36
C ASN D 262 6.18 -31.85 -9.53
N ILE D 263 5.75 -31.63 -8.28
CA ILE D 263 5.72 -32.69 -7.32
C ILE D 263 4.31 -33.31 -7.17
N VAL D 264 4.22 -34.63 -7.32
CA VAL D 264 2.93 -35.32 -7.19
C VAL D 264 2.88 -36.19 -5.97
N PHE D 265 2.12 -35.78 -4.97
CA PHE D 265 2.00 -36.57 -3.74
C PHE D 265 0.99 -37.70 -3.95
N ASP D 266 0.99 -38.66 -3.02
CA ASP D 266 0.15 -39.86 -3.16
C ASP D 266 -1.37 -39.62 -3.00
N ASP D 267 -1.77 -38.46 -2.51
CA ASP D 267 -3.17 -38.11 -2.37
C ASP D 267 -3.60 -37.14 -3.48
N ALA D 268 -2.75 -36.96 -4.50
CA ALA D 268 -3.09 -36.09 -5.62
C ALA D 268 -4.25 -36.68 -6.43
N ASN D 269 -5.02 -35.81 -7.07
CA ASN D 269 -5.97 -36.21 -8.10
C ASN D 269 -5.14 -36.59 -9.33
N LEU D 270 -5.07 -37.89 -9.63
CA LEU D 270 -4.12 -38.34 -10.65
C LEU D 270 -4.51 -37.82 -12.04
N ASP D 271 -5.81 -37.83 -12.36
N ASP D 271 -5.79 -37.80 -12.36
CA ASP D 271 -6.32 -37.31 -13.61
CA ASP D 271 -6.22 -37.34 -13.67
C ASP D 271 -5.76 -35.91 -13.84
C ASP D 271 -5.79 -35.88 -13.88
N ALA D 272 -6.03 -35.05 -12.89
CA ALA D 272 -5.64 -33.65 -12.96
C ALA D 272 -4.11 -33.50 -13.04
N ALA D 273 -3.39 -34.27 -12.23
CA ALA D 273 -1.94 -34.15 -12.15
C ALA D 273 -1.22 -34.68 -13.41
N ILE D 274 -1.74 -35.76 -13.98
CA ILE D 274 -1.20 -36.30 -15.22
C ILE D 274 -1.36 -35.26 -16.35
N ASN D 275 -2.57 -34.70 -16.50
CA ASN D 275 -2.77 -33.66 -17.49
C ASN D 275 -1.93 -32.41 -17.20
N GLY D 276 -1.83 -32.06 -15.93
CA GLY D 276 -1.03 -30.90 -15.51
C GLY D 276 0.44 -31.07 -15.82
N ALA D 277 0.96 -32.29 -15.63
CA ALA D 277 2.38 -32.58 -15.91
C ALA D 277 2.67 -32.46 -17.39
N ALA D 278 1.75 -32.94 -18.22
CA ALA D 278 1.96 -32.89 -19.64
C ALA D 278 1.92 -31.44 -20.14
N TRP D 279 0.98 -30.69 -19.61
CA TRP D 279 0.91 -29.26 -19.88
C TRP D 279 2.19 -28.58 -19.46
N ALA D 280 2.70 -28.91 -18.28
CA ALA D 280 3.77 -28.20 -17.67
C ALA D 280 5.04 -28.32 -18.47
N ILE D 281 5.26 -29.47 -19.12
CA ILE D 281 6.50 -29.68 -19.83
C ILE D 281 6.35 -29.63 -21.34
N PHE D 282 5.21 -30.02 -21.90
CA PHE D 282 5.17 -30.17 -23.35
C PHE D 282 4.57 -28.94 -24.01
N HIS D 283 3.83 -28.13 -23.27
CA HIS D 283 3.38 -26.88 -23.83
C HIS D 283 4.61 -26.01 -24.23
N ASN D 284 4.48 -25.35 -25.38
CA ASN D 284 5.57 -24.55 -25.93
C ASN D 284 6.80 -25.36 -26.24
N GLN D 285 6.63 -26.66 -26.48
CA GLN D 285 7.74 -27.55 -26.78
C GLN D 285 8.76 -27.56 -25.64
N GLY D 286 8.30 -27.27 -24.42
CA GLY D 286 9.17 -27.17 -23.25
C GLY D 286 10.08 -25.95 -23.25
N GLN D 287 9.88 -25.03 -24.18
CA GLN D 287 10.73 -23.82 -24.27
C GLN D 287 10.12 -22.74 -23.39
N ALA D 288 10.21 -22.99 -22.08
CA ALA D 288 9.64 -22.10 -21.09
C ALA D 288 10.52 -22.19 -19.86
N CYS D 289 10.92 -21.05 -19.35
N CYS D 289 10.94 -21.04 -19.36
CA CYS D 289 11.80 -21.00 -18.18
CA CYS D 289 11.77 -20.97 -18.15
C CYS D 289 11.13 -21.60 -16.94
C CYS D 289 11.12 -21.65 -16.96
N ILE D 290 9.79 -21.59 -16.90
CA ILE D 290 9.00 -22.20 -15.83
C ILE D 290 8.46 -23.60 -16.16
N ALA D 291 8.96 -24.24 -17.20
CA ALA D 291 8.52 -25.61 -17.52
C ALA D 291 8.71 -26.55 -16.33
N GLY D 292 7.77 -27.49 -16.18
CA GLY D 292 7.86 -28.50 -15.13
C GLY D 292 8.79 -29.62 -15.55
N SER D 293 10.09 -29.33 -15.57
CA SER D 293 11.08 -30.24 -16.17
C SER D 293 11.56 -31.35 -15.23
N ARG D 294 11.18 -31.28 -13.96
CA ARG D 294 11.44 -32.36 -13.04
C ARG D 294 10.13 -32.85 -12.48
N LEU D 295 9.78 -34.08 -12.82
CA LEU D 295 8.52 -34.67 -12.37
C LEU D 295 8.87 -35.54 -11.18
N VAL D 296 8.41 -35.15 -9.99
CA VAL D 296 8.86 -35.75 -8.74
C VAL D 296 7.65 -36.48 -8.14
N LEU D 297 7.71 -37.83 -8.20
CA LEU D 297 6.53 -38.66 -8.00
C LEU D 297 6.61 -39.46 -6.74
N HIS D 298 5.56 -39.42 -5.97
CA HIS D 298 5.52 -40.23 -4.79
C HIS D 298 5.57 -41.70 -5.20
N GLU D 299 6.41 -42.46 -4.50
CA GLU D 299 6.65 -43.88 -4.81
C GLU D 299 5.37 -44.75 -4.91
N ARG D 300 4.38 -44.42 -4.09
N ARG D 300 4.35 -44.46 -4.10
CA ARG D 300 3.10 -45.13 -4.06
CA ARG D 300 3.11 -45.26 -4.11
C ARG D 300 2.32 -45.04 -5.36
C ARG D 300 2.24 -45.02 -5.35
N ILE D 301 2.36 -43.86 -6.00
CA ILE D 301 1.59 -43.62 -7.23
C ILE D 301 2.44 -43.55 -8.50
N ALA D 302 3.75 -43.71 -8.37
CA ALA D 302 4.65 -43.43 -9.49
C ALA D 302 4.40 -44.35 -10.66
N ASP D 303 4.24 -45.65 -10.40
CA ASP D 303 4.09 -46.58 -11.50
C ASP D 303 2.83 -46.30 -12.32
N ALA D 304 1.71 -46.14 -11.62
CA ALA D 304 0.44 -45.85 -12.24
C ALA D 304 0.44 -44.51 -12.94
N PHE D 305 1.06 -43.51 -12.32
CA PHE D 305 1.17 -42.19 -12.96
C PHE D 305 1.94 -42.30 -14.29
N LEU D 306 3.09 -42.92 -14.23
CA LEU D 306 3.97 -43.02 -15.40
C LEU D 306 3.36 -43.82 -16.53
N GLU D 307 2.64 -44.89 -16.21
CA GLU D 307 1.97 -45.66 -17.27
C GLU D 307 1.07 -44.74 -18.11
N ARG D 308 0.27 -43.96 -17.42
CA ARG D 308 -0.69 -43.07 -18.07
C ARG D 308 -0.05 -41.82 -18.71
N PHE D 309 0.95 -41.26 -18.04
CA PHE D 309 1.66 -40.07 -18.49
C PHE D 309 2.49 -40.37 -19.76
N VAL D 310 3.19 -41.50 -19.75
CA VAL D 310 3.92 -41.95 -20.94
C VAL D 310 2.96 -42.19 -22.13
N ALA D 311 1.82 -42.85 -21.89
CA ALA D 311 0.83 -43.05 -22.94
C ALA D 311 0.32 -41.72 -23.50
N LEU D 312 0.05 -40.75 -22.63
CA LEU D 312 -0.41 -39.45 -23.08
C LEU D 312 0.69 -38.75 -23.92
N ALA D 313 1.89 -38.67 -23.38
CA ALA D 313 3.03 -38.06 -24.10
C ALA D 313 3.25 -38.67 -25.49
N SER D 314 3.26 -40.01 -25.59
CA SER D 314 3.45 -40.72 -26.86
CA SER D 314 3.49 -40.67 -26.88
C SER D 314 2.36 -40.39 -27.88
N SER D 315 1.16 -40.04 -27.39
CA SER D 315 0.02 -39.74 -28.26
C SER D 315 -0.01 -38.30 -28.78
N ILE D 316 0.81 -37.42 -28.21
CA ILE D 316 0.77 -36.01 -28.58
C ILE D 316 0.99 -35.87 -30.08
N ARG D 317 0.11 -35.09 -30.72
CA ARG D 317 0.20 -34.90 -32.17
C ARG D 317 1.24 -33.85 -32.53
N ILE D 318 2.36 -34.33 -33.08
CA ILE D 318 3.48 -33.45 -33.50
C ILE D 318 3.28 -33.11 -34.96
N GLY D 319 3.36 -31.85 -35.32
CA GLY D 319 3.28 -31.54 -36.73
C GLY D 319 3.39 -30.07 -37.07
N ASN D 320 3.09 -29.79 -38.33
CA ASN D 320 3.10 -28.44 -38.83
C ASN D 320 2.38 -27.49 -37.89
N PRO D 321 3.07 -26.46 -37.40
CA PRO D 321 2.46 -25.44 -36.53
C PRO D 321 1.18 -24.82 -37.09
N LEU D 322 1.10 -24.69 -38.40
CA LEU D 322 -0.07 -24.05 -39.03
C LEU D 322 -1.34 -24.92 -39.18
N ASP D 323 -1.22 -26.21 -38.85
CA ASP D 323 -2.37 -27.08 -38.79
C ASP D 323 -2.99 -26.91 -37.40
N PRO D 324 -4.27 -26.51 -37.34
CA PRO D 324 -4.90 -26.41 -36.00
C PRO D 324 -5.04 -27.73 -35.22
N ASN D 325 -4.84 -28.86 -35.88
N ASN D 325 -4.83 -28.85 -35.91
CA ASN D 325 -4.83 -30.15 -35.19
CA ASN D 325 -4.83 -30.15 -35.26
C ASN D 325 -3.51 -30.45 -34.50
C ASN D 325 -3.51 -30.46 -34.53
N THR D 326 -2.47 -29.71 -34.86
CA THR D 326 -1.15 -29.89 -34.25
C THR D 326 -1.17 -29.58 -32.76
N GLU D 327 -0.67 -30.50 -31.96
CA GLU D 327 -0.57 -30.26 -30.50
C GLU D 327 0.83 -29.83 -30.04
N MET D 328 1.86 -30.25 -30.78
CA MET D 328 3.27 -29.90 -30.48
CA MET D 328 3.22 -29.83 -30.49
C MET D 328 3.98 -29.59 -31.80
N GLY D 329 4.66 -28.46 -31.84
CA GLY D 329 5.43 -28.03 -32.99
C GLY D 329 6.88 -28.42 -32.88
N PRO D 330 7.69 -27.92 -33.80
CA PRO D 330 9.14 -28.11 -33.79
C PRO D 330 9.74 -27.17 -32.75
N LEU D 331 10.98 -27.41 -32.38
CA LEU D 331 11.75 -26.45 -31.59
C LEU D 331 12.12 -25.27 -32.49
N THR D 332 12.45 -24.17 -31.86
CA THR D 332 12.58 -22.91 -32.59
C THR D 332 13.84 -22.84 -33.47
N SER D 333 14.87 -23.61 -33.16
CA SER D 333 16.04 -23.64 -34.05
C SER D 333 16.71 -24.98 -34.12
N LYS D 334 17.50 -25.17 -35.17
CA LYS D 334 18.29 -26.39 -35.37
C LYS D 334 19.27 -26.60 -34.24
N GLN D 335 19.99 -25.55 -33.88
CA GLN D 335 20.99 -25.67 -32.81
C GLN D 335 20.36 -26.11 -31.51
N HIS D 336 19.18 -25.59 -31.24
CA HIS D 336 18.46 -25.96 -30.04
C HIS D 336 17.99 -27.41 -30.07
N LEU D 337 17.53 -27.88 -31.20
CA LEU D 337 17.20 -29.30 -31.35
C LEU D 337 18.39 -30.21 -30.99
N ASP D 338 19.56 -29.87 -31.52
CA ASP D 338 20.74 -30.70 -31.26
C ASP D 338 21.11 -30.68 -29.79
N ARG D 339 20.98 -29.51 -29.16
CA ARG D 339 21.18 -29.34 -27.72
C ARG D 339 20.31 -30.35 -26.96
N VAL D 340 19.03 -30.40 -27.29
CA VAL D 340 18.07 -31.28 -26.60
C VAL D 340 18.38 -32.76 -26.82
N LEU D 341 18.59 -33.17 -28.06
CA LEU D 341 18.98 -34.55 -28.35
C LEU D 341 20.26 -34.98 -27.61
N SER D 342 21.20 -34.06 -27.42
CA SER D 342 22.47 -34.39 -26.80
C SER D 342 22.22 -34.82 -25.36
N TYR D 343 21.18 -34.27 -24.74
CA TYR D 343 20.89 -34.64 -23.35
C TYR D 343 20.32 -36.04 -23.20
N VAL D 344 19.84 -36.63 -24.30
CA VAL D 344 19.44 -38.05 -24.26
C VAL D 344 20.67 -38.92 -24.03
N ASP D 345 21.78 -38.60 -24.69
CA ASP D 345 23.04 -39.31 -24.49
C ASP D 345 23.60 -39.08 -23.09
N VAL D 346 23.48 -37.85 -22.61
CA VAL D 346 23.92 -37.53 -21.26
C VAL D 346 23.12 -38.41 -20.29
N ALA D 347 21.81 -38.46 -20.51
CA ALA D 347 20.96 -39.17 -19.60
C ALA D 347 21.30 -40.66 -19.55
N ARG D 348 21.47 -41.29 -20.70
CA ARG D 348 21.82 -42.70 -20.71
C ARG D 348 23.17 -43.02 -20.08
N GLU D 349 24.16 -42.15 -20.28
CA GLU D 349 25.50 -42.40 -19.73
C GLU D 349 25.46 -42.44 -18.19
N GLN D 350 24.55 -41.69 -17.57
CA GLN D 350 24.38 -41.72 -16.12
C GLN D 350 23.29 -42.75 -15.67
N GLY D 351 22.97 -43.71 -16.52
CA GLY D 351 22.04 -44.78 -16.19
C GLY D 351 20.57 -44.40 -16.17
N GLY D 352 20.20 -43.34 -16.87
CA GLY D 352 18.81 -42.91 -16.93
C GLY D 352 18.11 -43.73 -17.98
N ARG D 353 16.81 -43.93 -17.79
CA ARG D 353 16.02 -44.73 -18.70
C ARG D 353 15.13 -43.83 -19.53
N VAL D 354 15.14 -44.03 -20.84
CA VAL D 354 14.27 -43.26 -21.70
C VAL D 354 12.94 -44.02 -21.79
N LEU D 355 11.88 -43.44 -21.21
CA LEU D 355 10.56 -44.08 -21.21
C LEU D 355 9.78 -43.83 -22.51
N THR D 356 10.03 -42.71 -23.16
CA THR D 356 9.50 -42.46 -24.49
C THR D 356 10.24 -41.31 -25.13
N GLY D 357 10.15 -41.24 -26.46
CA GLY D 357 10.76 -40.17 -27.25
C GLY D 357 12.26 -40.25 -27.30
N GLY D 358 12.91 -39.08 -27.30
CA GLY D 358 14.36 -38.99 -27.35
C GLY D 358 14.93 -39.00 -28.75
N SER D 359 14.09 -38.82 -29.77
CA SER D 359 14.55 -38.80 -31.16
C SER D 359 13.55 -37.99 -32.00
N ALA D 360 13.90 -37.73 -33.26
CA ALA D 360 13.00 -37.02 -34.16
C ALA D 360 11.85 -37.92 -34.56
N PRO D 361 10.67 -37.33 -34.86
CA PRO D 361 9.59 -38.16 -35.34
C PRO D 361 9.90 -38.74 -36.71
N GLN D 362 9.15 -39.77 -37.10
CA GLN D 362 9.36 -40.45 -38.39
C GLN D 362 8.80 -39.70 -39.59
N ASP D 363 7.64 -39.07 -39.39
CA ASP D 363 6.90 -38.47 -40.48
C ASP D 363 7.83 -37.69 -41.45
N PRO D 364 7.95 -38.19 -42.68
CA PRO D 364 8.74 -37.55 -43.75
C PRO D 364 8.39 -36.08 -44.01
N ALA D 365 7.15 -35.69 -43.80
CA ALA D 365 6.75 -34.30 -43.98
C ALA D 365 7.43 -33.38 -42.95
N LEU D 366 7.95 -33.94 -41.87
CA LEU D 366 8.65 -33.16 -40.82
C LEU D 366 10.18 -33.20 -40.90
N ALA D 367 10.70 -33.85 -41.94
CA ALA D 367 12.14 -34.15 -42.05
C ALA D 367 13.03 -32.91 -42.11
N ASN D 368 12.51 -31.80 -42.57
CA ASN D 368 13.31 -30.57 -42.63
C ASN D 368 13.06 -29.58 -41.50
N GLY D 369 12.22 -29.94 -40.52
CA GLY D 369 11.97 -29.12 -39.35
C GLY D 369 12.75 -29.56 -38.15
N TYR D 370 12.71 -28.72 -37.11
CA TYR D 370 13.48 -28.97 -35.90
C TYR D 370 12.67 -29.76 -34.85
N TYR D 371 12.18 -30.93 -35.26
CA TYR D 371 11.24 -31.69 -34.46
C TYR D 371 11.90 -32.74 -33.58
N VAL D 372 11.40 -32.85 -32.35
CA VAL D 372 11.74 -33.94 -31.45
C VAL D 372 10.48 -34.42 -30.73
N ARG D 373 10.42 -35.71 -30.48
CA ARG D 373 9.30 -36.28 -29.78
CA ARG D 373 9.32 -36.33 -29.76
C ARG D 373 9.30 -35.87 -28.31
N PRO D 374 8.10 -35.78 -27.68
CA PRO D 374 8.07 -35.63 -26.23
C PRO D 374 8.90 -36.71 -25.57
N THR D 375 9.79 -36.27 -24.69
CA THR D 375 10.80 -37.13 -24.09
C THR D 375 10.66 -37.19 -22.58
N ILE D 376 10.59 -38.42 -22.08
CA ILE D 376 10.50 -38.68 -20.64
C ILE D 376 11.68 -39.57 -20.26
N VAL D 377 12.50 -39.12 -19.31
CA VAL D 377 13.60 -39.89 -18.82
C VAL D 377 13.46 -40.05 -17.32
N GLU D 378 13.66 -41.27 -16.81
CA GLU D 378 13.74 -41.47 -15.36
C GLU D 378 15.20 -41.55 -14.96
N ALA D 379 15.57 -40.67 -14.05
CA ALA D 379 16.92 -40.57 -13.56
C ALA D 379 17.06 -41.30 -12.22
N LYS D 380 18.24 -41.79 -11.92
CA LYS D 380 18.53 -42.43 -10.66
C LYS D 380 18.66 -41.48 -9.47
N HIS D 381 19.23 -40.30 -9.70
CA HIS D 381 19.53 -39.35 -8.59
C HIS D 381 19.22 -37.90 -8.97
N ALA D 382 18.76 -37.13 -7.99
CA ALA D 382 18.53 -35.70 -8.19
C ALA D 382 19.79 -34.89 -8.55
N THR D 383 20.97 -35.46 -8.27
CA THR D 383 22.24 -34.86 -8.63
C THR D 383 22.67 -35.17 -10.08
N ASP D 384 21.92 -36.02 -10.78
CA ASP D 384 22.26 -36.34 -12.17
C ASP D 384 22.16 -35.09 -13.07
N ARG D 385 22.93 -35.10 -14.15
CA ARG D 385 23.03 -33.93 -15.06
C ARG D 385 21.66 -33.49 -15.61
N VAL D 386 20.83 -34.44 -16.04
CA VAL D 386 19.55 -34.06 -16.61
C VAL D 386 18.53 -33.66 -15.56
N ALA D 387 18.86 -33.89 -14.28
CA ALA D 387 18.05 -33.44 -13.15
C ALA D 387 18.55 -32.09 -12.63
N GLN D 388 19.65 -31.60 -13.20
CA GLN D 388 20.30 -30.37 -12.76
C GLN D 388 20.36 -29.26 -13.84
N GLU D 389 20.58 -29.64 -15.09
CA GLU D 389 20.88 -28.70 -16.14
C GLU D 389 19.62 -28.38 -16.98
N GLU D 390 19.47 -27.12 -17.39
CA GLU D 390 18.25 -26.73 -18.12
C GLU D 390 18.36 -27.21 -19.56
N VAL D 391 17.46 -28.10 -19.95
CA VAL D 391 17.38 -28.64 -21.30
C VAL D 391 16.56 -27.70 -22.23
N PHE D 392 15.51 -27.09 -21.70
CA PHE D 392 14.69 -26.14 -22.46
C PHE D 392 14.02 -26.75 -23.67
N GLY D 393 13.57 -27.98 -23.53
CA GLY D 393 12.85 -28.65 -24.58
C GLY D 393 11.81 -29.56 -23.95
N PRO D 394 11.12 -30.36 -24.80
CA PRO D 394 9.99 -31.18 -24.33
C PRO D 394 10.56 -32.44 -23.71
N PHE D 395 11.16 -32.28 -22.53
CA PHE D 395 12.06 -33.27 -21.96
C PHE D 395 11.90 -33.18 -20.46
N VAL D 396 11.34 -34.23 -19.88
CA VAL D 396 11.06 -34.24 -18.46
C VAL D 396 11.86 -35.38 -17.81
N THR D 397 12.48 -35.05 -16.68
CA THR D 397 13.25 -35.97 -15.87
C THR D 397 12.42 -36.39 -14.64
N VAL D 398 12.23 -37.70 -14.47
CA VAL D 398 11.45 -38.30 -13.38
C VAL D 398 12.32 -38.74 -12.23
N LEU D 399 11.90 -38.39 -11.02
CA LEU D 399 12.51 -38.80 -9.77
C LEU D 399 11.40 -39.27 -8.86
N ARG D 400 11.71 -40.15 -7.92
CA ARG D 400 10.70 -40.64 -7.00
C ARG D 400 11.06 -40.29 -5.60
N PHE D 401 10.06 -40.23 -4.74
CA PHE D 401 10.28 -39.99 -3.32
C PHE D 401 9.28 -40.69 -2.38
N GLY D 402 9.63 -40.70 -1.10
CA GLY D 402 8.78 -41.25 -0.04
C GLY D 402 8.13 -40.17 0.82
N SER D 403 8.94 -39.52 1.65
CA SER D 403 8.47 -38.57 2.60
C SER D 403 8.37 -37.15 2.02
N ASP D 404 7.58 -36.29 2.65
CA ASP D 404 7.59 -34.86 2.30
C ASP D 404 8.98 -34.25 2.41
N ASP D 405 9.78 -34.65 3.41
CA ASP D 405 11.12 -34.11 3.51
C ASP D 405 12.01 -34.45 2.27
N GLU D 406 11.84 -35.66 1.76
N GLU D 406 11.85 -35.66 1.74
CA GLU D 406 12.57 -36.11 0.58
CA GLU D 406 12.65 -36.04 0.57
C GLU D 406 12.14 -35.27 -0.61
C GLU D 406 12.15 -35.29 -0.66
N ALA D 407 10.83 -35.06 -0.75
CA ALA D 407 10.30 -34.28 -1.89
C ALA D 407 10.84 -32.85 -1.88
N LEU D 408 10.85 -32.24 -0.70
CA LEU D 408 11.42 -30.92 -0.55
C LEU D 408 12.93 -30.88 -0.84
N ALA D 409 13.66 -31.85 -0.33
CA ALA D 409 15.11 -31.90 -0.62
C ALA D 409 15.36 -32.01 -2.12
N ILE D 410 14.61 -32.88 -2.79
CA ILE D 410 14.73 -32.95 -4.25
C ILE D 410 14.40 -31.59 -4.85
N ALA D 411 13.28 -31.00 -4.42
CA ALA D 411 12.85 -29.74 -5.04
C ALA D 411 13.95 -28.68 -4.98
N ASN D 412 14.65 -28.63 -3.86
CA ASN D 412 15.68 -27.59 -3.63
C ASN D 412 17.10 -28.01 -4.00
N ALA D 413 17.21 -29.12 -4.72
CA ALA D 413 18.51 -29.73 -4.99
C ALA D 413 19.29 -29.08 -6.13
N THR D 414 18.67 -28.14 -6.86
CA THR D 414 19.34 -27.57 -8.02
C THR D 414 19.89 -26.18 -7.72
N GLU D 415 20.59 -25.63 -8.71
CA GLU D 415 21.07 -24.24 -8.67
C GLU D 415 20.01 -23.18 -9.03
N TYR D 416 18.79 -23.62 -9.34
CA TYR D 416 17.73 -22.74 -9.80
C TYR D 416 16.61 -22.57 -8.79
N GLY D 417 15.83 -21.52 -8.99
CA GLY D 417 14.70 -21.19 -8.11
C GLY D 417 13.75 -20.25 -8.82
N LEU D 418 13.11 -20.71 -9.89
CA LEU D 418 12.18 -19.87 -10.63
C LEU D 418 10.71 -20.23 -10.30
N GLY D 419 10.16 -21.25 -10.95
CA GLY D 419 8.85 -21.80 -10.60
C GLY D 419 8.94 -23.17 -9.92
N SER D 420 7.81 -23.62 -9.42
CA SER D 420 7.73 -24.89 -8.75
C SER D 420 6.25 -25.23 -8.66
N GLY D 421 5.91 -26.45 -8.30
CA GLY D 421 4.53 -26.74 -8.04
C GLY D 421 4.34 -28.13 -7.49
N LEU D 422 3.12 -28.39 -7.00
CA LEU D 422 2.85 -29.65 -6.35
C LEU D 422 1.38 -29.95 -6.42
N TRP D 423 1.06 -31.25 -6.36
CA TRP D 423 -0.27 -31.77 -6.45
C TRP D 423 -0.54 -32.60 -5.20
N THR D 424 -1.50 -32.12 -4.39
CA THR D 424 -1.89 -32.77 -3.14
C THR D 424 -3.24 -32.18 -2.73
N ASN D 425 -3.96 -32.90 -1.88
CA ASN D 425 -5.21 -32.41 -1.33
C ASN D 425 -5.17 -32.23 0.19
N ASP D 426 -3.98 -32.34 0.75
CA ASP D 426 -3.78 -32.07 2.15
C ASP D 426 -3.47 -30.58 2.36
N LEU D 427 -4.31 -29.94 3.18
CA LEU D 427 -4.27 -28.49 3.41
C LEU D 427 -2.91 -28.03 3.92
N SER D 428 -2.47 -28.62 5.03
CA SER D 428 -1.22 -28.17 5.67
C SER D 428 -0.02 -28.39 4.75
N ARG D 429 0.04 -29.57 4.14
CA ARG D 429 1.16 -29.87 3.26
C ARG D 429 1.30 -28.81 2.16
N ALA D 430 0.17 -28.47 1.51
CA ALA D 430 0.20 -27.54 0.40
C ALA D 430 0.91 -26.24 0.78
N HIS D 431 0.48 -25.64 1.90
CA HIS D 431 1.04 -24.34 2.28
C HIS D 431 2.44 -24.46 2.84
N ARG D 432 2.72 -25.56 3.56
CA ARG D 432 4.02 -25.74 4.19
C ARG D 432 5.07 -25.95 3.10
N MET D 433 4.76 -26.81 2.13
CA MET D 433 5.65 -27.06 1.00
C MET D 433 5.88 -25.79 0.19
N ALA D 434 4.81 -25.07 -0.12
CA ALA D 434 4.91 -23.83 -0.92
C ALA D 434 5.85 -22.82 -0.25
N ALA D 435 5.85 -22.76 1.08
CA ALA D 435 6.69 -21.79 1.78
C ALA D 435 8.12 -22.25 1.76
N ARG D 436 8.36 -23.56 1.70
CA ARG D 436 9.72 -24.10 1.89
C ARG D 436 10.47 -24.36 0.58
N ILE D 437 9.76 -24.47 -0.54
CA ILE D 437 10.42 -24.61 -1.82
C ILE D 437 11.08 -23.30 -2.23
N ASP D 438 12.33 -23.39 -2.73
CA ASP D 438 13.14 -22.23 -3.18
C ASP D 438 12.65 -21.83 -4.58
N ALA D 439 11.78 -20.84 -4.65
CA ALA D 439 11.21 -20.46 -5.94
C ALA D 439 10.51 -19.17 -5.71
N GLY D 440 10.36 -18.39 -6.76
CA GLY D 440 9.56 -17.18 -6.72
C GLY D 440 8.07 -17.42 -6.86
N MET D 441 7.72 -18.60 -7.38
CA MET D 441 6.34 -18.99 -7.66
CA MET D 441 6.35 -18.97 -7.67
C MET D 441 6.15 -20.46 -7.37
N CYS D 442 5.02 -20.78 -6.76
CA CYS D 442 4.62 -22.14 -6.48
C CYS D 442 3.16 -22.37 -6.79
N TRP D 443 2.88 -23.33 -7.68
CA TRP D 443 1.55 -23.65 -8.11
C TRP D 443 1.08 -24.93 -7.45
N ILE D 444 -0.07 -24.87 -6.79
CA ILE D 444 -0.68 -26.03 -6.13
C ILE D 444 -1.89 -26.47 -6.93
N ASN D 445 -1.87 -27.73 -7.33
CA ASN D 445 -2.93 -28.34 -8.15
C ASN D 445 -3.19 -27.60 -9.48
N CYS D 446 -2.11 -27.01 -9.99
CA CYS D 446 -2.10 -26.32 -11.29
C CYS D 446 -0.63 -26.10 -11.64
N TYR D 447 -0.35 -25.54 -12.79
CA TYR D 447 1.04 -25.20 -13.15
C TYR D 447 1.05 -24.14 -14.24
N LYS D 448 2.07 -23.30 -14.20
CA LYS D 448 2.26 -22.22 -15.19
C LYS D 448 1.07 -21.28 -15.27
N ARG D 449 0.46 -20.99 -14.13
CA ARG D 449 -0.59 -19.99 -14.10
C ARG D 449 0.11 -18.64 -14.07
N VAL D 450 -0.22 -17.79 -15.03
CA VAL D 450 0.39 -16.46 -15.10
C VAL D 450 -0.74 -15.43 -15.21
N ASN D 451 -0.53 -14.27 -14.62
CA ASN D 451 -1.51 -13.20 -14.59
C ASN D 451 -0.77 -11.88 -14.52
N PRO D 452 -1.26 -10.87 -15.26
CA PRO D 452 -0.47 -9.64 -15.35
C PRO D 452 -0.35 -8.83 -14.06
N GLY D 453 -1.14 -9.17 -13.02
CA GLY D 453 -0.99 -8.62 -11.67
C GLY D 453 -0.20 -9.47 -10.67
N SER D 454 0.21 -10.68 -11.08
CA SER D 454 0.84 -11.65 -10.19
C SER D 454 2.36 -11.72 -10.43
N PRO D 455 3.15 -11.28 -9.42
CA PRO D 455 4.59 -11.13 -9.63
C PRO D 455 5.30 -12.40 -10.08
N PHE D 456 6.11 -12.23 -11.11
CA PHE D 456 6.73 -13.34 -11.81
C PHE D 456 8.24 -13.12 -11.84
N GLY D 457 8.95 -14.07 -11.24
CA GLY D 457 10.39 -14.06 -11.31
C GLY D 457 10.97 -15.01 -10.30
N GLY D 458 12.28 -14.94 -10.13
CA GLY D 458 13.04 -15.98 -9.45
C GLY D 458 13.81 -15.52 -8.24
N VAL D 459 14.47 -16.49 -7.63
CA VAL D 459 15.37 -16.24 -6.51
C VAL D 459 16.73 -16.86 -6.85
N GLY D 460 17.75 -16.52 -6.07
CA GLY D 460 19.11 -17.07 -6.30
C GLY D 460 19.58 -16.84 -7.72
N LYS D 461 20.13 -17.89 -8.32
CA LYS D 461 20.69 -17.83 -9.68
C LYS D 461 19.63 -17.74 -10.78
N SER D 462 18.36 -17.81 -10.41
CA SER D 462 17.26 -17.57 -11.36
C SER D 462 16.98 -16.05 -11.55
N GLY D 463 17.70 -15.22 -10.80
CA GLY D 463 17.71 -13.78 -11.06
C GLY D 463 17.00 -12.97 -9.99
N TYR D 464 16.63 -11.75 -10.34
CA TYR D 464 15.99 -10.83 -9.43
C TYR D 464 15.19 -9.81 -10.17
N GLY D 465 14.25 -9.20 -9.45
CA GLY D 465 13.26 -8.35 -10.04
C GLY D 465 12.02 -9.17 -10.36
N ARG D 466 10.91 -8.47 -10.61
CA ARG D 466 9.65 -9.13 -10.95
C ARG D 466 8.98 -8.47 -12.14
N GLU D 467 8.46 -9.29 -13.03
CA GLU D 467 7.49 -8.80 -14.01
C GLU D 467 6.14 -8.90 -13.32
N MET D 468 5.19 -8.17 -13.87
CA MET D 468 3.79 -8.14 -13.47
C MET D 468 3.54 -7.28 -12.27
N GLY D 469 2.29 -6.80 -12.18
CA GLY D 469 1.77 -6.18 -10.98
C GLY D 469 2.36 -4.85 -10.56
N PHE D 470 2.05 -4.47 -9.33
CA PHE D 470 2.69 -3.33 -8.69
C PHE D 470 4.20 -3.56 -8.52
N GLU D 471 4.62 -4.81 -8.37
CA GLU D 471 6.04 -5.12 -8.25
C GLU D 471 6.81 -4.61 -9.46
N ALA D 472 6.30 -4.87 -10.67
CA ALA D 472 6.93 -4.39 -11.91
C ALA D 472 6.98 -2.86 -11.95
N MET D 473 5.92 -2.22 -11.51
CA MET D 473 5.86 -0.77 -11.48
C MET D 473 6.88 -0.21 -10.51
N HIS D 474 7.07 -0.85 -9.38
CA HIS D 474 8.10 -0.43 -8.44
C HIS D 474 9.49 -0.55 -9.08
N ASP D 475 9.73 -1.64 -9.78
CA ASP D 475 11.03 -1.89 -10.39
C ASP D 475 11.30 -1.00 -11.61
N TYR D 476 10.26 -0.36 -12.15
CA TYR D 476 10.42 0.58 -13.26
C TYR D 476 10.30 2.03 -12.86
N THR D 477 10.34 2.30 -11.55
CA THR D 477 10.37 3.65 -11.05
C THR D 477 11.46 3.79 -9.98
N GLU D 478 11.69 5.03 -9.54
CA GLU D 478 12.64 5.32 -8.46
C GLU D 478 11.98 6.28 -7.48
N ALA D 479 12.37 6.18 -6.22
CA ALA D 479 11.82 7.07 -5.20
C ALA D 479 12.45 8.44 -5.37
N ARG D 480 11.60 9.47 -5.43
CA ARG D 480 12.06 10.86 -5.41
C ARG D 480 11.48 11.52 -4.16
N SER D 481 12.30 11.69 -3.14
CA SER D 481 11.83 12.22 -1.85
C SER D 481 12.05 13.76 -1.80
N VAL D 482 11.00 14.51 -1.53
CA VAL D 482 11.06 15.97 -1.42
C VAL D 482 10.62 16.37 -0.02
N TRP D 483 11.40 17.27 0.58
CA TRP D 483 11.11 17.79 1.90
C TRP D 483 10.82 19.27 1.80
N VAL D 484 9.74 19.71 2.43
CA VAL D 484 9.49 21.14 2.58
C VAL D 484 9.53 21.48 4.04
N ASN D 485 10.44 22.35 4.40
CA ASN D 485 10.47 22.87 5.78
C ASN D 485 9.47 24.01 5.89
N VAL D 486 8.27 23.69 6.34
CA VAL D 486 7.19 24.68 6.42
C VAL D 486 7.33 25.49 7.69
N ASP D 487 7.49 24.79 8.81
CA ASP D 487 7.60 25.41 10.14
C ASP D 487 8.49 24.62 11.07
N GLY D 488 9.54 24.02 10.54
CA GLY D 488 10.41 23.20 11.35
C GLY D 488 11.19 23.93 12.42
N ASN D 489 11.44 25.23 12.27
CA ASN D 489 12.12 25.96 13.34
C ASN D 489 13.43 25.28 13.80
N VAL D 490 14.28 24.95 12.83
CA VAL D 490 15.58 24.29 13.08
C VAL D 490 16.59 25.24 13.71
N PRO D 491 17.07 24.94 14.93
CA PRO D 491 18.07 25.86 15.51
C PRO D 491 19.38 25.82 14.75
N PRO D 492 20.10 26.94 14.73
CA PRO D 492 21.42 26.93 14.11
C PRO D 492 22.31 25.89 14.75
N HIS D 493 23.09 25.19 13.91
CA HIS D 493 24.02 24.18 14.36
C HIS D 493 25.24 24.82 15.01
N PHE D 494 25.69 25.94 14.44
CA PHE D 494 26.75 26.77 15.01
C PHE D 494 26.12 28.03 15.63
N LYS D 495 25.92 27.96 16.93
CA LYS D 495 25.18 28.99 17.67
C LYS D 495 25.98 30.26 17.85
N ARG D 496 25.41 31.37 17.41
CA ARG D 496 26.08 32.66 17.50
C ARG D 496 25.15 33.72 18.09
P AMP E . -24.85 -3.21 25.79
O1P AMP E . -24.60 -3.63 24.38
O2P AMP E . -26.07 -2.28 25.92
O3P AMP E . -24.77 -4.39 26.78
O5' AMP E . -23.59 -2.26 26.29
C5' AMP E . -22.17 -2.32 25.99
C4' AMP E . -21.56 -0.96 26.44
O4' AMP E . -22.42 0.10 25.97
C3' AMP E . -21.43 -0.70 27.95
O3' AMP E . -20.22 0.03 28.34
C2' AMP E . -22.73 0.07 28.26
O2' AMP E . -22.73 0.85 29.48
C1' AMP E . -22.93 0.93 27.02
N9 AMP E . -24.35 1.37 26.75
C8 AMP E . -25.51 0.82 27.21
N7 AMP E . -26.59 1.53 26.78
C5 AMP E . -26.15 2.57 26.01
C6 AMP E . -26.74 3.71 25.24
N6 AMP E . -28.06 3.91 25.17
N1 AMP E . -25.93 4.56 24.58
C2 AMP E . -24.60 4.39 24.63
N3 AMP E . -23.99 3.39 25.32
C4 AMP E . -24.68 2.46 26.02
N NO3 F . -11.14 -13.89 22.51
O1 NO3 F . -10.74 -12.82 22.03
O2 NO3 F . -10.28 -14.77 23.15
O3 NO3 F . -12.48 -14.26 22.43
C1 EDO G . 5.09 19.05 -11.37
O1 EDO G . 6.17 20.00 -11.27
C2 EDO G . 4.47 18.61 -10.04
O2 EDO G . 5.20 19.10 -8.88
C1 GOL H . -9.18 -34.89 22.82
O1 GOL H . -8.37 -35.88 22.15
C2 GOL H . -8.65 -34.80 24.24
O2 GOL H . -7.37 -34.15 24.21
C3 GOL H . -9.61 -34.04 25.18
O3 GOL H . -8.96 -33.84 26.46
N NO3 I . -6.45 17.69 -12.33
O1 NO3 I . -5.59 18.56 -12.16
O2 NO3 I . -6.03 16.41 -12.69
O3 NO3 I . -7.82 17.99 -12.19
P AMP J . 35.58 2.84 -0.45
O1P AMP J . 36.53 2.04 -1.36
O2P AMP J . 34.41 3.41 -1.18
O3P AMP J . 36.27 3.83 0.50
O5' AMP J . 34.96 1.72 0.59
C5' AMP J . 33.96 1.89 1.65
C4' AMP J . 33.86 0.52 2.38
O4' AMP J . 34.14 -0.50 1.41
C3' AMP J . 34.86 0.21 3.50
O3' AMP J . 34.31 -0.58 4.60
C2' AMP J . 36.00 -0.53 2.79
O2' AMP J . 36.84 -1.36 3.62
C1' AMP J . 35.24 -1.33 1.75
N9 AMP J . 36.01 -1.75 0.52
C8 AMP J . 37.12 -1.17 -0.03
N7 AMP J . 37.54 -1.88 -1.12
C5 AMP J . 36.68 -2.94 -1.32
C6 AMP J . 36.48 -4.08 -2.27
N6 AMP J . 37.32 -4.29 -3.30
N1 AMP J . 35.45 -4.95 -2.11
C2 AMP J . 34.60 -4.78 -1.09
N3 AMP J . 34.73 -3.80 -0.18
C4 AMP J . 35.69 -2.84 -0.22
N NO3 K . 23.99 13.43 7.68
O1 NO3 K . 23.30 12.41 7.70
O2 NO3 K . 24.84 13.63 6.62
O3 NO3 K . 23.96 14.36 8.72
C1 GOL L . 23.45 34.22 9.92
O1 GOL L . 22.28 35.06 9.89
C2 GOL L . 23.95 34.13 11.35
O2 GOL L . 22.90 33.60 12.18
C3 GOL L . 25.22 33.28 11.39
O3 GOL L . 25.74 33.23 12.74
N NO3 M . -4.91 -17.35 -13.60
O1 NO3 M . -5.34 -18.29 -12.95
O2 NO3 M . -3.92 -17.56 -14.56
O3 NO3 M . -5.43 -16.07 -13.36
N NO3 N . -1.96 -15.73 15.99
O1 NO3 N . -1.93 -16.85 15.52
O2 NO3 N . -1.00 -14.79 15.61
O3 NO3 N . -2.99 -15.42 16.89
P AMP O . -31.87 16.59 -0.71
O1P AMP O . -32.89 16.40 0.39
O2P AMP O . -30.43 16.61 -0.35
O3P AMP O . -32.23 17.76 -1.62
O5' AMP O . -32.04 15.25 -1.63
C5' AMP O . -31.12 15.03 -2.72
C4' AMP O . -31.32 13.67 -3.40
O4' AMP O . -31.79 12.72 -2.46
C3' AMP O . -32.39 13.70 -4.46
O3' AMP O . -32.11 12.75 -5.49
C2' AMP O . -33.67 13.36 -3.71
O2' AMP O . -34.71 12.80 -4.52
C1' AMP O . -33.16 12.40 -2.66
N9 AMP O . -33.91 12.53 -1.40
C8 AMP O . -34.58 13.64 -1.01
N7 AMP O . -35.21 13.42 0.18
C5 AMP O . -34.93 12.15 0.56
C6 AMP O . -35.25 11.28 1.71
N6 AMP O . -36.03 11.75 2.72
N1 AMP O . -34.78 10.03 1.72
C2 AMP O . -34.00 9.56 0.73
N3 AMP O . -33.68 10.28 -0.35
C4 AMP O . -34.08 11.57 -0.48
N NO3 P . -17.31 20.77 -9.98
O1 NO3 P . -17.18 19.55 -9.88
O2 NO3 P . -16.86 21.41 -11.11
O3 NO3 P . -17.90 21.48 -8.95
C1 EDO Q . -14.74 40.82 8.01
O1 EDO Q . -14.40 39.60 7.33
C2 EDO Q . -15.55 41.72 7.07
O2 EDO Q . -14.87 41.91 5.83
C1 EDO R . -16.36 34.31 12.91
O1 EDO R . -16.81 33.35 13.91
C2 EDO R . -14.95 34.84 13.19
O2 EDO R . -13.98 34.42 12.20
C1 EDO S . 2.81 -20.18 6.73
O1 EDO S . 2.21 -20.61 5.50
C2 EDO S . 3.97 -21.08 7.17
O2 EDO S . 4.03 -22.35 6.48
C1 EDO T . -11.30 19.56 -13.56
O1 EDO T . -10.34 19.10 -12.59
C2 EDO T . -11.92 20.91 -13.22
O2 EDO T . -10.99 21.84 -12.65
C1 GOL U . -8.51 39.02 -15.00
O1 GOL U . -7.25 39.68 -15.11
C2 GOL U . -9.22 39.09 -16.35
O2 GOL U . -8.68 38.01 -17.12
C3 GOL U . -10.74 39.00 -16.15
O3 GOL U . -11.45 38.99 -17.42
N NO3 V . 13.01 15.24 9.94
O1 NO3 V . 12.68 16.40 9.75
O2 NO3 V . 14.35 14.87 9.75
O3 NO3 V . 12.05 14.29 10.32
P AMP W . 20.40 -16.28 -23.56
O1P AMP W . 21.73 -16.74 -24.11
O2P AMP W . 20.57 -15.73 -22.19
O3P AMP W . 19.19 -17.17 -23.68
O5' AMP W . 20.02 -15.00 -24.52
C5' AMP W . 18.65 -14.66 -24.80
C4' AMP W . 18.47 -13.25 -25.41
O4' AMP W . 19.56 -12.41 -25.10
C3' AMP W . 18.40 -13.23 -26.92
O3' AMP W . 17.41 -12.30 -27.35
C2' AMP W . 19.78 -12.79 -27.40
O2' AMP W . 19.72 -11.96 -28.56
C1' AMP W . 20.29 -11.96 -26.24
N9 AMP W . 21.74 -12.12 -25.97
C8 AMP W . 22.47 -13.23 -26.13
N7 AMP W . 23.76 -13.00 -25.78
C5 AMP W . 23.86 -11.71 -25.38
C6 AMP W . 24.92 -10.81 -24.87
N6 AMP W . 26.20 -11.25 -24.71
N1 AMP W . 24.62 -9.55 -24.56
C2 AMP W . 23.37 -9.10 -24.72
N3 AMP W . 22.35 -9.83 -25.19
C4 AMP W . 22.53 -11.14 -25.51
N NO3 X . 4.11 -20.26 -20.01
O1 NO3 X . 4.17 -19.05 -19.83
O2 NO3 X . 5.25 -21.03 -19.86
O3 NO3 X . 2.92 -20.85 -20.38
C1 EDO Y . 15.60 -40.67 -6.50
O1 EDO Y . 14.75 -39.50 -6.49
C2 EDO Y . 15.23 -41.57 -7.67
O2 EDO Y . 13.82 -41.82 -7.76
C1 EDO Z . 20.40 -34.18 -4.05
O1 EDO Z . 21.33 -33.30 -3.37
C2 EDO Z . 19.68 -35.17 -3.13
O2 EDO Z . 18.37 -34.70 -2.75
C1 EDO AA . 2.97 20.94 8.27
O1 EDO AA . 2.28 22.17 7.94
C2 EDO AA . 3.03 19.98 7.07
O2 EDO AA . 2.52 20.58 5.87
C1 EDO BA . -2.94 -19.11 -17.93
O1 EDO BA . -2.34 -18.63 -16.70
C2 EDO BA . -2.59 -20.55 -18.32
O2 EDO BA . -1.78 -21.22 -17.33
C1 GOL CA . -4.91 -38.47 -19.90
O1 GOL CA . -5.64 -38.47 -21.15
C2 GOL CA . -5.76 -38.19 -18.65
O2 GOL CA . -7.06 -37.60 -18.90
C3 GOL CA . -5.96 -39.48 -17.90
O3 GOL CA . -6.50 -39.24 -16.59
#